data_9KBH
#
_entry.id   9KBH
#
_cell.length_a   1.00
_cell.length_b   1.00
_cell.length_c   1.00
_cell.angle_alpha   90.00
_cell.angle_beta   90.00
_cell.angle_gamma   90.00
#
_symmetry.space_group_name_H-M   'P 1'
#
loop_
_entity.id
_entity.type
_entity.pdbx_description
1 polymer 'Non-structural protein 1'
2 polymer 'DNA (67-MER)'
3 non-polymer 'PHOSPHOAMINOPHOSPHONIC ACID-ADENYLATE ESTER'
4 non-polymer 'MAGNESIUM ION'
#
loop_
_entity_poly.entity_id
_entity_poly.type
_entity_poly.pdbx_seq_one_letter_code
_entity_poly.pdbx_strand_id
1 'polypeptide(L)'
;ELFRGVLQVSSNVLDCANDNWWCSLLDLDTSDWEPLTHTNRLMAIYLSSVASKLDFTGGPLAGCLYFFQVECNKFEEGYH
IHVVIGGPGLNPRNLTVCVEGLFNNVLYHLVTGNVKLKFLPGMTTKGKYFRDGEQFIENYLMKKIPLNVVWCVTNIDGYI
DTCISATFRRGACHAKKPRMTTAINDTSSDAGEPSGTGAEVVPFNGKGTKASIKFQTMVNWLCENRVFTEDKWKLVDFNQ
YTLLSSSHSGSFQIQSALKLAIYKATNLVPTSTFLLHADFEQVMCIKDNKIVKLLLCQNYDPLLVGQHVLKWIDKKCGKK
NTLWFYGPPSTGKTNLAMAIAKSVPVYGMVNWNNENFPFNDVAGKSLVVWDEGIIKSTIVEAAKAILGGQPTRVDQKMRG
SVAVPGVPVVITSNGDITFVVSGNTTTTVHAKALKERMVKLNFTVRCSPDMGLLTEADVQQWLTWCNAQSWDHYENWAIN
YTFDFPGINADALHPDLQTTPIVTDTSISSSGGESSEELSESSFFNLITPGACNTETPRSSTPIPGTSSGESLVGSPVSS
EVVAASWEE
;
A,B,C,D,E,F
2 'polydeoxyribonucleotide'
;(DT)(DG)(DT)(DA)(DC)(DC)(DG)(DG)(DA)(DA)(DG)(DT)(DC)(DC)(DC)(DG)(DC)(DC)(DT)(DA)
(DC)(DC)(DG)(DG)(DC)(DG)(DG)(DC)(DG)(DA)(DC)(DC)(DG)(DG)(DC)(DG)(DG)(DC)(DA)(DT)
(DC)(DT)(DG)(DA)(DT)(DT)(DT)(DG)(DG)(DT)(DG)(DT)(DC)(DT)(DT)(DC)(DT)(DT)(DT)(DT)
(DA)(DA)(DA)(DT)(DT)(DT)(DT)
;
H
#
loop_
_chem_comp.id
_chem_comp.type
_chem_comp.name
_chem_comp.formula
ANP non-polymer 'PHOSPHOAMINOPHOSPHONIC ACID-ADENYLATE ESTER' 'C10 H17 N6 O12 P3'
DA DNA linking 2'-DEOXYADENOSINE-5'-MONOPHOSPHATE 'C10 H14 N5 O6 P'
DC DNA linking 2'-DEOXYCYTIDINE-5'-MONOPHOSPHATE 'C9 H14 N3 O7 P'
DG DNA linking 2'-DEOXYGUANOSINE-5'-MONOPHOSPHATE 'C10 H14 N5 O7 P'
DT DNA linking THYMIDINE-5'-MONOPHOSPHATE 'C10 H15 N2 O8 P'
MG non-polymer 'MAGNESIUM ION' 'Mg 2'
#
# COMPACT_ATOMS: atom_id res chain seq x y z
N VAL A 201 -40.62 9.58 -11.52
CA VAL A 201 -39.63 8.52 -11.35
C VAL A 201 -39.69 7.55 -12.53
N VAL A 202 -40.00 8.07 -13.70
CA VAL A 202 -40.05 7.23 -14.90
C VAL A 202 -38.64 6.71 -15.20
N PRO A 203 -38.49 5.43 -15.54
CA PRO A 203 -37.14 4.93 -15.86
C PRO A 203 -36.58 5.58 -17.12
N PHE A 204 -35.25 5.62 -17.18
CA PHE A 204 -34.57 6.16 -18.34
C PHE A 204 -34.82 5.27 -19.56
N ASN A 205 -34.51 5.82 -20.74
CA ASN A 205 -34.71 5.06 -21.98
C ASN A 205 -33.86 3.79 -21.98
N GLY A 206 -32.55 3.95 -22.01
CA GLY A 206 -31.64 2.83 -21.85
C GLY A 206 -31.53 1.93 -23.06
N LYS A 207 -32.61 1.20 -23.36
CA LYS A 207 -32.62 0.21 -24.44
C LYS A 207 -31.53 -0.84 -24.22
N GLY A 208 -30.38 -0.64 -24.85
CA GLY A 208 -29.24 -1.52 -24.65
C GLY A 208 -29.03 -2.44 -25.84
N THR A 209 -27.79 -2.92 -25.97
CA THR A 209 -27.40 -3.79 -27.06
C THR A 209 -27.68 -5.24 -26.70
N LYS A 210 -27.19 -6.18 -27.50
CA LYS A 210 -27.41 -7.59 -27.21
C LYS A 210 -26.68 -8.02 -25.94
N ALA A 211 -25.48 -7.48 -25.71
CA ALA A 211 -24.70 -7.87 -24.53
C ALA A 211 -25.42 -7.50 -23.25
N SER A 212 -26.04 -6.32 -23.21
CA SER A 212 -26.77 -5.91 -22.02
C SER A 212 -27.93 -6.85 -21.73
N ILE A 213 -28.68 -7.23 -22.77
CA ILE A 213 -29.81 -8.13 -22.59
C ILE A 213 -29.33 -9.49 -22.11
N LYS A 214 -28.24 -9.99 -22.68
CA LYS A 214 -27.70 -11.27 -22.26
C LYS A 214 -27.26 -11.22 -20.80
N PHE A 215 -26.59 -10.14 -20.40
CA PHE A 215 -26.16 -10.01 -19.02
C PHE A 215 -27.35 -9.96 -18.06
N GLN A 216 -28.39 -9.21 -18.44
CA GLN A 216 -29.58 -9.13 -17.59
C GLN A 216 -30.25 -10.49 -17.45
N THR A 217 -30.33 -11.24 -18.55
CA THR A 217 -30.91 -12.58 -18.50
C THR A 217 -30.07 -13.49 -17.61
N MET A 218 -28.75 -13.38 -17.69
CA MET A 218 -27.89 -14.19 -16.83
C MET A 218 -28.10 -13.84 -15.36
N VAL A 219 -28.26 -12.55 -15.05
CA VAL A 219 -28.52 -12.15 -13.67
C VAL A 219 -29.84 -12.73 -13.19
N ASN A 220 -30.87 -12.68 -14.03
CA ASN A 220 -32.15 -13.25 -13.65
C ASN A 220 -32.05 -14.76 -13.44
N TRP A 221 -31.30 -15.44 -14.30
CA TRP A 221 -31.13 -16.89 -14.15
C TRP A 221 -30.41 -17.22 -12.84
N LEU A 222 -29.39 -16.44 -12.49
CA LEU A 222 -28.69 -16.67 -11.23
C LEU A 222 -29.62 -16.42 -10.04
N CYS A 223 -30.42 -15.35 -10.10
CA CYS A 223 -31.27 -15.02 -8.96
C CYS A 223 -32.38 -16.06 -8.77
N GLU A 224 -32.98 -16.53 -9.87
CA GLU A 224 -34.10 -17.44 -9.75
C GLU A 224 -33.68 -18.86 -9.36
N ASN A 225 -32.40 -19.19 -9.48
CA ASN A 225 -31.91 -20.52 -9.16
C ASN A 225 -31.20 -20.59 -7.82
N ARG A 226 -31.30 -19.54 -7.00
CA ARG A 226 -30.69 -19.51 -5.67
C ARG A 226 -29.19 -19.79 -5.73
N VAL A 227 -28.52 -19.19 -6.71
CA VAL A 227 -27.07 -19.27 -6.84
C VAL A 227 -26.49 -17.93 -6.40
N PHE A 228 -25.64 -17.96 -5.36
CA PHE A 228 -25.13 -16.72 -4.80
C PHE A 228 -23.64 -16.76 -4.51
N THR A 229 -22.95 -17.87 -4.73
CA THR A 229 -21.52 -17.95 -4.51
C THR A 229 -20.86 -18.63 -5.70
N GLU A 230 -19.56 -18.39 -5.84
CA GLU A 230 -18.84 -18.87 -7.01
C GLU A 230 -18.81 -20.39 -7.08
N ASP A 231 -18.63 -21.04 -5.92
CA ASP A 231 -18.59 -22.51 -5.90
C ASP A 231 -19.93 -23.09 -6.31
N LYS A 232 -21.04 -22.50 -5.86
CA LYS A 232 -22.35 -22.98 -6.28
C LYS A 232 -22.53 -22.81 -7.78
N TRP A 233 -22.01 -21.72 -8.34
CA TRP A 233 -22.07 -21.55 -9.78
C TRP A 233 -21.27 -22.65 -10.48
N LYS A 234 -20.09 -22.99 -9.95
CA LYS A 234 -19.29 -24.05 -10.56
C LYS A 234 -20.02 -25.39 -10.53
N LEU A 235 -20.64 -25.72 -9.39
CA LEU A 235 -21.35 -27.00 -9.30
C LEU A 235 -22.57 -27.02 -10.19
N VAL A 236 -23.36 -25.95 -10.18
CA VAL A 236 -24.64 -25.95 -10.89
C VAL A 236 -24.41 -25.99 -12.40
N ASP A 237 -23.53 -25.14 -12.90
CA ASP A 237 -23.26 -25.04 -14.33
C ASP A 237 -21.79 -24.77 -14.57
N PHE A 238 -21.10 -25.72 -15.19
CA PHE A 238 -19.68 -25.57 -15.47
C PHE A 238 -19.38 -25.03 -16.85
N ASN A 239 -20.21 -25.36 -17.85
CA ASN A 239 -19.96 -24.86 -19.21
C ASN A 239 -20.05 -23.34 -19.26
N GLN A 240 -21.06 -22.77 -18.62
CA GLN A 240 -21.21 -21.31 -18.63
C GLN A 240 -20.03 -20.65 -17.95
N TYR A 241 -19.60 -21.19 -16.81
CA TYR A 241 -18.47 -20.61 -16.09
C TYR A 241 -17.20 -20.69 -16.93
N THR A 242 -16.94 -21.83 -17.56
CA THR A 242 -15.75 -21.98 -18.37
C THR A 242 -15.77 -21.03 -19.56
N LEU A 243 -16.93 -20.89 -20.21
CA LEU A 243 -17.04 -19.96 -21.33
C LEU A 243 -16.81 -18.53 -20.88
N LEU A 244 -17.33 -18.15 -19.71
CA LEU A 244 -17.21 -16.77 -19.28
C LEU A 244 -15.81 -16.44 -18.80
N SER A 245 -15.09 -17.38 -18.20
CA SER A 245 -13.78 -17.09 -17.64
C SER A 245 -12.66 -17.20 -18.66
N SER A 246 -12.95 -17.08 -19.95
CA SER A 246 -11.95 -17.20 -21.00
C SER A 246 -11.39 -15.85 -21.45
N SER A 247 -11.84 -14.75 -20.84
CA SER A 247 -11.38 -13.43 -21.26
C SER A 247 -11.57 -12.45 -20.10
N HIS A 248 -10.88 -11.32 -20.20
CA HIS A 248 -11.00 -10.29 -19.17
C HIS A 248 -12.42 -9.74 -19.11
N SER A 249 -13.01 -9.46 -20.27
CA SER A 249 -14.37 -8.92 -20.29
C SER A 249 -15.36 -9.90 -19.70
N GLY A 250 -15.23 -11.19 -20.04
CA GLY A 250 -16.10 -12.19 -19.44
C GLY A 250 -15.86 -12.36 -17.95
N SER A 251 -14.59 -12.33 -17.53
CA SER A 251 -14.27 -12.51 -16.12
C SER A 251 -14.78 -11.34 -15.28
N PHE A 252 -14.84 -10.14 -15.85
CA PHE A 252 -15.35 -9.00 -15.09
C PHE A 252 -16.84 -9.16 -14.80
N GLN A 253 -17.59 -9.78 -15.70
CA GLN A 253 -19.04 -9.88 -15.54
C GLN A 253 -19.43 -10.79 -14.39
N ILE A 254 -18.57 -11.72 -13.98
CA ILE A 254 -18.96 -12.71 -12.97
C ILE A 254 -19.26 -12.02 -11.64
N GLN A 255 -18.34 -11.17 -11.18
CA GLN A 255 -18.55 -10.48 -9.90
C GLN A 255 -19.75 -9.54 -9.97
N SER A 256 -19.88 -8.82 -11.08
CA SER A 256 -20.99 -7.88 -11.21
C SER A 256 -22.34 -8.61 -11.16
N ALA A 257 -22.45 -9.70 -11.92
CA ALA A 257 -23.70 -10.46 -11.91
C ALA A 257 -23.98 -11.05 -10.53
N LEU A 258 -22.95 -11.58 -9.88
CA LEU A 258 -23.16 -12.18 -8.56
C LEU A 258 -23.66 -11.14 -7.56
N LYS A 259 -23.01 -9.98 -7.50
CA LYS A 259 -23.43 -8.98 -6.53
C LYS A 259 -24.80 -8.40 -6.87
N LEU A 260 -25.10 -8.23 -8.16
CA LEU A 260 -26.42 -7.73 -8.54
C LEU A 260 -27.51 -8.72 -8.14
N ALA A 261 -27.29 -10.01 -8.39
CA ALA A 261 -28.27 -11.02 -8.00
C ALA A 261 -28.44 -11.06 -6.50
N ILE A 262 -27.34 -10.98 -5.74
CA ILE A 262 -27.43 -10.99 -4.30
C ILE A 262 -28.25 -9.81 -3.81
N TYR A 263 -27.98 -8.62 -4.35
CA TYR A 263 -28.72 -7.44 -3.91
C TYR A 263 -30.20 -7.56 -4.23
N LYS A 264 -30.53 -8.01 -5.44
CA LYS A 264 -31.95 -8.11 -5.81
C LYS A 264 -32.67 -9.11 -4.92
N ALA A 265 -32.05 -10.27 -4.69
CA ALA A 265 -32.68 -11.29 -3.84
C ALA A 265 -32.87 -10.78 -2.42
N THR A 266 -31.87 -10.08 -1.88
CA THR A 266 -31.97 -9.59 -0.50
C THR A 266 -33.02 -8.49 -0.37
N ASN A 267 -33.01 -7.53 -1.28
CA ASN A 267 -33.87 -6.36 -1.13
C ASN A 267 -35.32 -6.69 -1.46
N LEU A 268 -35.54 -7.54 -2.47
CA LEU A 268 -36.91 -7.75 -2.95
C LEU A 268 -37.77 -8.41 -1.88
N VAL A 269 -37.25 -9.44 -1.21
CA VAL A 269 -38.03 -10.18 -0.22
C VAL A 269 -37.22 -10.32 1.07
N PRO A 270 -37.86 -10.45 2.23
CA PRO A 270 -37.13 -10.56 3.48
C PRO A 270 -36.45 -11.92 3.61
N THR A 271 -35.55 -12.01 4.60
CA THR A 271 -34.81 -13.25 4.83
C THR A 271 -35.72 -14.37 5.27
N SER A 272 -36.87 -14.04 5.86
CA SER A 272 -37.79 -15.08 6.31
C SER A 272 -38.29 -15.92 5.14
N THR A 273 -38.49 -15.29 3.98
CA THR A 273 -38.91 -16.03 2.80
C THR A 273 -37.86 -17.05 2.39
N PHE A 274 -36.57 -16.68 2.47
CA PHE A 274 -35.52 -17.64 2.17
C PHE A 274 -35.46 -18.74 3.22
N LEU A 275 -35.62 -18.40 4.49
CA LEU A 275 -35.57 -19.41 5.54
C LEU A 275 -36.77 -20.35 5.52
N LEU A 276 -37.87 -19.94 4.88
CA LEU A 276 -39.04 -20.80 4.77
C LEU A 276 -39.10 -21.58 3.47
N HIS A 277 -38.53 -21.05 2.40
CA HIS A 277 -38.53 -21.73 1.11
C HIS A 277 -37.48 -22.84 1.09
N CYS A 285 -40.95 -35.44 11.46
CA CYS A 285 -41.07 -35.27 12.91
C CYS A 285 -40.86 -33.82 13.30
N ILE A 286 -41.72 -33.32 14.20
CA ILE A 286 -41.62 -31.96 14.70
C ILE A 286 -40.96 -31.89 16.07
N LYS A 287 -41.18 -32.88 16.93
CA LYS A 287 -40.61 -32.89 18.28
C LYS A 287 -39.40 -33.81 18.38
N ASP A 288 -38.67 -34.02 17.28
CA ASP A 288 -37.50 -34.88 17.29
C ASP A 288 -36.30 -34.28 16.56
N ASN A 289 -36.38 -33.02 16.15
CA ASN A 289 -35.27 -32.39 15.46
C ASN A 289 -34.11 -32.15 16.41
N LYS A 290 -32.93 -31.92 15.84
CA LYS A 290 -31.75 -31.66 16.65
C LYS A 290 -31.87 -30.35 17.40
N ILE A 291 -32.44 -29.33 16.76
CA ILE A 291 -32.51 -28.00 17.36
C ILE A 291 -33.35 -28.03 18.62
N VAL A 292 -34.54 -28.63 18.54
CA VAL A 292 -35.46 -28.63 19.67
C VAL A 292 -34.88 -29.47 20.82
N LYS A 293 -34.23 -30.59 20.48
CA LYS A 293 -33.59 -31.41 21.51
C LYS A 293 -32.52 -30.62 22.24
N LEU A 294 -31.66 -29.93 21.49
CA LEU A 294 -30.60 -29.13 22.10
C LEU A 294 -31.17 -28.02 22.96
N LEU A 295 -32.20 -27.33 22.47
CA LEU A 295 -32.76 -26.20 23.19
C LEU A 295 -33.47 -26.62 24.46
N LEU A 296 -34.19 -27.75 24.42
CA LEU A 296 -34.80 -28.24 25.66
C LEU A 296 -33.74 -28.73 26.63
N CYS A 297 -32.64 -29.31 26.12
CA CYS A 297 -31.55 -29.71 26.99
C CYS A 297 -30.93 -28.51 27.68
N GLN A 298 -30.78 -27.39 26.97
CA GLN A 298 -30.21 -26.19 27.55
C GLN A 298 -31.23 -25.36 28.33
N ASN A 299 -32.41 -25.92 28.63
CA ASN A 299 -33.43 -25.28 29.45
C ASN A 299 -33.90 -23.96 28.83
N TYR A 300 -34.51 -24.08 27.65
CA TYR A 300 -35.12 -22.94 26.98
C TYR A 300 -36.29 -23.41 26.13
N ASP A 301 -37.28 -22.55 25.96
CA ASP A 301 -38.43 -22.87 25.13
C ASP A 301 -38.06 -22.69 23.67
N PRO A 302 -38.10 -23.75 22.86
CA PRO A 302 -37.75 -23.59 21.43
C PRO A 302 -38.64 -22.61 20.70
N LEU A 303 -39.94 -22.56 21.03
CA LEU A 303 -40.85 -21.70 20.29
C LEU A 303 -40.52 -20.22 20.50
N LEU A 304 -40.21 -19.84 21.74
CA LEU A 304 -39.94 -18.43 22.03
C LEU A 304 -38.69 -17.95 21.32
N VAL A 305 -37.61 -18.73 21.36
CA VAL A 305 -36.39 -18.33 20.67
C VAL A 305 -36.58 -18.41 19.15
N GLY A 306 -37.40 -19.34 18.67
CA GLY A 306 -37.70 -19.36 17.24
C GLY A 306 -38.41 -18.10 16.78
N GLN A 307 -39.39 -17.65 17.56
CA GLN A 307 -40.02 -16.38 17.26
C GLN A 307 -39.02 -15.24 17.36
N HIS A 308 -38.11 -15.30 18.34
CA HIS A 308 -37.11 -14.26 18.51
C HIS A 308 -36.19 -14.17 17.31
N VAL A 309 -35.72 -15.30 16.80
CA VAL A 309 -34.83 -15.28 15.63
C VAL A 309 -35.60 -14.85 14.39
N LEU A 310 -36.86 -15.27 14.26
CA LEU A 310 -37.66 -14.85 13.10
C LEU A 310 -37.86 -13.34 13.10
N LYS A 311 -38.03 -12.74 14.29
CA LYS A 311 -38.13 -11.29 14.37
C LYS A 311 -36.77 -10.62 14.18
N TRP A 312 -35.70 -11.28 14.62
CA TRP A 312 -34.38 -10.66 14.63
C TRP A 312 -33.79 -10.61 13.24
N ILE A 313 -34.06 -11.62 12.40
CA ILE A 313 -33.49 -11.62 11.06
C ILE A 313 -34.04 -10.46 10.24
N ASP A 314 -35.30 -10.10 10.46
CA ASP A 314 -35.96 -9.06 9.68
C ASP A 314 -35.81 -7.67 10.28
N LYS A 315 -34.89 -7.51 11.24
CA LYS A 315 -34.57 -6.21 11.83
C LYS A 315 -35.80 -5.56 12.47
N LYS A 316 -36.43 -6.31 13.37
CA LYS A 316 -37.66 -5.85 14.03
C LYS A 316 -37.59 -6.03 15.54
N CYS A 317 -36.38 -6.14 16.11
CA CYS A 317 -36.20 -6.36 17.53
C CYS A 317 -35.74 -5.08 18.23
N GLY A 318 -36.08 -3.92 17.67
CA GLY A 318 -35.73 -2.67 18.30
C GLY A 318 -34.23 -2.45 18.36
N LYS A 319 -33.81 -1.70 19.38
CA LYS A 319 -32.38 -1.41 19.56
C LYS A 319 -31.60 -2.68 19.87
N LYS A 320 -32.18 -3.57 20.68
CA LYS A 320 -31.48 -4.77 21.13
C LYS A 320 -31.67 -5.90 20.12
N ASN A 321 -31.07 -5.70 18.94
CA ASN A 321 -31.14 -6.66 17.84
C ASN A 321 -29.80 -7.37 17.74
N THR A 322 -29.63 -8.42 18.52
CA THR A 322 -28.40 -9.20 18.60
C THR A 322 -28.73 -10.52 19.28
N LEU A 323 -27.92 -11.54 19.01
CA LEU A 323 -28.01 -12.79 19.76
C LEU A 323 -26.66 -13.06 20.43
N TRP A 324 -26.62 -12.96 21.77
CA TRP A 324 -25.41 -13.21 22.52
C TRP A 324 -25.44 -14.63 23.08
N PHE A 325 -24.34 -15.36 22.90
CA PHE A 325 -24.20 -16.73 23.38
C PHE A 325 -23.03 -16.78 24.36
N TYR A 326 -23.36 -16.78 25.66
CA TYR A 326 -22.38 -16.87 26.73
C TYR A 326 -22.55 -18.20 27.44
N GLY A 327 -21.46 -18.96 27.57
CA GLY A 327 -21.52 -20.24 28.21
C GLY A 327 -20.19 -20.98 28.22
N PRO A 328 -20.19 -22.18 28.81
CA PRO A 328 -18.96 -22.97 28.89
C PRO A 328 -18.53 -23.42 27.51
N PRO A 329 -17.22 -23.63 27.31
CA PRO A 329 -16.74 -24.00 25.98
C PRO A 329 -17.19 -25.40 25.57
N SER A 330 -17.25 -25.60 24.26
CA SER A 330 -17.60 -26.89 23.65
C SER A 330 -18.98 -27.37 24.08
N THR A 331 -19.94 -26.45 24.27
CA THR A 331 -21.32 -26.78 24.59
C THR A 331 -22.22 -26.05 23.59
N GLY A 332 -22.39 -26.63 22.40
CA GLY A 332 -23.32 -26.17 21.39
C GLY A 332 -23.48 -24.68 21.22
N LYS A 333 -22.39 -23.96 20.96
CA LYS A 333 -22.44 -22.51 20.78
C LYS A 333 -22.19 -22.09 19.34
N THR A 334 -21.03 -22.46 18.79
CA THR A 334 -20.72 -22.07 17.41
C THR A 334 -21.46 -22.91 16.39
N ASN A 335 -21.88 -24.13 16.76
CA ASN A 335 -22.52 -25.01 15.81
C ASN A 335 -23.85 -24.44 15.33
N LEU A 336 -24.69 -23.99 16.26
CA LEU A 336 -25.98 -23.42 15.89
C LEU A 336 -25.82 -22.13 15.11
N ALA A 337 -24.85 -21.29 15.51
CA ALA A 337 -24.61 -20.05 14.79
C ALA A 337 -24.18 -20.32 13.35
N MET A 338 -23.30 -21.30 13.15
CA MET A 338 -22.90 -21.65 11.79
C MET A 338 -24.04 -22.27 11.01
N ALA A 339 -24.89 -23.08 11.66
CA ALA A 339 -26.03 -23.66 10.96
C ALA A 339 -26.99 -22.58 10.49
N ILE A 340 -27.23 -21.57 11.33
CA ILE A 340 -28.08 -20.45 10.92
C ILE A 340 -27.41 -19.66 9.79
N ALA A 341 -26.11 -19.38 9.94
CA ALA A 341 -25.42 -18.51 9.01
C ALA A 341 -25.28 -19.11 7.62
N LYS A 342 -25.35 -20.43 7.50
CA LYS A 342 -25.21 -21.08 6.19
C LYS A 342 -26.51 -21.09 5.40
N SER A 343 -27.63 -20.66 5.99
CA SER A 343 -28.91 -20.72 5.32
C SER A 343 -29.27 -19.42 4.62
N VAL A 344 -28.77 -18.29 5.10
CA VAL A 344 -28.97 -17.00 4.44
C VAL A 344 -28.15 -17.00 3.17
N PRO A 345 -28.51 -16.19 2.16
CA PRO A 345 -27.74 -16.23 0.89
C PRO A 345 -26.27 -15.95 1.05
N VAL A 346 -25.90 -15.02 1.95
CA VAL A 346 -24.50 -14.71 2.18
C VAL A 346 -24.36 -14.18 3.60
N TYR A 347 -23.23 -14.48 4.22
CA TYR A 347 -22.97 -14.06 5.59
C TYR A 347 -21.54 -13.57 5.69
N GLY A 348 -21.31 -12.63 6.61
CA GLY A 348 -19.98 -12.09 6.83
C GLY A 348 -19.48 -12.37 8.23
N MET A 349 -18.16 -12.41 8.41
CA MET A 349 -17.55 -12.67 9.70
C MET A 349 -16.79 -11.43 10.16
N VAL A 350 -17.08 -10.99 11.38
CA VAL A 350 -16.45 -9.79 11.92
C VAL A 350 -15.09 -10.15 12.52
N ASN A 351 -14.09 -9.33 12.22
CA ASN A 351 -12.73 -9.54 12.68
C ASN A 351 -12.51 -8.69 13.93
N TRP A 352 -12.44 -9.32 15.08
CA TRP A 352 -12.23 -8.58 16.33
C TRP A 352 -10.80 -8.07 16.47
N ASN A 353 -9.90 -8.47 15.58
CA ASN A 353 -8.49 -8.16 15.70
C ASN A 353 -8.07 -7.08 14.72
N ASN A 354 -6.77 -6.81 14.66
CA ASN A 354 -6.10 -5.88 13.76
C ASN A 354 -6.35 -4.42 14.13
N GLU A 355 -7.30 -4.17 15.03
CA GLU A 355 -7.48 -2.88 15.69
C GLU A 355 -7.71 -1.72 14.72
N ASN A 356 -7.69 -2.00 13.42
CA ASN A 356 -7.78 -0.94 12.42
C ASN A 356 -8.69 -1.27 11.24
N PHE A 357 -8.93 -2.53 10.92
CA PHE A 357 -9.91 -2.92 9.92
C PHE A 357 -10.78 -4.03 10.49
N PRO A 358 -11.56 -3.74 11.52
CA PRO A 358 -12.37 -4.77 12.19
C PRO A 358 -13.76 -4.97 11.61
N PHE A 359 -14.09 -4.36 10.47
CA PHE A 359 -15.43 -4.46 9.93
C PHE A 359 -15.42 -4.59 8.41
N ASN A 360 -14.41 -5.25 7.85
CA ASN A 360 -14.47 -5.60 6.45
C ASN A 360 -15.58 -6.63 6.22
N ASP A 361 -15.87 -6.88 4.94
CA ASP A 361 -16.85 -7.83 4.43
C ASP A 361 -18.09 -7.90 5.32
N VAL A 362 -18.56 -6.76 5.78
CA VAL A 362 -19.82 -6.65 6.51
C VAL A 362 -20.92 -6.06 5.64
N ALA A 363 -20.61 -5.00 4.90
CA ALA A 363 -21.58 -4.41 4.00
C ALA A 363 -21.91 -5.36 2.87
N GLY A 364 -23.20 -5.45 2.54
CA GLY A 364 -23.71 -6.34 1.52
C GLY A 364 -24.18 -7.67 2.06
N LYS A 365 -23.57 -8.17 3.12
CA LYS A 365 -23.97 -9.44 3.70
C LYS A 365 -25.29 -9.27 4.46
N SER A 366 -25.99 -10.39 4.65
CA SER A 366 -27.29 -10.39 5.30
C SER A 366 -27.23 -10.79 6.77
N LEU A 367 -26.05 -11.09 7.30
CA LEU A 367 -25.91 -11.50 8.70
C LEU A 367 -24.42 -11.51 9.03
N VAL A 368 -24.09 -11.11 10.26
CA VAL A 368 -22.71 -11.10 10.72
C VAL A 368 -22.58 -11.98 11.95
N VAL A 369 -21.45 -12.69 12.02
CA VAL A 369 -21.19 -13.70 13.04
C VAL A 369 -19.89 -13.36 13.75
N TRP A 370 -19.91 -13.45 15.09
CA TRP A 370 -18.76 -13.18 15.93
C TRP A 370 -18.47 -14.40 16.80
N ASP A 371 -17.19 -14.76 16.89
CA ASP A 371 -16.77 -15.89 17.74
C ASP A 371 -15.67 -15.43 18.69
N GLU A 372 -15.82 -15.80 19.96
CA GLU A 372 -14.87 -15.44 21.01
C GLU A 372 -14.62 -13.95 21.02
N GLY A 373 -15.72 -13.19 21.08
CA GLY A 373 -15.66 -11.75 20.97
C GLY A 373 -14.88 -11.04 22.03
N ILE A 374 -13.98 -10.15 21.62
CA ILE A 374 -13.26 -9.24 22.50
C ILE A 374 -13.52 -7.84 22.01
N ILE A 375 -14.07 -6.99 22.88
CA ILE A 375 -14.46 -5.63 22.54
C ILE A 375 -13.62 -4.65 23.34
N LYS A 376 -12.98 -3.73 22.65
CA LYS A 376 -12.21 -2.65 23.27
C LYS A 376 -12.95 -1.33 23.04
N SER A 377 -12.50 -0.30 23.77
CA SER A 377 -13.15 1.01 23.66
C SER A 377 -13.09 1.55 22.24
N THR A 378 -12.06 1.17 21.48
CA THR A 378 -11.92 1.64 20.12
C THR A 378 -12.95 1.05 19.16
N ILE A 379 -13.74 0.08 19.61
CA ILE A 379 -14.82 -0.48 18.80
C ILE A 379 -16.10 -0.44 19.62
N VAL A 380 -15.98 -0.11 20.91
CA VAL A 380 -17.09 -0.29 21.85
C VAL A 380 -18.30 0.53 21.41
N GLU A 381 -18.09 1.79 21.07
CA GLU A 381 -19.20 2.65 20.65
C GLU A 381 -19.35 2.72 19.14
N ALA A 382 -18.28 2.48 18.39
CA ALA A 382 -18.41 2.42 16.93
C ALA A 382 -19.28 1.26 16.50
N ALA A 383 -19.11 0.10 17.14
CA ALA A 383 -19.90 -1.07 16.81
C ALA A 383 -21.31 -1.02 17.39
N LYS A 384 -21.63 0.01 18.18
CA LYS A 384 -22.95 0.08 18.79
C LYS A 384 -24.04 0.17 17.73
N ALA A 385 -23.82 0.97 16.69
CA ALA A 385 -24.82 1.09 15.62
C ALA A 385 -24.98 -0.22 14.87
N ILE A 386 -23.87 -0.91 14.60
CA ILE A 386 -23.94 -2.20 13.91
C ILE A 386 -24.71 -3.21 14.75
N LEU A 387 -24.43 -3.23 16.06
CA LEU A 387 -25.16 -4.12 16.96
C LEU A 387 -26.64 -3.77 16.99
N GLY A 388 -26.97 -2.48 16.98
CA GLY A 388 -28.36 -2.05 16.99
C GLY A 388 -29.01 -1.95 15.63
N GLY A 389 -28.26 -2.17 14.56
CA GLY A 389 -28.84 -2.12 13.22
C GLY A 389 -29.07 -0.72 12.69
N GLN A 390 -28.31 0.27 13.17
CA GLN A 390 -28.46 1.61 12.64
C GLN A 390 -27.62 1.78 11.38
N PRO A 391 -28.12 2.47 10.37
CA PRO A 391 -27.34 2.69 9.15
C PRO A 391 -26.16 3.62 9.42
N THR A 392 -25.00 3.26 8.86
CA THR A 392 -23.78 4.04 9.03
C THR A 392 -22.83 3.71 7.88
N ARG A 393 -21.63 4.29 7.93
CA ARG A 393 -20.62 4.10 6.90
C ARG A 393 -19.42 3.38 7.48
N VAL A 394 -18.94 2.36 6.78
CA VAL A 394 -17.82 1.55 7.21
C VAL A 394 -16.78 1.52 6.10
N ASP A 395 -15.53 1.78 6.44
CA ASP A 395 -14.46 1.85 5.46
C ASP A 395 -14.11 0.47 4.91
N GLN A 396 -13.41 0.48 3.78
CA GLN A 396 -12.91 -0.73 3.15
C GLN A 396 -11.46 -0.54 2.75
N LYS A 397 -10.72 -1.65 2.76
CA LYS A 397 -9.31 -1.60 2.36
C LYS A 397 -9.19 -1.14 0.91
N MET A 398 -8.27 -0.19 0.68
CA MET A 398 -8.07 0.43 -0.62
C MET A 398 -9.36 1.05 -1.16
N ARG A 399 -10.19 1.57 -0.26
CA ARG A 399 -11.45 2.20 -0.62
C ARG A 399 -11.81 3.21 0.45
N GLY A 400 -12.98 3.83 0.30
CA GLY A 400 -13.44 4.86 1.23
C GLY A 400 -14.93 4.66 1.49
N SER A 401 -15.25 4.06 2.64
CA SER A 401 -16.61 3.91 3.15
C SER A 401 -17.46 2.97 2.29
N VAL A 402 -18.45 2.33 2.91
CA VAL A 402 -19.32 1.41 2.19
C VAL A 402 -20.81 1.60 2.49
N ALA A 403 -21.17 2.37 3.51
CA ALA A 403 -22.56 2.64 3.85
C ALA A 403 -23.32 1.35 4.16
N VAL A 404 -22.91 0.71 5.24
CA VAL A 404 -23.60 -0.49 5.72
C VAL A 404 -24.95 -0.10 6.30
N PRO A 405 -26.06 -0.66 5.82
CA PRO A 405 -27.39 -0.24 6.27
C PRO A 405 -27.94 -0.98 7.48
N GLY A 406 -27.13 -1.73 8.21
CA GLY A 406 -27.63 -2.45 9.37
C GLY A 406 -27.99 -3.88 9.06
N VAL A 407 -27.41 -4.83 9.79
CA VAL A 407 -27.59 -6.25 9.52
C VAL A 407 -27.79 -6.98 10.84
N PRO A 408 -28.47 -8.13 10.80
CA PRO A 408 -28.55 -8.97 12.00
C PRO A 408 -27.17 -9.44 12.44
N VAL A 409 -27.01 -9.54 13.76
CA VAL A 409 -25.73 -9.86 14.38
C VAL A 409 -25.89 -10.94 15.43
N VAL A 410 -25.06 -11.97 15.33
CA VAL A 410 -25.00 -13.05 16.33
C VAL A 410 -23.55 -13.19 16.77
N ILE A 411 -23.35 -13.25 18.09
CA ILE A 411 -22.03 -13.32 18.69
C ILE A 411 -22.02 -14.42 19.74
N THR A 412 -20.97 -15.24 19.73
CA THR A 412 -20.73 -16.27 20.74
C THR A 412 -19.39 -16.00 21.40
N SER A 413 -19.36 -16.01 22.72
CA SER A 413 -18.13 -15.75 23.45
C SER A 413 -18.09 -16.58 24.72
N ASN A 414 -16.91 -17.11 25.03
CA ASN A 414 -16.73 -17.84 26.28
C ASN A 414 -16.66 -16.89 27.47
N GLY A 415 -15.94 -15.78 27.34
CA GLY A 415 -15.80 -14.81 28.39
C GLY A 415 -16.73 -13.63 28.21
N ASP A 416 -16.96 -12.92 29.31
CA ASP A 416 -17.87 -11.78 29.29
C ASP A 416 -17.28 -10.65 28.46
N ILE A 417 -18.13 -10.01 27.66
CA ILE A 417 -17.67 -9.01 26.70
C ILE A 417 -18.04 -7.58 27.11
N THR A 418 -18.95 -7.40 28.08
CA THR A 418 -19.36 -6.06 28.47
C THR A 418 -18.25 -5.27 29.13
N PHE A 419 -17.18 -5.92 29.57
CA PHE A 419 -16.03 -5.24 30.15
C PHE A 419 -14.99 -5.01 29.07
N VAL A 420 -14.61 -3.76 28.88
CA VAL A 420 -13.68 -3.38 27.81
C VAL A 420 -12.26 -3.73 28.25
N VAL A 421 -11.52 -4.41 27.36
CA VAL A 421 -10.12 -4.72 27.60
C VAL A 421 -9.32 -3.44 27.35
N SER A 422 -8.94 -2.75 28.42
CA SER A 422 -8.15 -1.52 28.31
C SER A 422 -6.67 -1.88 28.19
N GLY A 423 -6.33 -2.50 27.06
CA GLY A 423 -4.98 -2.95 26.81
C GLY A 423 -4.69 -4.26 27.51
N ASN A 424 -4.48 -4.20 28.82
CA ASN A 424 -4.36 -5.40 29.64
C ASN A 424 -5.11 -5.31 30.96
N THR A 425 -5.49 -4.11 31.41
CA THR A 425 -6.13 -3.96 32.71
C THR A 425 -7.60 -4.38 32.71
N THR A 426 -8.27 -4.30 31.56
CA THR A 426 -9.67 -4.71 31.41
C THR A 426 -10.57 -3.92 32.36
N THR A 427 -10.67 -2.63 32.06
CA THR A 427 -11.51 -1.71 32.84
C THR A 427 -12.88 -1.59 32.20
N THR A 428 -13.92 -1.70 33.03
CA THR A 428 -15.31 -1.68 32.57
C THR A 428 -15.86 -0.26 32.43
N VAL A 429 -15.15 0.59 31.70
CA VAL A 429 -15.62 1.97 31.52
C VAL A 429 -16.95 2.00 30.79
N HIS A 430 -17.06 1.23 29.70
CA HIS A 430 -18.29 1.16 28.92
C HIS A 430 -19.20 0.05 29.44
N ALA A 431 -19.45 0.07 30.74
CA ALA A 431 -20.29 -0.96 31.37
C ALA A 431 -21.71 -0.89 30.84
N LYS A 432 -22.37 0.25 31.06
CA LYS A 432 -23.77 0.38 30.66
C LYS A 432 -23.91 0.54 29.15
N ALA A 433 -22.86 0.96 28.46
CA ALA A 433 -22.96 1.27 27.04
C ALA A 433 -23.22 0.02 26.21
N LEU A 434 -22.40 -1.02 26.41
CA LEU A 434 -22.49 -2.19 25.53
C LEU A 434 -23.77 -2.98 25.78
N LYS A 435 -24.18 -3.12 27.04
CA LYS A 435 -25.28 -4.00 27.37
C LYS A 435 -26.62 -3.51 26.80
N GLU A 436 -26.66 -2.27 26.32
CA GLU A 436 -27.90 -1.75 25.72
C GLU A 436 -28.12 -2.27 24.31
N ARG A 437 -27.21 -3.05 23.75
CA ARG A 437 -27.30 -3.46 22.36
C ARG A 437 -27.65 -4.92 22.14
N MET A 438 -27.24 -5.82 23.03
CA MET A 438 -27.41 -7.25 22.80
C MET A 438 -28.29 -7.87 23.87
N VAL A 439 -28.98 -8.95 23.48
CA VAL A 439 -29.74 -9.78 24.40
C VAL A 439 -29.07 -11.14 24.50
N LYS A 440 -28.99 -11.66 25.72
CA LYS A 440 -28.17 -12.82 26.04
C LYS A 440 -29.01 -14.08 26.10
N LEU A 441 -28.38 -15.22 25.79
CA LEU A 441 -29.00 -16.55 25.86
C LEU A 441 -27.93 -17.49 26.38
N ASN A 442 -27.90 -17.69 27.69
CA ASN A 442 -26.82 -18.43 28.33
C ASN A 442 -26.91 -19.91 28.01
N PHE A 443 -25.74 -20.55 27.93
CA PHE A 443 -25.62 -21.98 27.70
C PHE A 443 -25.05 -22.65 28.96
N THR A 444 -25.70 -23.74 29.37
CA THR A 444 -25.40 -24.36 30.67
C THR A 444 -24.77 -25.74 30.55
N VAL A 445 -25.42 -26.67 29.86
CA VAL A 445 -25.04 -28.07 29.90
C VAL A 445 -24.26 -28.44 28.64
N ARG A 446 -23.65 -29.62 28.67
CA ARG A 446 -22.85 -30.11 27.57
C ARG A 446 -23.69 -31.00 26.64
N CYS A 447 -23.04 -31.57 25.63
CA CYS A 447 -23.70 -32.44 24.68
C CYS A 447 -22.74 -33.50 24.20
N SER A 448 -23.29 -34.59 23.66
CA SER A 448 -22.47 -35.71 23.22
C SER A 448 -21.64 -35.31 21.99
N PRO A 449 -20.43 -35.87 21.86
CA PRO A 449 -19.54 -35.48 20.76
C PRO A 449 -19.89 -36.06 19.39
N ASP A 450 -21.04 -36.71 19.24
CA ASP A 450 -21.41 -37.33 17.97
C ASP A 450 -22.62 -36.64 17.32
N MET A 451 -22.85 -35.37 17.63
CA MET A 451 -23.99 -34.66 17.04
C MET A 451 -23.76 -34.41 15.55
N GLY A 452 -22.58 -33.90 15.19
CA GLY A 452 -22.27 -33.63 13.81
C GLY A 452 -22.82 -32.30 13.33
N LEU A 453 -22.85 -32.15 12.00
CA LEU A 453 -23.34 -30.93 11.37
C LEU A 453 -24.85 -30.90 11.40
N LEU A 454 -25.42 -29.76 11.78
CA LEU A 454 -26.86 -29.68 11.98
C LEU A 454 -27.61 -29.41 10.68
N THR A 455 -26.88 -29.16 9.59
CA THR A 455 -27.34 -29.15 8.19
C THR A 455 -28.50 -28.18 7.94
N GLU A 456 -28.99 -28.15 6.70
CA GLU A 456 -30.00 -27.17 6.32
C GLU A 456 -31.41 -27.65 6.62
N ALA A 457 -31.68 -28.95 6.47
CA ALA A 457 -33.04 -29.44 6.58
C ALA A 457 -33.60 -29.24 7.98
N ASP A 458 -32.80 -29.55 9.01
CA ASP A 458 -33.30 -29.46 10.37
C ASP A 458 -33.65 -28.03 10.75
N VAL A 459 -32.76 -27.08 10.43
CA VAL A 459 -33.03 -25.68 10.76
C VAL A 459 -34.20 -25.16 9.92
N GLN A 460 -34.31 -25.60 8.67
CA GLN A 460 -35.41 -25.17 7.83
C GLN A 460 -36.74 -25.62 8.43
N GLN A 461 -36.82 -26.87 8.86
CA GLN A 461 -38.05 -27.37 9.48
C GLN A 461 -38.32 -26.68 10.82
N TRP A 462 -37.27 -26.41 11.60
CA TRP A 462 -37.47 -25.73 12.88
C TRP A 462 -38.05 -24.34 12.68
N LEU A 463 -37.54 -23.60 11.69
CA LEU A 463 -38.10 -22.29 11.40
C LEU A 463 -39.48 -22.37 10.76
N THR A 464 -39.75 -23.41 9.98
CA THR A 464 -41.08 -23.60 9.41
C THR A 464 -42.11 -23.92 10.49
N TRP A 465 -41.66 -24.47 11.62
CA TRP A 465 -42.57 -24.78 12.71
C TRP A 465 -43.42 -23.57 13.10
N CYS A 466 -42.80 -22.40 13.25
CA CYS A 466 -43.49 -21.21 13.72
C CYS A 466 -44.23 -20.51 12.57
N ASN A 467 -45.15 -21.26 11.96
CA ASN A 467 -46.01 -20.73 10.90
C ASN A 467 -47.47 -21.10 11.10
N ALA A 468 -47.81 -21.75 12.22
CA ALA A 468 -49.20 -22.08 12.53
C ALA A 468 -49.58 -21.75 13.96
N GLN A 469 -48.66 -21.24 14.77
CA GLN A 469 -48.91 -20.92 16.17
C GLN A 469 -49.14 -19.43 16.32
N SER A 470 -49.25 -18.97 17.56
CA SER A 470 -49.45 -17.57 17.88
C SER A 470 -48.33 -17.10 18.79
N TRP A 471 -47.99 -15.81 18.69
CA TRP A 471 -46.88 -15.22 19.41
C TRP A 471 -47.34 -14.47 20.65
N ASP A 472 -48.48 -14.87 21.24
CA ASP A 472 -49.15 -14.04 22.23
C ASP A 472 -48.25 -13.66 23.38
N HIS A 473 -47.30 -14.52 23.74
CA HIS A 473 -46.36 -14.17 24.80
C HIS A 473 -45.32 -13.17 24.32
N TYR A 474 -45.03 -13.14 23.02
CA TYR A 474 -43.92 -12.34 22.54
C TYR A 474 -44.21 -10.84 22.59
N GLU A 475 -45.41 -10.43 22.15
CA GLU A 475 -45.74 -9.00 22.18
C GLU A 475 -45.71 -8.47 23.60
N ASN A 476 -46.22 -9.23 24.56
CA ASN A 476 -46.13 -8.84 25.96
C ASN A 476 -44.69 -8.81 26.43
N TRP A 477 -43.87 -9.78 26.00
CA TRP A 477 -42.44 -9.71 26.27
C TRP A 477 -41.75 -8.61 25.48
N ALA A 478 -42.34 -8.17 24.37
CA ALA A 478 -41.76 -7.10 23.57
C ALA A 478 -41.88 -5.73 24.23
N ILE A 479 -42.65 -5.61 25.31
CA ILE A 479 -42.80 -4.33 25.99
C ILE A 479 -41.47 -3.87 26.57
N ASN A 480 -40.77 -4.79 27.24
CA ASN A 480 -39.44 -4.52 27.77
C ASN A 480 -38.49 -5.59 27.29
N TYR A 481 -37.35 -5.17 26.76
CA TYR A 481 -36.34 -6.10 26.24
C TYR A 481 -35.40 -6.48 27.37
N THR A 482 -35.52 -7.71 27.85
CA THR A 482 -34.66 -8.18 28.92
C THR A 482 -33.23 -8.36 28.41
N PHE A 483 -32.27 -8.03 29.28
CA PHE A 483 -30.87 -8.22 28.91
C PHE A 483 -30.57 -9.71 28.70
N ASP A 484 -31.12 -10.57 29.54
CA ASP A 484 -30.98 -12.01 29.40
C ASP A 484 -32.33 -12.61 29.02
N PHE A 485 -32.31 -13.55 28.08
CA PHE A 485 -33.55 -14.19 27.66
C PHE A 485 -34.14 -14.98 28.83
N PRO A 486 -35.44 -14.87 29.07
CA PRO A 486 -36.04 -15.59 30.20
C PRO A 486 -36.10 -17.09 29.98
N GLY A 487 -35.51 -17.85 30.89
CA GLY A 487 -35.47 -19.30 30.75
C GLY A 487 -36.84 -19.93 30.91
N ILE A 488 -36.91 -21.20 30.50
CA ILE A 488 -38.16 -21.94 30.60
C ILE A 488 -38.34 -22.50 32.00
N ASN A 489 -39.53 -22.30 32.56
CA ASN A 489 -39.80 -22.77 33.91
C ASN A 489 -40.88 -23.84 33.95
N ALA A 490 -42.08 -23.52 33.48
CA ALA A 490 -43.18 -24.48 33.51
C ALA A 490 -44.06 -24.36 32.27
N ASP A 491 -43.49 -23.92 31.15
CA ASP A 491 -44.28 -23.69 29.95
C ASP A 491 -43.85 -24.62 28.81
N ALA A 492 -43.20 -25.73 29.12
CA ALA A 492 -42.76 -26.67 28.09
C ALA A 492 -43.89 -27.61 27.69
N LEU A 493 -43.55 -28.68 26.96
CA LEU A 493 -44.50 -29.70 26.51
C LEU A 493 -45.62 -29.08 25.67
N HIS A 494 -45.23 -28.56 24.50
CA HIS A 494 -46.22 -28.21 23.49
C HIS A 494 -46.99 -29.47 23.09
N PRO A 495 -48.28 -29.32 22.75
CA PRO A 495 -49.10 -30.49 22.38
C PRO A 495 -48.40 -31.54 21.53
N ASP A 496 -47.48 -31.11 20.66
CA ASP A 496 -46.71 -32.13 19.89
C ASP A 496 -45.34 -32.36 20.51
N LEU A 497 -45.03 -31.73 21.66
CA LEU A 497 -43.81 -32.03 22.45
C LEU A 497 -44.19 -32.82 23.71
N VAL B 201 -16.04 34.74 -21.74
CA VAL B 201 -16.33 33.41 -21.21
C VAL B 201 -17.04 32.56 -22.25
N VAL B 202 -16.65 32.74 -23.50
CA VAL B 202 -17.26 31.95 -24.59
C VAL B 202 -16.88 30.49 -24.42
N PRO B 203 -17.84 29.57 -24.41
CA PRO B 203 -17.52 28.15 -24.21
C PRO B 203 -16.75 27.58 -25.41
N PHE B 204 -16.02 26.51 -25.13
CA PHE B 204 -15.31 25.80 -26.19
C PHE B 204 -16.31 25.21 -27.17
N ASN B 205 -15.93 25.19 -28.45
CA ASN B 205 -16.83 24.80 -29.53
C ASN B 205 -16.75 23.31 -29.85
N GLY B 206 -16.34 22.48 -28.89
CA GLY B 206 -16.26 21.06 -29.15
C GLY B 206 -17.63 20.44 -29.36
N LYS B 207 -17.68 19.45 -30.25
CA LYS B 207 -18.91 18.76 -30.60
C LYS B 207 -18.87 17.33 -30.09
N GLY B 208 -19.89 16.94 -29.32
CA GLY B 208 -19.92 15.62 -28.74
C GLY B 208 -20.48 14.57 -29.69
N THR B 209 -20.40 13.33 -29.26
CA THR B 209 -20.90 12.19 -30.01
C THR B 209 -22.26 11.75 -29.45
N LYS B 210 -22.78 10.63 -29.95
CA LYS B 210 -24.03 10.10 -29.43
C LYS B 210 -23.88 9.61 -28.00
N ALA B 211 -22.77 8.92 -27.71
CA ALA B 211 -22.56 8.40 -26.36
C ALA B 211 -22.45 9.53 -25.35
N SER B 212 -21.74 10.60 -25.71
CA SER B 212 -21.60 11.74 -24.81
C SER B 212 -22.95 12.41 -24.55
N ILE B 213 -23.79 12.50 -25.59
CA ILE B 213 -25.12 13.08 -25.41
C ILE B 213 -25.96 12.21 -24.49
N LYS B 214 -25.88 10.88 -24.66
CA LYS B 214 -26.61 9.99 -23.76
C LYS B 214 -26.14 10.15 -22.33
N PHE B 215 -24.82 10.29 -22.13
CA PHE B 215 -24.29 10.48 -20.78
C PHE B 215 -24.79 11.79 -20.18
N GLN B 216 -24.82 12.85 -20.98
CA GLN B 216 -25.31 14.14 -20.47
C GLN B 216 -26.78 14.04 -20.10
N THR B 217 -27.58 13.36 -20.91
CA THR B 217 -28.99 13.18 -20.58
C THR B 217 -29.15 12.38 -19.28
N MET B 218 -28.33 11.35 -19.10
CA MET B 218 -28.39 10.57 -17.87
C MET B 218 -28.02 11.43 -16.66
N VAL B 219 -27.03 12.30 -16.81
CA VAL B 219 -26.64 13.20 -15.72
C VAL B 219 -27.79 14.13 -15.38
N ASN B 220 -28.46 14.67 -16.40
CA ASN B 220 -29.61 15.54 -16.15
C ASN B 220 -30.72 14.79 -15.44
N TRP B 221 -30.97 13.54 -15.85
CA TRP B 221 -31.99 12.72 -15.20
C TRP B 221 -31.67 12.52 -13.72
N LEU B 222 -30.42 12.16 -13.43
CA LEU B 222 -30.01 11.95 -12.05
C LEU B 222 -30.15 13.23 -11.23
N CYS B 223 -29.75 14.36 -11.80
CA CYS B 223 -29.85 15.62 -11.08
C CYS B 223 -31.30 15.99 -10.81
N GLU B 224 -32.18 15.72 -11.76
CA GLU B 224 -33.59 16.11 -11.60
C GLU B 224 -34.29 15.22 -10.58
N ASN B 225 -34.04 13.92 -10.60
CA ASN B 225 -34.82 12.99 -9.78
C ASN B 225 -34.24 12.78 -8.39
N ARG B 226 -33.22 13.54 -8.00
CA ARG B 226 -32.68 13.51 -6.64
C ARG B 226 -32.18 12.12 -6.27
N VAL B 227 -31.16 11.66 -6.99
CA VAL B 227 -30.67 10.28 -6.86
C VAL B 227 -29.20 10.33 -6.47
N PHE B 228 -28.80 11.30 -5.66
CA PHE B 228 -27.40 11.57 -5.40
C PHE B 228 -26.78 10.51 -4.49
N THR B 229 -26.89 9.25 -4.90
CA THR B 229 -26.25 8.11 -4.26
C THR B 229 -26.50 6.88 -5.12
N GLU B 230 -25.96 5.75 -4.68
CA GLU B 230 -25.99 4.53 -5.48
C GLU B 230 -27.16 3.62 -5.10
N ASP B 231 -27.45 3.48 -3.80
CA ASP B 231 -28.54 2.63 -3.38
C ASP B 231 -29.87 3.15 -3.89
N LYS B 232 -30.05 4.47 -3.91
CA LYS B 232 -31.26 5.05 -4.49
C LYS B 232 -31.37 4.71 -5.96
N TRP B 233 -30.24 4.73 -6.68
CA TRP B 233 -30.27 4.37 -8.09
C TRP B 233 -30.70 2.91 -8.28
N LYS B 234 -30.16 2.00 -7.45
CA LYS B 234 -30.59 0.61 -7.56
C LYS B 234 -32.06 0.47 -7.23
N LEU B 235 -32.54 1.23 -6.23
CA LEU B 235 -33.93 1.11 -5.79
C LEU B 235 -34.91 1.65 -6.82
N VAL B 236 -34.54 2.70 -7.54
CA VAL B 236 -35.49 3.39 -8.41
C VAL B 236 -35.44 2.86 -9.84
N ASP B 237 -34.26 2.59 -10.38
CA ASP B 237 -34.07 2.29 -11.79
C ASP B 237 -33.18 1.06 -11.96
N PHE B 238 -33.55 -0.03 -11.29
CA PHE B 238 -32.68 -1.20 -11.21
C PHE B 238 -32.31 -1.75 -12.59
N ASN B 239 -33.26 -1.76 -13.53
CA ASN B 239 -32.97 -2.35 -14.83
C ASN B 239 -31.87 -1.57 -15.56
N GLN B 240 -31.92 -0.24 -15.49
CA GLN B 240 -30.88 0.57 -16.11
C GLN B 240 -29.54 0.34 -15.44
N TYR B 241 -29.54 0.15 -14.11
CA TYR B 241 -28.31 -0.16 -13.41
C TYR B 241 -27.73 -1.48 -13.90
N THR B 242 -28.57 -2.50 -14.09
CA THR B 242 -28.07 -3.77 -14.58
C THR B 242 -27.53 -3.64 -16.00
N LEU B 243 -28.21 -2.86 -16.85
CA LEU B 243 -27.71 -2.64 -18.20
C LEU B 243 -26.37 -1.95 -18.19
N LEU B 244 -26.19 -0.96 -17.32
CA LEU B 244 -24.93 -0.22 -17.29
C LEU B 244 -23.81 -1.03 -16.65
N SER B 245 -24.13 -1.96 -15.74
CA SER B 245 -23.12 -2.69 -14.99
C SER B 245 -22.65 -3.95 -15.71
N SER B 246 -22.74 -4.00 -17.03
CA SER B 246 -22.29 -5.15 -17.79
C SER B 246 -20.95 -4.92 -18.48
N SER B 247 -20.28 -3.81 -18.19
CA SER B 247 -19.00 -3.50 -18.83
C SER B 247 -18.24 -2.50 -17.99
N HIS B 248 -16.94 -2.37 -18.27
CA HIS B 248 -16.11 -1.41 -17.56
C HIS B 248 -16.55 0.02 -17.84
N SER B 249 -16.90 0.32 -19.10
CA SER B 249 -17.29 1.68 -19.46
C SER B 249 -18.54 2.11 -18.71
N GLY B 250 -19.53 1.22 -18.61
CA GLY B 250 -20.73 1.56 -17.85
C GLY B 250 -20.44 1.76 -16.38
N SER B 251 -19.57 0.93 -15.81
CA SER B 251 -19.21 1.09 -14.41
C SER B 251 -18.54 2.43 -14.16
N PHE B 252 -17.66 2.85 -15.07
CA PHE B 252 -17.03 4.16 -14.95
C PHE B 252 -18.07 5.27 -15.09
N GLN B 253 -18.99 5.13 -16.05
CA GLN B 253 -20.00 6.16 -16.26
C GLN B 253 -20.92 6.31 -15.07
N ILE B 254 -21.16 5.23 -14.33
CA ILE B 254 -22.02 5.31 -13.16
C ILE B 254 -21.44 6.29 -12.14
N GLN B 255 -20.16 6.10 -11.79
CA GLN B 255 -19.52 6.98 -10.83
C GLN B 255 -19.39 8.40 -11.36
N SER B 256 -19.03 8.55 -12.63
CA SER B 256 -18.89 9.88 -13.21
C SER B 256 -20.21 10.64 -13.16
N ALA B 257 -21.30 9.97 -13.56
CA ALA B 257 -22.61 10.61 -13.56
C ALA B 257 -23.05 10.95 -12.15
N LEU B 258 -22.79 10.07 -11.18
CA LEU B 258 -23.18 10.36 -9.81
C LEU B 258 -22.47 11.61 -9.30
N LYS B 259 -21.16 11.69 -9.49
CA LYS B 259 -20.41 12.84 -9.02
C LYS B 259 -20.87 14.12 -9.71
N LEU B 260 -21.07 14.06 -11.03
CA LEU B 260 -21.50 15.25 -11.76
C LEU B 260 -22.88 15.71 -11.32
N ALA B 261 -23.80 14.78 -11.10
CA ALA B 261 -25.13 15.13 -10.64
C ALA B 261 -25.08 15.78 -9.27
N ILE B 262 -24.28 15.23 -8.36
CA ILE B 262 -24.15 15.82 -7.04
C ILE B 262 -23.63 17.26 -7.14
N TYR B 263 -22.58 17.46 -7.94
CA TYR B 263 -22.03 18.80 -8.08
C TYR B 263 -23.06 19.76 -8.68
N LYS B 264 -23.76 19.33 -9.73
CA LYS B 264 -24.72 20.21 -10.37
C LYS B 264 -25.85 20.59 -9.41
N ALA B 265 -26.30 19.63 -8.59
CA ALA B 265 -27.38 19.94 -7.66
C ALA B 265 -26.92 20.89 -6.56
N THR B 266 -25.73 20.65 -5.99
CA THR B 266 -25.29 21.39 -4.82
C THR B 266 -24.44 22.60 -5.13
N ASN B 267 -24.23 22.94 -6.41
CA ASN B 267 -23.28 23.98 -6.77
C ASN B 267 -23.73 25.34 -6.27
N LEU B 268 -24.97 25.72 -6.54
CA LEU B 268 -25.45 27.07 -6.26
C LEU B 268 -26.45 27.12 -5.12
N VAL B 269 -27.49 26.31 -5.15
CA VAL B 269 -28.55 26.42 -4.12
C VAL B 269 -27.98 26.03 -2.77
N PRO B 270 -28.31 26.75 -1.70
CA PRO B 270 -27.83 26.36 -0.37
C PRO B 270 -28.50 25.08 0.10
N THR B 271 -27.80 24.38 0.99
CA THR B 271 -28.33 23.12 1.52
C THR B 271 -29.61 23.32 2.30
N SER B 272 -29.83 24.52 2.84
CA SER B 272 -31.06 24.80 3.58
C SER B 272 -32.29 24.62 2.71
N THR B 273 -32.17 24.83 1.40
CA THR B 273 -33.29 24.54 0.51
C THR B 273 -33.59 23.05 0.49
N PHE B 274 -32.56 22.21 0.47
CA PHE B 274 -32.79 20.77 0.54
C PHE B 274 -33.42 20.37 1.86
N LEU B 275 -32.97 20.98 2.96
CA LEU B 275 -33.53 20.63 4.26
C LEU B 275 -34.99 21.06 4.37
N LEU B 276 -35.29 22.31 4.01
CA LEU B 276 -36.65 22.83 4.18
C LEU B 276 -37.63 22.08 3.30
N HIS B 277 -37.48 22.20 1.98
CA HIS B 277 -38.42 21.61 1.02
C HIS B 277 -39.84 22.05 1.33
N ALA B 278 -40.59 21.21 2.02
CA ALA B 278 -41.96 21.53 2.42
C ALA B 278 -42.35 20.80 3.70
N VAL B 283 -50.83 18.95 7.03
CA VAL B 283 -49.83 19.26 8.03
C VAL B 283 -50.40 19.02 9.42
N MET B 284 -49.69 18.23 10.22
CA MET B 284 -50.12 17.91 11.57
C MET B 284 -49.72 19.03 12.53
N CYS B 285 -50.09 18.85 13.80
CA CYS B 285 -49.79 19.86 14.81
C CYS B 285 -48.28 19.94 15.05
N ILE B 286 -47.83 21.12 15.45
CA ILE B 286 -46.41 21.32 15.72
C ILE B 286 -45.97 20.49 16.92
N LYS B 287 -46.83 20.34 17.92
CA LYS B 287 -46.48 19.55 19.10
C LYS B 287 -46.36 18.06 18.80
N ASP B 288 -46.80 17.61 17.63
CA ASP B 288 -46.70 16.20 17.26
C ASP B 288 -45.31 15.82 16.79
N ASN B 289 -44.43 16.79 16.53
CA ASN B 289 -43.08 16.47 16.08
C ASN B 289 -42.27 15.86 17.22
N LYS B 290 -41.67 14.70 16.96
CA LYS B 290 -40.89 14.02 18.00
C LYS B 290 -39.66 14.84 18.39
N ILE B 291 -39.03 15.49 17.41
CA ILE B 291 -37.83 16.27 17.69
C ILE B 291 -38.17 17.45 18.60
N VAL B 292 -39.31 18.09 18.36
CA VAL B 292 -39.74 19.20 19.20
C VAL B 292 -39.93 18.72 20.64
N LYS B 293 -40.60 17.58 20.80
CA LYS B 293 -40.83 17.04 22.14
C LYS B 293 -39.51 16.70 22.83
N LEU B 294 -38.57 16.10 22.10
CA LEU B 294 -37.28 15.76 22.69
C LEU B 294 -36.52 17.00 23.12
N LEU B 295 -36.48 18.02 22.25
CA LEU B 295 -35.77 19.24 22.59
C LEU B 295 -36.40 19.94 23.78
N LEU B 296 -37.74 19.95 23.85
CA LEU B 296 -38.41 20.52 25.01
C LEU B 296 -38.07 19.73 26.27
N CYS B 297 -38.02 18.41 26.16
CA CYS B 297 -37.65 17.58 27.31
C CYS B 297 -36.22 17.86 27.76
N GLN B 298 -35.34 18.24 26.84
CA GLN B 298 -33.96 18.55 27.18
C GLN B 298 -33.76 19.99 27.64
N ASN B 299 -34.84 20.69 27.97
CA ASN B 299 -34.76 22.07 28.49
C ASN B 299 -34.07 23.01 27.49
N TYR B 300 -34.55 22.98 26.25
CA TYR B 300 -34.05 23.85 25.20
C TYR B 300 -35.21 24.42 24.39
N ASP B 301 -34.99 25.59 23.80
CA ASP B 301 -36.00 26.21 22.97
C ASP B 301 -35.88 25.67 21.54
N PRO B 302 -36.89 24.96 21.03
CA PRO B 302 -36.77 24.42 19.67
C PRO B 302 -36.60 25.46 18.59
N LEU B 303 -37.17 26.66 18.77
CA LEU B 303 -37.07 27.69 17.74
C LEU B 303 -35.62 28.12 17.55
N LEU B 304 -34.92 28.40 18.64
CA LEU B 304 -33.53 28.84 18.54
C LEU B 304 -32.66 27.76 17.92
N VAL B 305 -32.85 26.50 18.34
CA VAL B 305 -32.04 25.42 17.79
C VAL B 305 -32.31 25.25 16.31
N GLY B 306 -33.58 25.32 15.90
CA GLY B 306 -33.90 25.19 14.49
C GLY B 306 -33.29 26.30 13.66
N GLN B 307 -33.39 27.54 14.13
CA GLN B 307 -32.79 28.65 13.40
C GLN B 307 -31.27 28.51 13.34
N HIS B 308 -30.65 28.07 14.44
CA HIS B 308 -29.21 27.91 14.46
C HIS B 308 -28.75 26.83 13.50
N VAL B 309 -29.46 25.70 13.44
CA VAL B 309 -29.04 24.65 12.51
C VAL B 309 -29.39 25.01 11.08
N LEU B 310 -30.36 25.88 10.85
CA LEU B 310 -30.59 26.37 9.49
C LEU B 310 -29.46 27.29 9.05
N LYS B 311 -28.99 28.16 9.95
CA LYS B 311 -27.90 29.07 9.61
C LYS B 311 -26.55 28.36 9.54
N TRP B 312 -26.37 27.31 10.34
CA TRP B 312 -25.09 26.62 10.41
C TRP B 312 -24.86 25.71 9.21
N ILE B 313 -25.94 25.17 8.64
CA ILE B 313 -25.80 24.29 7.49
C ILE B 313 -25.35 25.05 6.24
N ASP B 314 -25.47 26.38 6.24
CA ASP B 314 -25.06 27.20 5.12
C ASP B 314 -23.74 27.92 5.38
N LYS B 315 -23.02 27.54 6.44
CA LYS B 315 -21.76 28.19 6.82
C LYS B 315 -21.95 29.70 7.03
N LYS B 316 -23.08 30.07 7.62
CA LYS B 316 -23.40 31.48 7.86
C LYS B 316 -23.26 31.86 9.34
N CYS B 317 -22.57 31.04 10.13
CA CYS B 317 -22.49 31.23 11.57
C CYS B 317 -21.07 31.54 11.99
N GLY B 318 -20.40 32.42 11.24
CA GLY B 318 -19.07 32.85 11.63
C GLY B 318 -18.07 31.71 11.65
N LYS B 319 -17.17 31.75 12.62
CA LYS B 319 -16.16 30.70 12.73
C LYS B 319 -16.76 29.41 13.27
N LYS B 320 -17.84 29.50 14.06
CA LYS B 320 -18.46 28.32 14.64
C LYS B 320 -18.92 27.37 13.54
N ASN B 321 -18.28 26.21 13.44
CA ASN B 321 -18.54 25.27 12.36
C ASN B 321 -18.79 23.86 12.87
N THR B 322 -18.89 23.67 14.18
CA THR B 322 -19.02 22.34 14.77
C THR B 322 -20.12 22.34 15.81
N LEU B 323 -20.97 21.32 15.76
CA LEU B 323 -22.01 21.10 16.76
C LEU B 323 -21.61 19.91 17.62
N TRP B 324 -21.67 20.10 18.94
CA TRP B 324 -21.27 19.09 19.91
C TRP B 324 -22.49 18.70 20.73
N PHE B 325 -22.72 17.39 20.87
CA PHE B 325 -23.79 16.86 21.71
C PHE B 325 -23.14 16.08 22.84
N TYR B 326 -23.30 16.55 24.08
CA TYR B 326 -22.67 15.95 25.24
C TYR B 326 -23.74 15.46 26.20
N GLY B 327 -23.64 14.21 26.61
CA GLY B 327 -24.55 13.66 27.57
C GLY B 327 -24.30 12.20 27.89
N PRO B 328 -24.93 11.70 28.95
CA PRO B 328 -24.82 10.29 29.30
C PRO B 328 -25.43 9.41 28.23
N PRO B 329 -25.15 8.11 28.24
CA PRO B 329 -25.69 7.23 27.20
C PRO B 329 -27.21 7.19 27.23
N SER B 330 -27.80 6.96 26.05
CA SER B 330 -29.24 6.78 25.87
C SER B 330 -30.03 8.05 26.14
N THR B 331 -29.47 9.22 25.85
CA THR B 331 -30.21 10.46 25.88
C THR B 331 -30.67 10.90 24.50
N GLY B 332 -30.42 10.08 23.47
CA GLY B 332 -30.89 10.37 22.14
C GLY B 332 -30.04 11.36 21.37
N LYS B 333 -28.73 11.13 21.34
CA LYS B 333 -27.81 12.00 20.63
C LYS B 333 -27.47 11.51 19.23
N THR B 334 -27.28 10.21 19.04
CA THR B 334 -26.94 9.68 17.70
C THR B 334 -28.15 9.81 16.80
N ASN B 335 -29.34 9.58 17.34
CA ASN B 335 -30.53 9.56 16.50
C ASN B 335 -30.75 10.90 15.81
N LEU B 336 -30.65 11.99 16.56
CA LEU B 336 -30.87 13.31 15.98
C LEU B 336 -29.81 13.64 14.95
N ALA B 337 -28.54 13.33 15.24
CA ALA B 337 -27.47 13.62 14.29
C ALA B 337 -27.66 12.83 13.00
N MET B 338 -28.00 11.54 13.11
CA MET B 338 -28.20 10.75 11.90
C MET B 338 -29.44 11.19 11.15
N ALA B 339 -30.48 11.63 11.85
CA ALA B 339 -31.68 12.15 11.17
C ALA B 339 -31.35 13.41 10.39
N ILE B 340 -30.55 14.29 10.96
CA ILE B 340 -30.12 15.48 10.22
C ILE B 340 -29.25 15.07 9.04
N ALA B 341 -28.38 14.07 9.23
CA ALA B 341 -27.48 13.65 8.17
C ALA B 341 -28.18 12.89 7.05
N LYS B 342 -29.41 12.43 7.28
CA LYS B 342 -30.15 11.72 6.24
C LYS B 342 -30.95 12.66 5.34
N SER B 343 -31.00 13.96 5.66
CA SER B 343 -31.74 14.92 4.84
C SER B 343 -30.88 15.63 3.83
N VAL B 344 -29.58 15.78 4.10
CA VAL B 344 -28.67 16.42 3.16
C VAL B 344 -28.48 15.50 1.96
N PRO B 345 -28.10 16.01 0.79
CA PRO B 345 -27.96 15.13 -0.38
C PRO B 345 -26.99 13.99 -0.18
N VAL B 346 -25.89 14.22 0.53
CA VAL B 346 -24.92 13.17 0.80
C VAL B 346 -24.08 13.60 2.00
N TYR B 347 -23.74 12.63 2.85
CA TYR B 347 -23.00 12.89 4.07
C TYR B 347 -21.83 11.92 4.18
N GLY B 348 -20.87 12.27 5.03
CA GLY B 348 -19.71 11.44 5.24
C GLY B 348 -19.47 11.24 6.73
N MET B 349 -18.70 10.19 7.03
CA MET B 349 -18.33 9.85 8.40
C MET B 349 -16.82 9.74 8.49
N VAL B 350 -16.23 10.38 9.49
CA VAL B 350 -14.78 10.31 9.66
C VAL B 350 -14.40 8.89 10.06
N ASN B 351 -13.19 8.48 9.66
CA ASN B 351 -12.74 7.13 9.94
C ASN B 351 -12.41 6.97 11.42
N TRP B 352 -12.84 5.84 11.98
CA TRP B 352 -12.65 5.60 13.41
C TRP B 352 -11.23 5.14 13.71
N ASN B 353 -10.83 3.99 13.17
CA ASN B 353 -9.47 3.48 13.33
C ASN B 353 -8.84 3.41 11.95
N ASN B 354 -8.37 4.55 11.47
CA ASN B 354 -7.57 4.64 10.25
C ASN B 354 -6.52 5.73 10.42
N GLU B 355 -5.83 5.70 11.57
CA GLU B 355 -4.99 6.79 12.07
C GLU B 355 -4.17 7.49 11.00
N ASN B 356 -3.72 6.75 9.98
CA ASN B 356 -3.00 7.38 8.88
C ASN B 356 -3.91 8.31 8.09
N PHE B 357 -5.16 7.92 7.89
CA PHE B 357 -6.11 8.65 7.05
C PHE B 357 -7.38 8.90 7.84
N PRO B 358 -7.39 9.90 8.73
CA PRO B 358 -8.57 10.14 9.57
C PRO B 358 -9.65 10.98 8.93
N PHE B 359 -9.42 11.53 7.74
CA PHE B 359 -10.41 12.38 7.08
C PHE B 359 -10.49 12.04 5.61
N ASN B 360 -10.45 10.75 5.28
CA ASN B 360 -10.54 10.33 3.89
C ASN B 360 -11.92 10.59 3.32
N ASP B 361 -12.97 10.40 4.13
CA ASP B 361 -14.33 10.41 3.63
C ASP B 361 -14.86 11.81 3.32
N VAL B 362 -14.25 12.85 3.87
CA VAL B 362 -14.71 14.21 3.63
C VAL B 362 -14.18 14.72 2.29
N ALA B 363 -14.95 14.53 1.23
CA ALA B 363 -14.55 14.98 -0.10
C ALA B 363 -15.82 15.21 -0.91
N GLY B 364 -16.23 16.48 -1.05
CA GLY B 364 -17.46 16.78 -1.75
C GLY B 364 -18.69 16.27 -1.05
N LYS B 365 -18.75 16.39 0.27
CA LYS B 365 -19.90 15.97 1.06
C LYS B 365 -20.56 17.18 1.70
N SER B 366 -21.88 17.13 1.84
CA SER B 366 -22.62 18.24 2.40
C SER B 366 -22.44 18.36 3.91
N LEU B 367 -22.16 17.26 4.59
CA LEU B 367 -22.05 17.25 6.04
C LEU B 367 -21.15 16.10 6.46
N VAL B 368 -20.47 16.26 7.59
CA VAL B 368 -19.65 15.19 8.14
C VAL B 368 -20.09 14.91 9.56
N VAL B 369 -20.09 13.63 9.95
CA VAL B 369 -20.57 13.16 11.24
C VAL B 369 -19.43 12.44 11.94
N TRP B 370 -19.29 12.68 13.24
CA TRP B 370 -18.23 12.10 14.07
C TRP B 370 -18.86 11.53 15.33
N ASP B 371 -19.22 10.25 15.31
CA ASP B 371 -19.82 9.59 16.46
C ASP B 371 -18.73 9.01 17.36
N GLU B 372 -18.94 9.12 18.67
CA GLU B 372 -17.97 8.67 19.67
C GLU B 372 -16.60 9.30 19.44
N GLY B 373 -16.61 10.59 19.14
CA GLY B 373 -15.39 11.29 18.79
C GLY B 373 -14.42 11.34 19.94
N ILE B 374 -13.22 10.80 19.75
CA ILE B 374 -12.13 10.92 20.71
C ILE B 374 -10.92 11.42 19.95
N ILE B 375 -10.40 12.58 20.34
CA ILE B 375 -9.34 13.24 19.60
C ILE B 375 -8.00 12.83 20.18
N LYS B 376 -7.16 12.23 19.35
CA LYS B 376 -5.82 11.80 19.75
C LYS B 376 -4.83 12.95 19.56
N SER B 377 -3.61 12.74 20.07
CA SER B 377 -2.58 13.77 19.96
C SER B 377 -2.01 13.87 18.55
N THR B 378 -2.04 12.77 17.79
CA THR B 378 -1.47 12.75 16.46
C THR B 378 -2.45 13.15 15.36
N ILE B 379 -3.68 13.52 15.73
CA ILE B 379 -4.71 13.91 14.79
C ILE B 379 -5.15 15.35 15.01
N VAL B 380 -4.61 16.02 16.04
CA VAL B 380 -5.13 17.31 16.46
C VAL B 380 -4.99 18.35 15.34
N GLU B 381 -3.89 18.31 14.59
CA GLU B 381 -3.67 19.31 13.55
C GLU B 381 -4.70 19.19 12.44
N ALA B 382 -4.88 18.00 11.89
CA ALA B 382 -5.85 17.80 10.83
C ALA B 382 -7.26 18.04 11.33
N ALA B 383 -7.56 17.62 12.55
CA ALA B 383 -8.89 17.85 13.11
C ALA B 383 -9.18 19.33 13.24
N LYS B 384 -8.23 20.11 13.73
CA LYS B 384 -8.44 21.56 13.84
C LYS B 384 -8.59 22.19 12.47
N ALA B 385 -7.79 21.75 11.50
CA ALA B 385 -7.89 22.31 10.16
C ALA B 385 -9.26 22.04 9.55
N ILE B 386 -9.79 20.83 9.74
CA ILE B 386 -11.09 20.50 9.19
C ILE B 386 -12.20 21.25 9.92
N LEU B 387 -12.14 21.28 11.25
CA LEU B 387 -13.19 21.93 12.02
C LEU B 387 -13.18 23.45 11.84
N GLY B 388 -12.07 24.02 11.37
CA GLY B 388 -12.04 25.46 11.16
C GLY B 388 -13.08 25.94 10.16
N GLY B 389 -13.25 25.19 9.07
CA GLY B 389 -14.26 25.53 8.07
C GLY B 389 -13.79 26.51 7.02
N GLN B 390 -12.62 26.26 6.47
CA GLN B 390 -12.06 27.11 5.43
C GLN B 390 -11.60 26.25 4.26
N PRO B 391 -11.55 26.81 3.05
CA PRO B 391 -11.12 26.03 1.88
C PRO B 391 -9.73 25.45 2.08
N THR B 392 -9.64 24.12 2.04
CA THR B 392 -8.40 23.41 2.29
C THR B 392 -8.25 22.27 1.29
N ARG B 393 -7.19 21.50 1.46
CA ARG B 393 -6.93 20.32 0.65
C ARG B 393 -6.57 19.14 1.54
N VAL B 394 -7.12 17.98 1.23
CA VAL B 394 -6.90 16.78 2.03
C VAL B 394 -6.46 15.63 1.12
N ASP B 395 -5.70 14.71 1.69
CA ASP B 395 -5.13 13.59 0.95
C ASP B 395 -6.11 12.44 0.88
N GLN B 396 -6.28 11.88 -0.32
CA GLN B 396 -7.09 10.69 -0.54
C GLN B 396 -6.19 9.46 -0.45
N LYS B 397 -6.72 8.32 -0.87
CA LYS B 397 -5.97 7.07 -0.93
C LYS B 397 -5.69 6.71 -2.38
N MET B 398 -4.50 6.16 -2.62
CA MET B 398 -4.09 5.66 -3.93
C MET B 398 -4.02 6.77 -4.97
N ARG B 399 -4.17 8.03 -4.55
CA ARG B 399 -4.19 9.14 -5.48
C ARG B 399 -3.67 10.39 -4.77
N GLY B 400 -3.76 11.52 -5.44
CA GLY B 400 -3.25 12.78 -4.92
C GLY B 400 -4.28 13.42 -3.99
N SER B 401 -4.06 14.67 -3.62
CA SER B 401 -4.95 15.39 -2.73
C SER B 401 -6.07 16.06 -3.51
N VAL B 402 -7.22 16.20 -2.86
CA VAL B 402 -8.38 16.88 -3.41
C VAL B 402 -8.72 18.10 -2.56
N ALA B 403 -9.62 18.92 -3.07
CA ALA B 403 -9.97 20.20 -2.45
C ALA B 403 -11.30 20.10 -1.74
N VAL B 404 -11.32 20.48 -0.47
CA VAL B 404 -12.55 20.55 0.31
C VAL B 404 -12.85 22.01 0.62
N PRO B 405 -13.97 22.56 0.14
CA PRO B 405 -14.23 23.99 0.33
C PRO B 405 -14.89 24.33 1.65
N GLY B 406 -14.86 23.40 2.61
CA GLY B 406 -15.46 23.65 3.91
C GLY B 406 -16.76 22.90 4.10
N VAL B 407 -16.82 22.06 5.12
CA VAL B 407 -17.97 21.19 5.33
C VAL B 407 -18.46 21.31 6.77
N PRO B 408 -19.75 21.51 7.00
CA PRO B 408 -20.27 21.51 8.36
C PRO B 408 -20.05 20.16 9.04
N VAL B 409 -19.75 20.21 10.33
CA VAL B 409 -19.35 19.05 11.12
C VAL B 409 -20.33 18.91 12.28
N VAL B 410 -20.78 17.69 12.54
CA VAL B 410 -21.57 17.37 13.72
C VAL B 410 -20.88 16.23 14.45
N ILE B 411 -20.78 16.36 15.77
CA ILE B 411 -20.01 15.42 16.59
C ILE B 411 -20.87 14.94 17.74
N THR B 412 -20.56 13.75 18.24
CA THR B 412 -21.33 13.12 19.31
C THR B 412 -20.37 12.29 20.15
N SER B 413 -20.21 12.67 21.42
CA SER B 413 -19.28 12.00 22.30
C SER B 413 -19.89 11.83 23.67
N ASN B 414 -19.44 10.80 24.38
CA ASN B 414 -19.88 10.52 25.74
C ASN B 414 -18.99 11.16 26.79
N GLY B 415 -17.91 11.81 26.38
CA GLY B 415 -16.98 12.44 27.30
C GLY B 415 -16.41 13.70 26.70
N ASP B 416 -15.61 14.41 27.50
CA ASP B 416 -15.01 15.65 27.05
C ASP B 416 -13.99 15.39 25.95
N ILE B 417 -14.01 16.23 24.92
CA ILE B 417 -13.10 16.09 23.79
C ILE B 417 -12.07 17.20 23.73
N THR B 418 -12.28 18.32 24.42
CA THR B 418 -11.26 19.36 24.46
C THR B 418 -10.01 18.91 25.20
N PHE B 419 -10.09 17.85 25.99
CA PHE B 419 -8.92 17.24 26.62
C PHE B 419 -8.39 16.17 25.68
N VAL B 420 -7.20 16.39 25.12
CA VAL B 420 -6.68 15.52 24.07
C VAL B 420 -5.79 14.45 24.68
N VAL B 421 -5.98 13.21 24.23
CA VAL B 421 -5.22 12.09 24.76
C VAL B 421 -3.90 11.95 24.02
N SER B 422 -2.84 11.67 24.77
CA SER B 422 -1.48 11.52 24.24
C SER B 422 -0.89 10.22 24.78
N GLY B 423 -0.91 9.18 23.96
CA GLY B 423 -0.28 7.92 24.29
C GLY B 423 -1.07 7.14 25.31
N ASN B 424 -0.98 7.56 26.56
CA ASN B 424 -1.87 7.09 27.60
C ASN B 424 -2.32 8.18 28.57
N THR B 425 -1.83 9.40 28.41
CA THR B 425 -2.15 10.49 29.32
C THR B 425 -3.11 11.46 28.64
N THR B 426 -3.43 12.55 29.33
CA THR B 426 -4.33 13.57 28.82
C THR B 426 -3.70 14.94 29.02
N THR B 427 -3.83 15.79 28.00
CA THR B 427 -3.32 17.16 28.05
C THR B 427 -4.42 18.12 27.64
N THR B 428 -4.37 19.32 28.23
CA THR B 428 -5.30 20.39 27.94
C THR B 428 -4.65 21.55 27.18
N VAL B 429 -3.57 21.27 26.44
CA VAL B 429 -2.90 22.32 25.68
C VAL B 429 -3.83 22.84 24.59
N HIS B 430 -4.49 21.95 23.86
CA HIS B 430 -5.35 22.33 22.74
C HIS B 430 -6.80 22.47 23.21
N ALA B 431 -6.98 23.32 24.22
CA ALA B 431 -8.29 23.51 24.84
C ALA B 431 -8.99 24.75 24.30
N LYS B 432 -8.36 25.91 24.41
CA LYS B 432 -8.99 27.15 23.96
C LYS B 432 -9.20 27.14 22.45
N ALA B 433 -8.21 26.65 21.69
CA ALA B 433 -8.32 26.66 20.24
C ALA B 433 -9.50 25.82 19.76
N LEU B 434 -9.68 24.62 20.33
CA LEU B 434 -10.81 23.79 19.94
C LEU B 434 -12.13 24.39 20.38
N LYS B 435 -12.17 24.97 21.59
CA LYS B 435 -13.39 25.61 22.07
C LYS B 435 -13.75 26.85 21.26
N GLU B 436 -12.79 27.41 20.53
CA GLU B 436 -13.07 28.60 19.74
C GLU B 436 -13.93 28.32 18.50
N ARG B 437 -14.17 27.06 18.17
CA ARG B 437 -14.87 26.72 16.92
C ARG B 437 -15.92 25.65 17.16
N MET B 438 -16.59 25.69 18.30
CA MET B 438 -17.60 24.70 18.63
C MET B 438 -18.79 25.36 19.31
N VAL B 439 -19.96 24.75 19.14
CA VAL B 439 -21.16 25.11 19.90
C VAL B 439 -21.68 23.83 20.55
N LYS B 440 -21.86 23.88 21.87
CA LYS B 440 -22.11 22.70 22.68
C LYS B 440 -23.55 22.66 23.17
N LEU B 441 -24.12 21.46 23.18
CA LEU B 441 -25.45 21.20 23.70
C LEU B 441 -25.36 20.07 24.71
N ASN B 442 -26.16 20.16 25.78
CA ASN B 442 -26.17 19.18 26.85
C ASN B 442 -27.47 18.40 26.81
N PHE B 443 -27.35 17.07 26.82
CA PHE B 443 -28.49 16.16 26.82
C PHE B 443 -28.43 15.37 28.13
N THR B 444 -29.00 15.95 29.19
CA THR B 444 -28.89 15.36 30.52
C THR B 444 -30.06 14.45 30.86
N VAL B 445 -31.26 14.74 30.36
CA VAL B 445 -32.45 13.99 30.73
C VAL B 445 -32.51 12.72 29.88
N ARG B 446 -32.43 11.57 30.53
CA ARG B 446 -32.53 10.30 29.82
C ARG B 446 -33.95 10.08 29.32
N CYS B 447 -34.06 9.37 28.19
CA CYS B 447 -35.34 9.08 27.57
C CYS B 447 -35.67 7.60 27.74
N SER B 448 -36.85 7.23 27.27
CA SER B 448 -37.37 5.88 27.34
C SER B 448 -37.29 5.19 25.97
N PRO B 449 -37.15 3.87 25.92
CA PRO B 449 -37.04 3.19 24.62
C PRO B 449 -38.33 3.26 23.83
N ASP B 450 -38.66 4.46 23.35
CA ASP B 450 -39.89 4.69 22.60
C ASP B 450 -39.62 5.18 21.19
N MET B 451 -38.71 6.13 21.01
CA MET B 451 -38.43 6.72 19.72
C MET B 451 -37.82 5.69 18.77
N GLY B 452 -38.57 5.31 17.74
CA GLY B 452 -38.12 4.29 16.81
C GLY B 452 -37.37 4.82 15.60
N LEU B 453 -36.15 5.31 15.80
CA LEU B 453 -35.29 5.76 14.71
C LEU B 453 -35.96 6.87 13.89
N LEU B 454 -36.05 8.04 14.53
CA LEU B 454 -36.65 9.23 13.94
C LEU B 454 -36.26 9.39 12.47
N THR B 455 -37.27 9.43 11.61
CA THR B 455 -37.02 9.51 10.18
C THR B 455 -36.68 10.93 9.76
N GLU B 456 -36.18 11.07 8.54
CA GLU B 456 -35.79 12.38 8.04
C GLU B 456 -37.01 13.27 7.81
N ALA B 457 -38.15 12.69 7.46
CA ALA B 457 -39.32 13.49 7.14
C ALA B 457 -39.77 14.33 8.33
N ASP B 458 -39.32 14.00 9.54
CA ASP B 458 -39.64 14.81 10.70
C ASP B 458 -39.03 16.20 10.59
N VAL B 459 -37.76 16.29 10.17
CA VAL B 459 -37.08 17.58 10.25
C VAL B 459 -37.71 18.59 9.33
N GLN B 460 -38.27 18.15 8.20
CA GLN B 460 -38.98 19.06 7.32
C GLN B 460 -40.08 19.79 8.05
N GLN B 461 -40.83 19.08 8.91
CA GLN B 461 -41.83 19.74 9.74
C GLN B 461 -41.17 20.69 10.72
N TRP B 462 -40.06 20.29 11.32
CA TRP B 462 -39.45 21.08 12.37
C TRP B 462 -38.78 22.33 11.81
N LEU B 463 -38.02 22.19 10.72
CA LEU B 463 -37.28 23.32 10.19
C LEU B 463 -38.20 24.32 9.51
N THR B 464 -39.15 23.84 8.68
CA THR B 464 -40.02 24.75 7.95
C THR B 464 -40.81 25.63 8.90
N TRP B 465 -41.27 25.07 10.02
CA TRP B 465 -41.93 25.89 11.03
C TRP B 465 -40.96 26.92 11.60
N CYS B 466 -39.74 26.48 11.94
CA CYS B 466 -38.79 27.38 12.59
C CYS B 466 -38.43 28.55 11.69
N ASN B 467 -38.26 28.29 10.38
CA ASN B 467 -37.95 29.37 9.46
C ASN B 467 -39.12 30.31 9.24
N ALA B 468 -40.34 29.90 9.60
CA ALA B 468 -41.52 30.71 9.29
C ALA B 468 -41.61 31.92 10.20
N GLN B 469 -41.30 31.77 11.48
CA GLN B 469 -41.54 32.82 12.44
C GLN B 469 -40.45 33.89 12.37
N SER B 470 -40.65 34.95 13.15
CA SER B 470 -39.73 36.08 13.14
C SER B 470 -38.39 35.70 13.76
N TRP B 471 -37.34 36.37 13.29
CA TRP B 471 -35.98 36.08 13.71
C TRP B 471 -35.45 37.02 14.78
N ASP B 472 -36.27 37.95 15.28
CA ASP B 472 -35.75 38.96 16.18
C ASP B 472 -35.61 38.43 17.60
N HIS B 473 -35.04 37.23 17.73
CA HIS B 473 -34.51 36.75 18.99
C HIS B 473 -33.19 36.02 18.82
N TYR B 474 -32.82 35.65 17.60
CA TYR B 474 -31.58 34.93 17.33
C TYR B 474 -30.44 35.89 17.00
N GLU B 475 -30.72 36.95 16.25
CA GLU B 475 -29.70 37.96 15.98
C GLU B 475 -29.22 38.64 17.26
N ASN B 476 -30.04 38.68 18.31
CA ASN B 476 -29.58 39.16 19.60
C ASN B 476 -28.52 38.25 20.19
N TRP B 477 -28.46 37.00 19.75
CA TRP B 477 -27.40 36.08 20.15
C TRP B 477 -26.34 35.89 19.08
N ALA B 478 -26.69 36.12 17.81
CA ALA B 478 -25.74 35.93 16.72
C ALA B 478 -24.70 37.04 16.65
N ILE B 479 -24.95 38.18 17.30
CA ILE B 479 -23.95 39.24 17.31
C ILE B 479 -22.72 38.81 18.10
N ASN B 480 -22.92 38.04 19.17
CA ASN B 480 -21.83 37.59 20.04
C ASN B 480 -22.14 36.15 20.46
N TYR B 481 -21.56 35.19 19.76
CA TYR B 481 -21.80 33.79 20.06
C TYR B 481 -21.13 33.40 21.39
N THR B 482 -21.59 32.28 21.94
CA THR B 482 -21.02 31.71 23.15
C THR B 482 -20.65 30.26 22.88
N PHE B 483 -19.71 29.75 23.68
CA PHE B 483 -19.31 28.35 23.54
C PHE B 483 -20.47 27.42 23.81
N ASP B 484 -21.26 27.72 24.85
CA ASP B 484 -22.40 26.90 25.21
C ASP B 484 -23.69 27.57 24.77
N PHE B 485 -24.62 26.73 24.31
CA PHE B 485 -25.90 27.24 23.83
C PHE B 485 -26.73 27.74 25.02
N PRO B 486 -27.31 28.93 24.94
CA PRO B 486 -28.12 29.44 26.06
C PRO B 486 -29.31 28.53 26.34
N GLY B 487 -29.67 28.45 27.62
CA GLY B 487 -30.70 27.55 28.07
C GLY B 487 -32.11 27.96 27.71
N ILE B 488 -33.09 27.41 28.42
CA ILE B 488 -34.50 27.65 28.12
C ILE B 488 -34.96 28.92 28.82
N ASN B 489 -35.74 29.72 28.12
CA ASN B 489 -36.38 30.91 28.68
C ASN B 489 -37.87 30.63 28.80
N ALA B 490 -38.40 30.75 30.02
CA ALA B 490 -39.79 30.37 30.26
C ALA B 490 -40.77 31.37 29.65
N ASP B 491 -40.51 32.66 29.82
CA ASP B 491 -41.40 33.72 29.36
C ASP B 491 -41.03 34.23 27.97
N ALA B 492 -40.39 33.41 27.15
CA ALA B 492 -40.04 33.78 25.79
C ALA B 492 -40.37 32.71 24.77
N LEU B 493 -40.71 31.50 25.19
CA LEU B 493 -41.02 30.43 24.24
C LEU B 493 -42.30 30.75 23.49
N HIS B 494 -42.35 30.32 22.24
CA HIS B 494 -43.47 30.64 21.36
C HIS B 494 -44.74 30.00 21.88
N PRO B 495 -45.82 30.77 22.09
CA PRO B 495 -47.03 30.18 22.69
C PRO B 495 -47.65 29.06 21.87
N ASP B 496 -47.31 28.94 20.58
CA ASP B 496 -47.85 27.86 19.76
C ASP B 496 -47.39 26.48 20.23
N LEU B 497 -46.36 26.40 21.07
CA LEU B 497 -45.86 25.13 21.57
C LEU B 497 -46.06 24.93 23.06
N GLN B 498 -46.38 25.98 23.81
CA GLN B 498 -46.59 25.88 25.25
C GLN B 498 -47.76 24.96 25.59
N VAL C 201 17.47 25.06 -32.58
CA VAL C 201 17.03 23.68 -32.62
C VAL C 201 15.83 23.53 -33.56
N VAL C 202 15.97 22.64 -34.54
CA VAL C 202 14.91 22.46 -35.53
C VAL C 202 13.75 21.68 -34.90
N PRO C 203 12.52 22.19 -34.96
CA PRO C 203 11.39 21.43 -34.42
C PRO C 203 11.10 20.18 -35.23
N PHE C 204 10.54 19.18 -34.56
CA PHE C 204 10.17 17.94 -35.23
C PHE C 204 9.00 18.18 -36.18
N ASN C 205 9.03 17.45 -37.30
CA ASN C 205 8.03 17.60 -38.36
C ASN C 205 6.86 16.65 -38.23
N GLY C 206 6.85 15.78 -37.22
CA GLY C 206 5.75 14.84 -37.05
C GLY C 206 4.43 15.51 -36.71
N LYS C 207 3.41 15.24 -37.49
CA LYS C 207 2.08 15.81 -37.29
C LYS C 207 1.19 14.81 -36.55
N GLY C 208 -0.05 15.24 -36.27
CA GLY C 208 -0.98 14.41 -35.54
C GLY C 208 -2.35 14.43 -36.18
N THR C 209 -3.23 13.60 -35.64
CA THR C 209 -4.57 13.44 -36.18
C THR C 209 -5.45 14.61 -35.73
N LYS C 210 -6.75 14.52 -36.00
CA LYS C 210 -7.68 15.57 -35.59
C LYS C 210 -7.82 15.65 -34.08
N ALA C 211 -7.72 14.50 -33.40
CA ALA C 211 -7.85 14.50 -31.94
C ALA C 211 -6.75 15.31 -31.28
N SER C 212 -5.50 15.17 -31.77
CA SER C 212 -4.40 15.93 -31.20
C SER C 212 -4.58 17.43 -31.44
N ILE C 213 -5.06 17.80 -32.64
CA ILE C 213 -5.28 19.21 -32.93
C ILE C 213 -6.37 19.77 -32.03
N LYS C 214 -7.45 19.02 -31.82
CA LYS C 214 -8.50 19.47 -30.92
C LYS C 214 -7.98 19.61 -29.50
N PHE C 215 -7.14 18.67 -29.06
CA PHE C 215 -6.57 18.74 -27.73
C PHE C 215 -5.69 19.99 -27.58
N GLN C 216 -4.89 20.29 -28.59
CA GLN C 216 -4.04 21.47 -28.54
C GLN C 216 -4.88 22.75 -28.50
N THR C 217 -5.96 22.79 -29.29
CA THR C 217 -6.85 23.95 -29.24
C THR C 217 -7.49 24.10 -27.88
N MET C 218 -7.89 22.98 -27.26
CA MET C 218 -8.44 23.04 -25.91
C MET C 218 -7.41 23.55 -24.92
N VAL C 219 -6.15 23.14 -25.07
CA VAL C 219 -5.10 23.61 -24.18
C VAL C 219 -4.92 25.11 -24.33
N ASN C 220 -4.90 25.61 -25.56
CA ASN C 220 -4.78 27.05 -25.76
C ASN C 220 -5.96 27.81 -25.18
N TRP C 221 -7.17 27.28 -25.34
CA TRP C 221 -8.35 27.93 -24.77
C TRP C 221 -8.27 27.97 -23.25
N LEU C 222 -7.83 26.87 -22.63
CA LEU C 222 -7.65 26.85 -21.19
C LEU C 222 -6.62 27.88 -20.75
N CYS C 223 -5.52 27.98 -21.49
CA CYS C 223 -4.47 28.92 -21.12
C CYS C 223 -4.95 30.36 -21.21
N GLU C 224 -5.70 30.69 -22.27
CA GLU C 224 -6.03 32.10 -22.51
C GLU C 224 -7.09 32.60 -21.53
N ASN C 225 -7.95 31.71 -21.04
CA ASN C 225 -9.05 32.09 -20.16
C ASN C 225 -8.70 32.03 -18.68
N ARG C 226 -7.44 31.76 -18.35
CA ARG C 226 -7.00 31.67 -16.95
C ARG C 226 -7.79 30.62 -16.18
N VAL C 227 -8.06 29.50 -16.83
CA VAL C 227 -8.70 28.36 -16.20
C VAL C 227 -7.59 27.40 -15.80
N PHE C 228 -7.25 27.38 -14.50
CA PHE C 228 -6.14 26.59 -14.01
C PHE C 228 -6.55 25.54 -12.99
N THR C 229 -7.84 25.25 -12.85
CA THR C 229 -8.28 24.25 -11.90
C THR C 229 -9.62 23.68 -12.34
N GLU C 230 -9.96 22.51 -11.80
CA GLU C 230 -11.21 21.86 -12.18
C GLU C 230 -12.42 22.68 -11.77
N ASP C 231 -12.37 23.31 -10.60
CA ASP C 231 -13.52 24.08 -10.13
C ASP C 231 -13.82 25.24 -11.07
N LYS C 232 -12.79 25.96 -11.50
CA LYS C 232 -13.00 27.06 -12.44
C LYS C 232 -13.54 26.55 -13.76
N TRP C 233 -13.04 25.41 -14.24
CA TRP C 233 -13.52 24.84 -15.49
C TRP C 233 -15.00 24.47 -15.39
N LYS C 234 -15.39 23.85 -14.28
CA LYS C 234 -16.80 23.52 -14.09
C LYS C 234 -17.65 24.77 -14.00
N LEU C 235 -17.16 25.80 -13.32
CA LEU C 235 -17.93 27.02 -13.15
C LEU C 235 -18.13 27.74 -14.48
N VAL C 236 -17.11 27.76 -15.33
CA VAL C 236 -17.18 28.54 -16.56
C VAL C 236 -17.90 27.78 -17.66
N ASP C 237 -17.40 26.61 -18.03
CA ASP C 237 -17.92 25.84 -19.15
C ASP C 237 -18.27 24.44 -18.67
N PHE C 238 -19.50 24.27 -18.16
CA PHE C 238 -19.92 22.97 -17.66
C PHE C 238 -20.25 22.00 -18.78
N ASN C 239 -20.66 22.51 -19.94
CA ASN C 239 -21.08 21.64 -21.04
C ASN C 239 -19.91 20.79 -21.54
N GLN C 240 -18.78 21.43 -21.83
CA GLN C 240 -17.62 20.70 -22.33
C GLN C 240 -17.08 19.73 -21.27
N TYR C 241 -17.07 20.16 -20.01
CA TYR C 241 -16.62 19.29 -18.94
C TYR C 241 -17.50 18.05 -18.83
N THR C 242 -18.81 18.22 -18.95
CA THR C 242 -19.72 17.08 -18.93
C THR C 242 -19.48 16.19 -20.15
N LEU C 243 -19.23 16.79 -21.31
CA LEU C 243 -18.97 16.00 -22.50
C LEU C 243 -17.71 15.15 -22.34
N LEU C 244 -16.68 15.71 -21.73
CA LEU C 244 -15.40 15.01 -21.63
C LEU C 244 -15.43 13.90 -20.59
N SER C 245 -16.17 14.07 -19.50
CA SER C 245 -16.11 13.14 -18.38
C SER C 245 -16.84 11.82 -18.63
N SER C 246 -17.22 11.53 -19.87
CA SER C 246 -17.99 10.34 -20.17
C SER C 246 -17.13 9.14 -20.53
N SER C 247 -15.80 9.26 -20.47
CA SER C 247 -14.92 8.15 -20.79
C SER C 247 -13.59 8.38 -20.11
N HIS C 248 -12.80 7.29 -20.04
CA HIS C 248 -11.49 7.37 -19.41
C HIS C 248 -10.57 8.31 -20.17
N SER C 249 -10.63 8.27 -21.50
CA SER C 249 -9.82 9.16 -22.32
C SER C 249 -10.15 10.62 -22.03
N GLY C 250 -11.42 10.93 -21.77
CA GLY C 250 -11.78 12.29 -21.45
C GLY C 250 -11.14 12.77 -20.17
N SER C 251 -11.15 11.95 -19.12
CA SER C 251 -10.51 12.33 -17.87
C SER C 251 -9.01 12.51 -18.05
N PHE C 252 -8.38 11.60 -18.79
CA PHE C 252 -6.95 11.73 -19.07
C PHE C 252 -6.65 13.05 -19.78
N GLN C 253 -7.47 13.38 -20.79
CA GLN C 253 -7.27 14.63 -21.52
C GLN C 253 -7.48 15.83 -20.59
N ILE C 254 -8.44 15.75 -19.69
CA ILE C 254 -8.69 16.85 -18.76
C ILE C 254 -7.44 17.11 -17.91
N GLN C 255 -6.88 16.05 -17.33
CA GLN C 255 -5.71 16.22 -16.48
C GLN C 255 -4.52 16.77 -17.27
N SER C 256 -4.25 16.18 -18.44
CA SER C 256 -3.10 16.61 -19.23
C SER C 256 -3.26 18.05 -19.68
N ALA C 257 -4.47 18.43 -20.13
CA ALA C 257 -4.70 19.79 -20.59
C ALA C 257 -4.54 20.79 -19.45
N LEU C 258 -5.04 20.46 -18.27
CA LEU C 258 -4.89 21.37 -17.13
C LEU C 258 -3.41 21.59 -16.81
N LYS C 259 -2.64 20.50 -16.74
CA LYS C 259 -1.23 20.64 -16.42
C LYS C 259 -0.49 21.45 -17.47
N LEU C 260 -0.74 21.17 -18.75
CA LEU C 260 -0.05 21.88 -19.82
C LEU C 260 -0.42 23.36 -19.84
N ALA C 261 -1.70 23.68 -19.62
CA ALA C 261 -2.10 25.08 -19.59
C ALA C 261 -1.44 25.82 -18.44
N ILE C 262 -1.38 25.18 -17.26
CA ILE C 262 -0.73 25.82 -16.12
C ILE C 262 0.73 26.09 -16.44
N TYR C 263 1.42 25.10 -17.01
CA TYR C 263 2.83 25.30 -17.35
C TYR C 263 3.01 26.41 -18.36
N LYS C 264 2.17 26.44 -19.40
CA LYS C 264 2.31 27.44 -20.44
C LYS C 264 2.09 28.84 -19.89
N ALA C 265 1.10 29.00 -19.02
CA ALA C 265 0.80 30.34 -18.51
C ALA C 265 1.82 30.80 -17.48
N THR C 266 2.38 29.88 -16.69
CA THR C 266 3.22 30.26 -15.57
C THR C 266 4.72 30.15 -15.86
N ASN C 267 5.12 29.98 -17.12
CA ASN C 267 6.52 29.81 -17.46
C ASN C 267 7.10 31.11 -17.99
N LEU C 268 8.32 31.43 -17.54
CA LEU C 268 9.04 32.63 -17.96
C LEU C 268 8.24 33.90 -17.69
N VAL C 269 7.41 33.88 -16.65
CA VAL C 269 6.61 35.03 -16.27
C VAL C 269 6.72 35.18 -14.75
N PRO C 270 7.03 36.36 -14.24
CA PRO C 270 7.07 36.55 -12.78
C PRO C 270 5.72 36.25 -12.16
N THR C 271 5.76 35.61 -10.99
CA THR C 271 4.52 35.26 -10.31
C THR C 271 3.77 36.49 -9.82
N SER C 272 4.51 37.54 -9.44
CA SER C 272 3.87 38.73 -8.90
C SER C 272 2.91 39.39 -9.88
N THR C 273 3.11 39.19 -11.18
CA THR C 273 2.18 39.75 -12.16
C THR C 273 0.77 39.23 -11.94
N PHE C 274 0.64 37.99 -11.46
CA PHE C 274 -0.68 37.47 -11.13
C PHE C 274 -1.24 38.14 -9.89
N LEU C 275 -0.37 38.46 -8.92
CA LEU C 275 -0.83 39.17 -7.72
C LEU C 275 -1.28 40.57 -8.06
N LEU C 276 -0.51 41.29 -8.88
CA LEU C 276 -0.86 42.64 -9.25
C LEU C 276 -1.99 42.65 -10.27
N HIS C 277 -2.73 43.76 -10.29
CA HIS C 277 -3.84 43.91 -11.22
C HIS C 277 -3.41 44.68 -12.47
N MET C 284 -10.28 53.85 -5.16
CA MET C 284 -10.71 53.42 -3.85
C MET C 284 -9.65 53.75 -2.79
N CYS C 285 -10.11 54.20 -1.63
CA CYS C 285 -9.18 54.58 -0.57
C CYS C 285 -8.44 53.36 -0.03
N ILE C 286 -7.15 53.55 0.25
CA ILE C 286 -6.34 52.46 0.76
C ILE C 286 -6.51 52.33 2.27
N LYS C 287 -6.93 53.40 2.94
CA LYS C 287 -7.01 53.40 4.39
C LYS C 287 -8.06 52.44 4.92
N ASP C 288 -9.05 52.06 4.11
CA ASP C 288 -10.13 51.19 4.54
C ASP C 288 -9.95 49.75 4.10
N ASN C 289 -8.78 49.39 3.55
CA ASN C 289 -8.55 48.01 3.16
C ASN C 289 -8.47 47.11 4.38
N LYS C 290 -9.08 45.92 4.28
CA LYS C 290 -9.14 45.01 5.41
C LYS C 290 -7.75 44.52 5.82
N ILE C 291 -6.91 44.20 4.84
CA ILE C 291 -5.56 43.73 5.15
C ILE C 291 -4.76 44.83 5.81
N VAL C 292 -4.89 46.06 5.33
CA VAL C 292 -4.17 47.19 5.92
C VAL C 292 -4.60 47.38 7.37
N LYS C 293 -5.91 47.33 7.63
CA LYS C 293 -6.40 47.49 8.99
C LYS C 293 -5.90 46.36 9.89
N LEU C 294 -5.87 45.12 9.36
CA LEU C 294 -5.36 44.00 10.15
C LEU C 294 -3.90 44.20 10.50
N LEU C 295 -3.10 44.69 9.53
CA LEU C 295 -1.68 44.89 9.80
C LEU C 295 -1.44 46.04 10.77
N LEU C 296 -2.23 47.11 10.68
CA LEU C 296 -2.15 48.18 11.68
C LEU C 296 -2.50 47.66 13.07
N CYS C 297 -3.55 46.84 13.16
CA CYS C 297 -3.90 46.25 14.45
C CYS C 297 -2.80 45.35 14.99
N GLN C 298 -1.95 44.82 14.11
CA GLN C 298 -0.85 43.94 14.51
C GLN C 298 0.46 44.67 14.72
N ASN C 299 0.47 46.01 14.60
CA ASN C 299 1.66 46.83 14.79
C ASN C 299 2.75 46.45 13.79
N TYR C 300 2.42 46.61 12.51
CA TYR C 300 3.38 46.38 11.43
C TYR C 300 3.12 47.39 10.32
N ASP C 301 4.14 47.61 9.50
CA ASP C 301 4.05 48.55 8.39
C ASP C 301 3.53 47.81 7.17
N PRO C 302 2.32 48.12 6.68
CA PRO C 302 1.81 47.39 5.50
C PRO C 302 2.67 47.55 4.27
N LEU C 303 3.29 48.72 4.07
CA LEU C 303 4.14 48.91 2.90
C LEU C 303 5.32 47.95 2.91
N LEU C 304 5.99 47.84 4.05
CA LEU C 304 7.15 46.95 4.15
C LEU C 304 6.74 45.50 3.98
N VAL C 305 5.64 45.08 4.60
CA VAL C 305 5.19 43.70 4.47
C VAL C 305 4.82 43.39 3.03
N GLY C 306 4.11 44.31 2.37
CA GLY C 306 3.75 44.07 0.98
C GLY C 306 4.96 44.00 0.07
N GLN C 307 5.94 44.88 0.29
CA GLN C 307 7.16 44.82 -0.52
C GLN C 307 7.90 43.52 -0.29
N HIS C 308 7.99 43.07 0.97
CA HIS C 308 8.65 41.81 1.25
C HIS C 308 7.91 40.63 0.61
N VAL C 309 6.57 40.67 0.63
CA VAL C 309 5.81 39.60 -0.01
C VAL C 309 6.05 39.58 -1.50
N LEU C 310 6.08 40.76 -2.14
CA LEU C 310 6.35 40.83 -3.56
C LEU C 310 7.74 40.30 -3.90
N LYS C 311 8.73 40.64 -3.08
CA LYS C 311 10.07 40.13 -3.32
C LYS C 311 10.15 38.62 -3.08
N TRP C 312 9.43 38.13 -2.06
CA TRP C 312 9.54 36.72 -1.67
C TRP C 312 8.83 35.82 -2.66
N ILE C 313 7.73 36.30 -3.24
CA ILE C 313 6.93 35.43 -4.11
C ILE C 313 7.68 35.07 -5.38
N ASP C 314 8.47 35.99 -5.93
CA ASP C 314 9.25 35.68 -7.13
C ASP C 314 10.66 35.20 -6.77
N LYS C 315 10.77 34.30 -5.80
CA LYS C 315 12.01 33.64 -5.41
C LYS C 315 13.22 34.58 -5.47
N LYS C 316 13.06 35.77 -4.89
CA LYS C 316 14.09 36.80 -4.92
C LYS C 316 14.35 37.35 -3.53
N CYS C 317 14.46 36.46 -2.54
CA CYS C 317 14.66 36.89 -1.16
C CYS C 317 15.78 36.10 -0.52
N GLY C 318 16.79 35.74 -1.31
CA GLY C 318 17.91 34.99 -0.80
C GLY C 318 17.49 33.61 -0.31
N LYS C 319 18.16 33.15 0.74
CA LYS C 319 17.81 31.87 1.35
C LYS C 319 16.53 31.94 2.17
N LYS C 320 16.05 33.14 2.51
CA LYS C 320 14.84 33.29 3.31
C LYS C 320 13.64 32.98 2.43
N ASN C 321 13.40 31.69 2.24
CA ASN C 321 12.35 31.19 1.36
C ASN C 321 11.17 30.62 2.14
N THR C 322 10.94 31.12 3.35
CA THR C 322 9.80 30.67 4.15
C THR C 322 9.30 31.83 4.98
N LEU C 323 8.00 32.06 4.97
CA LEU C 323 7.36 33.09 5.76
C LEU C 323 6.49 32.41 6.81
N TRP C 324 6.72 32.76 8.08
CA TRP C 324 6.10 32.07 9.21
C TRP C 324 5.19 33.04 9.94
N PHE C 325 3.98 32.59 10.28
CA PHE C 325 3.06 33.34 11.13
C PHE C 325 2.93 32.62 12.47
N TYR C 326 3.14 33.36 13.56
CA TYR C 326 3.10 32.76 14.89
C TYR C 326 2.29 33.65 15.82
N GLY C 327 1.41 33.04 16.61
CA GLY C 327 0.62 33.78 17.56
C GLY C 327 -0.46 32.96 18.22
N PRO C 328 -1.15 33.57 19.19
CA PRO C 328 -2.24 32.88 19.89
C PRO C 328 -3.41 32.63 18.95
N PRO C 329 -4.34 31.75 19.32
CA PRO C 329 -5.43 31.41 18.42
C PRO C 329 -6.33 32.59 18.11
N SER C 330 -6.94 32.55 16.92
CA SER C 330 -7.89 33.57 16.46
C SER C 330 -7.24 34.95 16.39
N THR C 331 -6.21 35.05 15.56
CA THR C 331 -5.53 36.31 15.31
C THR C 331 -5.47 36.68 13.84
N GLY C 332 -5.97 35.83 12.95
CA GLY C 332 -5.99 36.12 11.53
C GLY C 332 -4.85 35.55 10.72
N LYS C 333 -4.05 34.63 11.28
CA LYS C 333 -2.94 34.07 10.53
C LYS C 333 -3.41 33.27 9.33
N THR C 334 -4.33 32.32 9.56
CA THR C 334 -4.79 31.46 8.48
C THR C 334 -5.55 32.25 7.43
N ASN C 335 -6.35 33.21 7.85
CA ASN C 335 -7.13 34.01 6.91
C ASN C 335 -6.22 34.76 5.95
N LEU C 336 -5.19 35.43 6.48
CA LEU C 336 -4.26 36.15 5.63
C LEU C 336 -3.46 35.19 4.77
N ALA C 337 -3.04 34.05 5.34
CA ALA C 337 -2.24 33.10 4.57
C ALA C 337 -3.01 32.55 3.37
N MET C 338 -4.28 32.20 3.58
CA MET C 338 -5.09 31.73 2.47
C MET C 338 -5.54 32.84 1.54
N ALA C 339 -5.55 34.09 2.02
CA ALA C 339 -5.92 35.19 1.14
C ALA C 339 -4.95 35.34 -0.01
N ILE C 340 -3.65 35.23 0.25
CA ILE C 340 -2.64 35.32 -0.80
C ILE C 340 -2.41 33.99 -1.50
N ALA C 341 -3.01 32.91 -1.01
CA ALA C 341 -2.93 31.63 -1.69
C ALA C 341 -3.99 31.45 -2.76
N LYS C 342 -5.01 32.28 -2.78
CA LYS C 342 -6.05 32.23 -3.81
C LYS C 342 -5.76 33.17 -4.96
N SER C 343 -4.67 33.92 -4.92
CA SER C 343 -4.30 34.83 -5.99
C SER C 343 -3.31 34.23 -6.97
N VAL C 344 -2.41 33.37 -6.51
CA VAL C 344 -1.47 32.67 -7.37
C VAL C 344 -2.25 31.68 -8.22
N PRO C 345 -1.72 31.23 -9.36
CA PRO C 345 -2.48 30.29 -10.22
C PRO C 345 -2.91 29.03 -9.48
N VAL C 346 -1.95 28.26 -8.97
CA VAL C 346 -2.25 27.03 -8.26
C VAL C 346 -1.39 26.98 -6.99
N TYR C 347 -2.01 26.60 -5.88
CA TYR C 347 -1.31 26.46 -4.61
C TYR C 347 -1.44 25.04 -4.09
N GLY C 348 -0.46 24.61 -3.29
CA GLY C 348 -0.42 23.26 -2.79
C GLY C 348 -0.44 23.23 -1.27
N MET C 349 -0.93 22.11 -0.75
CA MET C 349 -1.02 21.86 0.69
C MET C 349 -0.17 20.66 1.05
N VAL C 350 0.69 20.82 2.06
CA VAL C 350 1.39 19.69 2.63
C VAL C 350 0.43 18.89 3.51
N ASN C 351 0.35 17.59 3.25
CA ASN C 351 -0.54 16.74 4.03
C ASN C 351 0.04 16.49 5.41
N TRP C 352 -0.84 16.41 6.40
CA TRP C 352 -0.42 16.39 7.79
C TRP C 352 0.06 15.00 8.22
N ASN C 353 -0.79 13.99 8.06
CA ASN C 353 -0.51 12.65 8.56
C ASN C 353 -0.42 11.68 7.39
N ASN C 354 0.75 11.60 6.78
CA ASN C 354 1.02 10.50 5.86
C ASN C 354 2.33 9.79 6.16
N GLU C 355 3.36 10.55 6.56
CA GLU C 355 4.62 10.01 7.06
C GLU C 355 5.38 9.17 6.03
N ASN C 356 4.80 9.02 4.83
CA ASN C 356 5.45 8.25 3.78
C ASN C 356 5.54 9.09 2.51
N PHE C 357 4.52 9.91 2.27
CA PHE C 357 4.50 10.84 1.15
C PHE C 357 4.06 12.20 1.68
N PRO C 358 4.88 12.83 2.53
CA PRO C 358 4.46 14.08 3.15
C PRO C 358 4.51 15.27 2.22
N PHE C 359 4.96 15.12 0.97
CA PHE C 359 5.14 16.24 0.08
C PHE C 359 4.58 15.94 -1.31
N ASN C 360 3.36 15.42 -1.35
CA ASN C 360 2.62 15.35 -2.60
C ASN C 360 2.06 16.73 -2.93
N ASP C 361 1.35 16.82 -4.05
CA ASP C 361 0.79 18.05 -4.60
C ASP C 361 1.71 19.25 -4.38
N VAL C 362 2.99 19.06 -4.64
CA VAL C 362 3.96 20.15 -4.57
C VAL C 362 4.64 20.41 -5.91
N ALA C 363 4.63 19.44 -6.84
CA ALA C 363 5.22 19.63 -8.14
C ALA C 363 4.25 20.40 -9.03
N GLY C 364 4.71 21.52 -9.58
CA GLY C 364 3.91 22.35 -10.44
C GLY C 364 3.18 23.49 -9.75
N LYS C 365 3.02 23.41 -8.43
CA LYS C 365 2.37 24.48 -7.70
C LYS C 365 3.28 25.69 -7.61
N SER C 366 2.68 26.88 -7.58
CA SER C 366 3.44 28.12 -7.48
C SER C 366 3.64 28.59 -6.05
N LEU C 367 3.06 27.89 -5.08
CA LEU C 367 3.18 28.26 -3.68
C LEU C 367 2.72 27.08 -2.84
N VAL C 368 3.26 26.97 -1.62
CA VAL C 368 2.92 25.89 -0.71
C VAL C 368 2.52 26.49 0.62
N VAL C 369 1.43 25.98 1.19
CA VAL C 369 0.92 26.44 2.49
C VAL C 369 0.99 25.28 3.47
N TRP C 370 1.49 25.56 4.67
CA TRP C 370 1.60 24.62 5.78
C TRP C 370 0.76 25.17 6.93
N ASP C 371 -0.51 24.78 6.96
CA ASP C 371 -1.43 25.27 7.99
C ASP C 371 -1.42 24.33 9.18
N GLU C 372 -1.16 24.90 10.35
CA GLU C 372 -1.09 24.14 11.61
C GLU C 372 -0.09 23.01 11.49
N GLY C 373 1.17 23.39 11.26
CA GLY C 373 2.22 22.43 10.98
C GLY C 373 3.19 22.27 12.15
N ILE C 374 3.53 21.02 12.43
CA ILE C 374 4.57 20.68 13.40
C ILE C 374 5.51 19.68 12.74
N ILE C 375 6.82 19.93 12.89
CA ILE C 375 7.82 19.10 12.22
C ILE C 375 8.10 17.88 13.09
N LYS C 376 7.87 16.70 12.56
CA LYS C 376 8.21 15.46 13.24
C LYS C 376 9.65 15.06 12.89
N SER C 377 10.24 14.24 13.75
CA SER C 377 11.65 13.89 13.59
C SER C 377 11.91 13.05 12.36
N THR C 378 10.89 12.41 11.80
CA THR C 378 11.08 11.52 10.66
C THR C 378 10.96 12.23 9.31
N ILE C 379 10.58 13.51 9.30
CA ILE C 379 10.41 14.23 8.04
C ILE C 379 11.18 15.55 8.10
N VAL C 380 12.14 15.64 9.02
CA VAL C 380 12.89 16.88 9.16
C VAL C 380 13.80 17.13 7.96
N GLU C 381 14.40 16.07 7.42
CA GLU C 381 15.31 16.25 6.28
C GLU C 381 14.57 16.73 5.05
N ALA C 382 13.44 16.09 4.72
CA ALA C 382 12.66 16.51 3.56
C ALA C 382 12.12 17.91 3.76
N ALA C 383 11.68 18.25 4.97
CA ALA C 383 11.21 19.59 5.25
C ALA C 383 12.32 20.61 5.04
N LYS C 384 13.53 20.31 5.52
CA LYS C 384 14.65 21.22 5.30
C LYS C 384 14.91 21.41 3.81
N ALA C 385 14.90 20.32 3.05
CA ALA C 385 15.14 20.43 1.62
C ALA C 385 14.08 21.27 0.93
N ILE C 386 12.82 21.09 1.33
CA ILE C 386 11.73 21.84 0.67
C ILE C 386 11.81 23.32 1.03
N LEU C 387 11.97 23.64 2.32
CA LEU C 387 12.00 25.05 2.70
C LEU C 387 13.30 25.73 2.30
N GLY C 388 14.32 24.96 1.90
CA GLY C 388 15.54 25.59 1.41
C GLY C 388 15.30 26.45 0.20
N GLY C 389 14.46 25.99 -0.72
CA GLY C 389 14.15 26.75 -1.91
C GLY C 389 15.15 26.55 -3.03
N GLN C 390 15.56 25.32 -3.26
CA GLN C 390 16.51 24.98 -4.31
C GLN C 390 15.96 23.83 -5.14
N PRO C 391 16.33 23.75 -6.41
CA PRO C 391 15.80 22.69 -7.27
C PRO C 391 16.17 21.30 -6.75
N THR C 392 15.16 20.45 -6.63
CA THR C 392 15.34 19.09 -6.13
C THR C 392 14.40 18.16 -6.89
N ARG C 393 14.37 16.89 -6.49
CA ARG C 393 13.46 15.90 -7.04
C ARG C 393 12.71 15.23 -5.90
N VAL C 394 11.39 15.15 -6.02
CA VAL C 394 10.56 14.55 -4.99
C VAL C 394 9.95 13.26 -5.51
N ASP C 395 9.25 12.56 -4.62
CA ASP C 395 8.63 11.28 -4.93
C ASP C 395 7.12 11.44 -5.07
N GLN C 396 6.54 10.67 -5.99
CA GLN C 396 5.12 10.72 -6.27
C GLN C 396 4.55 9.32 -6.26
N LYS C 397 3.29 9.20 -5.83
CA LYS C 397 2.60 7.92 -5.89
C LYS C 397 2.33 7.53 -7.33
N MET C 398 2.49 6.24 -7.63
CA MET C 398 2.33 5.67 -8.97
C MET C 398 3.27 6.27 -9.99
N ARG C 399 4.31 6.99 -9.54
CA ARG C 399 5.29 7.60 -10.43
C ARG C 399 6.66 7.47 -9.79
N GLY C 400 7.67 8.00 -10.47
CA GLY C 400 9.05 7.92 -9.99
C GLY C 400 9.70 9.30 -10.09
N SER C 401 9.49 10.12 -9.06
CA SER C 401 10.20 11.37 -8.85
C SER C 401 9.85 12.44 -9.87
N VAL C 402 9.48 13.62 -9.39
CA VAL C 402 9.23 14.78 -10.23
C VAL C 402 10.19 15.89 -9.82
N ALA C 403 10.63 16.67 -10.81
CA ALA C 403 11.63 17.72 -10.59
C ALA C 403 10.93 18.99 -10.12
N VAL C 404 11.12 19.33 -8.84
CA VAL C 404 10.56 20.55 -8.29
C VAL C 404 11.60 21.65 -8.33
N PRO C 405 11.35 22.75 -9.02
CA PRO C 405 12.35 23.83 -9.11
C PRO C 405 12.38 24.78 -7.94
N GLY C 406 11.80 24.41 -6.81
CA GLY C 406 11.81 25.27 -5.63
C GLY C 406 10.65 26.25 -5.63
N VAL C 407 9.87 26.25 -4.56
CA VAL C 407 8.68 27.10 -4.48
C VAL C 407 8.60 27.73 -3.10
N PRO C 408 8.01 28.93 -3.03
CA PRO C 408 7.82 29.57 -1.73
C PRO C 408 6.87 28.79 -0.84
N VAL C 409 7.13 28.83 0.46
CA VAL C 409 6.35 28.13 1.46
C VAL C 409 5.98 29.10 2.56
N VAL C 410 4.71 29.09 2.97
CA VAL C 410 4.24 29.89 4.09
C VAL C 410 3.63 28.97 5.14
N ILE C 411 4.05 29.14 6.39
CA ILE C 411 3.68 28.25 7.48
C ILE C 411 2.94 29.05 8.55
N THR C 412 1.82 28.52 9.02
CA THR C 412 1.09 29.10 10.13
C THR C 412 1.00 28.09 11.26
N SER C 413 1.22 28.56 12.49
CA SER C 413 1.20 27.67 13.64
C SER C 413 0.91 28.49 14.89
N ASN C 414 0.45 27.79 15.93
CA ASN C 414 0.17 28.41 17.22
C ASN C 414 1.31 28.25 18.22
N GLY C 415 2.10 27.20 18.11
CA GLY C 415 3.24 27.01 18.98
C GLY C 415 4.55 27.22 18.25
N ASP C 416 5.65 26.71 18.81
CA ASP C 416 6.96 26.82 18.19
C ASP C 416 7.24 25.60 17.33
N ILE C 417 7.59 25.83 16.07
CA ILE C 417 7.87 24.73 15.15
C ILE C 417 9.36 24.41 15.05
N THR C 418 10.23 25.28 15.57
CA THR C 418 11.66 25.00 15.55
C THR C 418 12.06 23.91 16.53
N PHE C 419 11.18 23.54 17.46
CA PHE C 419 11.43 22.44 18.39
C PHE C 419 10.92 21.16 17.76
N VAL C 420 11.83 20.26 17.40
CA VAL C 420 11.45 19.06 16.66
C VAL C 420 10.95 18.01 17.63
N VAL C 421 9.76 17.48 17.36
CA VAL C 421 9.19 16.44 18.21
C VAL C 421 9.73 15.09 17.77
N SER C 422 10.25 14.32 18.72
CA SER C 422 10.74 12.96 18.46
C SER C 422 10.15 12.05 19.53
N GLY C 423 9.37 11.07 19.10
CA GLY C 423 8.70 10.21 20.06
C GLY C 423 7.78 11.03 20.93
N ASN C 424 8.01 11.00 22.24
CA ASN C 424 7.26 11.80 23.19
C ASN C 424 8.07 12.95 23.76
N THR C 425 9.26 13.20 23.22
CA THR C 425 10.14 14.25 23.73
C THR C 425 10.40 15.29 22.63
N THR C 426 11.10 16.35 23.01
CA THR C 426 11.36 17.47 22.12
C THR C 426 12.86 17.73 22.07
N THR C 427 13.40 17.85 20.87
CA THR C 427 14.82 18.11 20.65
C THR C 427 15.02 19.44 19.94
N THR C 428 16.16 20.06 20.22
CA THR C 428 16.52 21.37 19.65
C THR C 428 17.83 21.27 18.86
N VAL C 429 18.15 20.09 18.35
CA VAL C 429 19.33 19.94 17.51
C VAL C 429 19.16 20.72 16.21
N HIS C 430 17.99 20.58 15.57
CA HIS C 430 17.72 21.23 14.29
C HIS C 430 17.06 22.59 14.55
N ALA C 431 17.88 23.51 15.07
CA ALA C 431 17.42 24.85 15.39
C ALA C 431 17.98 25.90 14.46
N LYS C 432 19.31 25.98 14.34
CA LYS C 432 19.91 27.01 13.49
C LYS C 432 19.56 26.78 12.03
N ALA C 433 19.59 25.52 11.57
CA ALA C 433 19.33 25.24 10.17
C ALA C 433 17.93 25.68 9.76
N LEU C 434 16.94 25.41 10.60
CA LEU C 434 15.58 25.86 10.31
C LEU C 434 15.44 27.36 10.47
N LYS C 435 16.17 27.96 11.41
CA LYS C 435 16.07 29.41 11.61
C LYS C 435 16.62 30.17 10.42
N GLU C 436 17.66 29.66 9.76
CA GLU C 436 18.23 30.36 8.62
C GLU C 436 17.27 30.47 7.45
N ARG C 437 16.25 29.60 7.36
CA ARG C 437 15.41 29.64 6.12
C ARG C 437 14.05 30.30 6.37
N MET C 438 13.80 30.87 7.55
CA MET C 438 12.49 31.41 7.85
C MET C 438 12.57 32.89 8.24
N VAL C 439 11.49 33.61 7.95
CA VAL C 439 11.26 34.95 8.47
C VAL C 439 9.95 34.91 9.25
N LYS C 440 10.01 35.27 10.53
CA LYS C 440 8.89 35.08 11.44
C LYS C 440 8.13 36.37 11.65
N LEU C 441 6.81 36.26 11.74
CA LEU C 441 5.91 37.37 12.05
C LEU C 441 5.10 36.99 13.28
N ASN C 442 4.88 37.96 14.17
CA ASN C 442 4.14 37.75 15.40
C ASN C 442 2.78 38.43 15.29
N PHE C 443 1.73 37.65 15.53
CA PHE C 443 0.36 38.16 15.56
C PHE C 443 -0.21 38.06 16.97
N THR C 444 -0.73 39.17 17.46
CA THR C 444 -1.44 39.22 18.74
C THR C 444 -2.73 40.03 18.54
N VAL C 445 -3.42 40.33 19.63
CA VAL C 445 -4.66 41.12 19.61
C VAL C 445 -5.73 40.37 18.82
N ARG C 446 -6.74 39.85 19.53
CA ARG C 446 -7.75 39.04 18.90
C ARG C 446 -8.50 39.82 17.83
N CYS C 447 -8.79 39.15 16.71
CA CYS C 447 -9.47 39.78 15.59
C CYS C 447 -10.97 39.88 15.86
N SER C 448 -11.65 40.66 15.03
CA SER C 448 -13.08 40.84 15.18
C SER C 448 -13.79 39.52 14.90
N PRO C 449 -14.82 39.17 15.67
CA PRO C 449 -15.47 37.86 15.50
C PRO C 449 -16.13 37.67 14.15
N ASP C 450 -16.44 38.75 13.42
CA ASP C 450 -17.15 38.64 12.15
C ASP C 450 -16.42 39.40 11.05
N MET C 451 -15.10 39.26 10.99
CA MET C 451 -14.34 39.89 9.91
C MET C 451 -14.66 39.24 8.57
N GLY C 452 -14.84 37.92 8.56
CA GLY C 452 -15.16 37.21 7.34
C GLY C 452 -13.95 36.58 6.69
N LEU C 453 -14.01 36.37 5.38
CA LEU C 453 -12.92 35.78 4.61
C LEU C 453 -12.37 36.83 3.67
N LEU C 454 -11.05 37.04 3.72
CA LEU C 454 -10.42 38.04 2.87
C LEU C 454 -10.35 37.54 1.44
N THR C 455 -11.03 38.25 0.54
CA THR C 455 -11.04 37.88 -0.87
C THR C 455 -9.75 38.32 -1.55
N GLU C 456 -9.57 37.84 -2.78
CA GLU C 456 -8.36 38.16 -3.52
C GLU C 456 -8.31 39.61 -3.99
N ALA C 457 -9.47 40.27 -4.08
CA ALA C 457 -9.48 41.68 -4.48
C ALA C 457 -8.73 42.54 -3.48
N ASP C 458 -8.89 42.26 -2.18
CA ASP C 458 -8.17 43.01 -1.17
C ASP C 458 -6.66 42.82 -1.32
N VAL C 459 -6.22 41.58 -1.56
CA VAL C 459 -4.80 41.31 -1.74
C VAL C 459 -4.27 42.06 -2.96
N GLN C 460 -5.03 42.02 -4.06
CA GLN C 460 -4.58 42.70 -5.28
C GLN C 460 -4.46 44.21 -5.07
N GLN C 461 -5.46 44.81 -4.41
CA GLN C 461 -5.42 46.25 -4.16
C GLN C 461 -4.23 46.61 -3.28
N TRP C 462 -4.04 45.86 -2.18
CA TRP C 462 -2.96 46.17 -1.25
C TRP C 462 -1.60 46.02 -1.92
N LEU C 463 -1.41 44.93 -2.69
CA LEU C 463 -0.12 44.71 -3.32
C LEU C 463 0.14 45.73 -4.43
N THR C 464 -0.89 46.11 -5.19
CA THR C 464 -0.70 47.12 -6.21
C THR C 464 -0.30 48.46 -5.59
N TRP C 465 -0.96 48.85 -4.50
CA TRP C 465 -0.59 50.09 -3.83
C TRP C 465 0.83 50.01 -3.29
N CYS C 466 1.20 48.87 -2.70
CA CYS C 466 2.54 48.73 -2.16
C CYS C 466 3.60 48.81 -3.26
N ASN C 467 3.33 48.20 -4.40
CA ASN C 467 4.30 48.20 -5.50
C ASN C 467 4.42 49.56 -6.16
N ALA C 468 3.32 50.31 -6.24
CA ALA C 468 3.35 51.59 -6.95
C ALA C 468 4.26 52.60 -6.28
N GLN C 469 4.49 52.46 -4.98
CA GLN C 469 5.32 53.41 -4.24
C GLN C 469 6.80 53.12 -4.49
N SER C 470 7.66 53.74 -3.70
CA SER C 470 9.10 53.56 -3.82
C SER C 470 9.54 52.29 -3.10
N TRP C 471 10.84 52.04 -3.12
CA TRP C 471 11.42 50.88 -2.45
C TRP C 471 12.63 51.22 -1.60
N ASP C 472 13.01 52.49 -1.51
CA ASP C 472 14.27 52.86 -0.86
C ASP C 472 14.31 52.41 0.60
N HIS C 473 13.17 52.36 1.26
CA HIS C 473 13.13 51.92 2.65
C HIS C 473 13.22 50.40 2.79
N TYR C 474 13.17 49.66 1.69
CA TYR C 474 13.22 48.20 1.77
C TYR C 474 14.64 47.66 1.69
N GLU C 475 15.42 48.10 0.70
CA GLU C 475 16.78 47.58 0.57
C GLU C 475 17.67 47.99 1.74
N ASN C 476 17.24 48.99 2.52
CA ASN C 476 17.96 49.31 3.75
C ASN C 476 17.92 48.14 4.72
N TRP C 477 16.76 47.48 4.84
CA TRP C 477 16.64 46.31 5.69
C TRP C 477 17.08 45.04 4.97
N ALA C 478 16.97 45.01 3.64
CA ALA C 478 17.32 43.82 2.88
C ALA C 478 18.81 43.54 2.84
N ILE C 479 19.64 44.48 3.29
CA ILE C 479 21.08 44.23 3.35
C ILE C 479 21.38 43.12 4.35
N ASN C 480 20.72 43.16 5.51
CA ASN C 480 20.89 42.14 6.55
C ASN C 480 19.50 41.64 6.94
N TYR C 481 19.09 40.52 6.36
CA TYR C 481 17.83 39.91 6.75
C TYR C 481 17.90 39.42 8.18
N THR C 482 16.78 39.53 8.89
CA THR C 482 16.71 39.15 10.30
C THR C 482 15.64 38.09 10.51
N PHE C 483 15.87 37.23 11.49
CA PHE C 483 14.89 36.20 11.82
C PHE C 483 13.57 36.80 12.30
N ASP C 484 13.63 37.98 12.90
CA ASP C 484 12.45 38.68 13.39
C ASP C 484 12.16 39.86 12.50
N PHE C 485 10.92 39.98 12.05
CA PHE C 485 10.53 41.11 11.23
C PHE C 485 10.59 42.40 12.04
N PRO C 486 11.09 43.49 11.47
CA PRO C 486 11.18 44.74 12.22
C PRO C 486 9.80 45.28 12.57
N GLY C 487 9.72 45.93 13.74
CA GLY C 487 8.47 46.49 14.20
C GLY C 487 8.12 47.77 13.49
N ILE C 488 7.05 48.39 13.97
CA ILE C 488 6.54 49.62 13.39
C ILE C 488 6.97 50.81 14.26
N ASN C 489 7.45 51.86 13.61
CA ASN C 489 7.76 53.12 14.28
C ASN C 489 6.85 54.20 13.69
N ALA C 490 6.19 54.96 14.56
CA ALA C 490 5.18 55.91 14.12
C ALA C 490 5.76 57.02 13.26
N ASP C 491 7.08 57.20 13.26
CA ASP C 491 7.71 58.28 12.53
C ASP C 491 8.09 57.91 11.10
N ALA C 492 7.75 56.70 10.65
CA ALA C 492 8.15 56.24 9.33
C ALA C 492 6.99 55.80 8.44
N LEU C 493 5.75 55.95 8.89
CA LEU C 493 4.61 55.52 8.09
C LEU C 493 4.46 56.39 6.84
N HIS C 494 3.89 55.79 5.81
CA HIS C 494 3.57 56.54 4.60
C HIS C 494 2.55 57.63 4.94
N PRO C 495 2.66 58.81 4.34
CA PRO C 495 1.74 59.91 4.69
C PRO C 495 0.28 59.59 4.41
N ASP C 496 -0.01 58.65 3.51
CA ASP C 496 -1.39 58.29 3.25
C ASP C 496 -2.04 57.66 4.48
N LEU C 497 -1.29 56.85 5.22
CA LEU C 497 -1.80 56.12 6.38
C LEU C 497 -1.72 56.94 7.67
N GLN C 498 -1.11 58.11 7.64
CA GLN C 498 -0.99 58.92 8.84
C GLN C 498 -2.29 59.68 9.13
N VAL D 201 26.24 -12.77 -34.33
CA VAL D 201 25.45 -11.73 -33.68
C VAL D 201 24.72 -10.89 -34.73
N VAL D 202 24.36 -11.53 -35.83
CA VAL D 202 23.64 -10.82 -36.90
C VAL D 202 22.28 -10.35 -36.35
N PRO D 203 21.92 -9.08 -36.52
CA PRO D 203 20.68 -8.58 -35.93
C PRO D 203 19.45 -9.21 -36.57
N PHE D 204 18.36 -9.20 -35.80
CA PHE D 204 17.11 -9.79 -36.24
C PHE D 204 16.59 -9.07 -37.49
N ASN D 205 15.95 -9.84 -38.37
CA ASN D 205 15.50 -9.34 -39.66
C ASN D 205 14.08 -8.76 -39.61
N GLY D 206 13.47 -8.72 -38.44
CA GLY D 206 12.11 -8.18 -38.34
C GLY D 206 12.06 -6.71 -38.69
N LYS D 207 10.93 -6.31 -39.28
CA LYS D 207 10.70 -4.93 -39.69
C LYS D 207 9.36 -4.48 -39.14
N GLY D 208 9.31 -3.25 -38.63
CA GLY D 208 8.14 -2.74 -37.94
C GLY D 208 7.27 -1.84 -38.80
N THR D 209 6.21 -1.34 -38.17
CA THR D 209 5.22 -0.52 -38.85
C THR D 209 5.74 0.91 -38.99
N LYS D 210 4.88 1.81 -39.48
CA LYS D 210 5.29 3.20 -39.68
C LYS D 210 5.41 3.94 -38.36
N ALA D 211 4.55 3.62 -37.39
CA ALA D 211 4.62 4.27 -36.09
C ALA D 211 5.95 3.98 -35.40
N SER D 212 6.45 2.76 -35.56
CA SER D 212 7.75 2.42 -35.00
C SER D 212 8.87 3.22 -35.66
N ILE D 213 8.76 3.44 -36.97
CA ILE D 213 9.74 4.25 -37.67
C ILE D 213 9.73 5.68 -37.15
N LYS D 214 8.53 6.23 -36.93
CA LYS D 214 8.44 7.57 -36.36
C LYS D 214 9.03 7.61 -34.96
N PHE D 215 8.82 6.56 -34.17
CA PHE D 215 9.41 6.49 -32.83
C PHE D 215 10.92 6.49 -32.90
N GLN D 216 11.49 5.70 -33.82
CA GLN D 216 12.94 5.69 -33.97
C GLN D 216 13.48 7.05 -34.40
N THR D 217 12.79 7.71 -35.32
CA THR D 217 13.22 9.04 -35.75
C THR D 217 13.18 10.02 -34.60
N MET D 218 12.13 9.95 -33.77
CA MET D 218 12.06 10.85 -32.63
C MET D 218 13.17 10.56 -31.63
N VAL D 219 13.51 9.29 -31.43
CA VAL D 219 14.60 8.94 -30.52
C VAL D 219 15.92 9.50 -31.04
N ASN D 220 16.16 9.37 -32.35
CA ASN D 220 17.38 9.90 -32.92
C ASN D 220 17.44 11.42 -32.78
N TRP D 221 16.31 12.10 -33.01
CA TRP D 221 16.27 13.55 -32.84
C TRP D 221 16.58 13.95 -31.41
N LEU D 222 15.98 13.25 -30.44
CA LEU D 222 16.25 13.56 -29.04
C LEU D 222 17.72 13.33 -28.70
N CYS D 223 18.31 12.25 -29.21
CA CYS D 223 19.70 11.97 -28.90
C CYS D 223 20.63 13.01 -29.52
N GLU D 224 20.37 13.43 -30.75
CA GLU D 224 21.27 14.34 -31.43
C GLU D 224 21.01 15.81 -31.12
N ASN D 225 19.93 16.14 -30.43
CA ASN D 225 19.69 17.52 -30.01
C ASN D 225 20.02 17.75 -28.54
N ARG D 226 20.62 16.77 -27.87
CA ARG D 226 21.03 16.90 -26.47
C ARG D 226 19.86 17.29 -25.56
N VAL D 227 18.71 16.64 -25.77
CA VAL D 227 17.56 16.80 -24.90
C VAL D 227 17.42 15.54 -24.07
N PHE D 228 17.47 15.69 -22.75
CA PHE D 228 17.46 14.53 -21.86
C PHE D 228 16.43 14.63 -20.74
N THR D 229 15.74 15.75 -20.58
CA THR D 229 14.74 15.92 -19.53
C THR D 229 13.46 16.46 -20.12
N GLU D 230 12.38 16.33 -19.35
CA GLU D 230 11.08 16.81 -19.80
C GLU D 230 11.07 18.32 -19.99
N ASP D 231 11.76 19.05 -19.11
CA ASP D 231 11.75 20.51 -19.19
C ASP D 231 12.43 21.00 -20.46
N LYS D 232 13.53 20.36 -20.86
CA LYS D 232 14.18 20.74 -22.11
C LYS D 232 13.26 20.52 -23.30
N TRP D 233 12.55 19.39 -23.32
CA TRP D 233 11.60 19.13 -24.39
C TRP D 233 10.48 20.15 -24.39
N LYS D 234 10.01 20.54 -23.20
CA LYS D 234 8.92 21.50 -23.12
C LYS D 234 9.34 22.88 -23.62
N LEU D 235 10.54 23.31 -23.28
CA LEU D 235 10.97 24.65 -23.67
C LEU D 235 11.69 24.68 -25.02
N VAL D 236 11.88 23.52 -25.66
CA VAL D 236 12.49 23.46 -26.98
C VAL D 236 11.45 23.20 -28.06
N ASP D 237 10.58 22.21 -27.86
CA ASP D 237 9.55 21.85 -28.83
C ASP D 237 8.26 21.58 -28.06
N PHE D 238 7.45 22.62 -27.89
CA PHE D 238 6.19 22.46 -27.16
C PHE D 238 5.15 21.74 -28.00
N ASN D 239 5.21 21.87 -29.32
CA ASN D 239 4.20 21.29 -30.18
C ASN D 239 4.21 19.76 -30.11
N GLN D 240 5.40 19.15 -30.21
CA GLN D 240 5.49 17.70 -30.18
C GLN D 240 5.05 17.17 -28.82
N TYR D 241 5.45 17.84 -27.74
CA TYR D 241 5.02 17.44 -26.41
C TYR D 241 3.50 17.49 -26.28
N THR D 242 2.91 18.58 -26.77
CA THR D 242 1.46 18.73 -26.66
C THR D 242 0.73 17.67 -27.48
N LEU D 243 1.23 17.38 -28.68
CA LEU D 243 0.59 16.36 -29.50
C LEU D 243 0.72 14.98 -28.86
N LEU D 244 1.87 14.69 -28.26
CA LEU D 244 2.06 13.36 -27.67
C LEU D 244 1.26 13.19 -26.38
N SER D 245 1.09 14.26 -25.60
CA SER D 245 0.43 14.15 -24.30
C SER D 245 -1.09 14.03 -24.39
N SER D 246 -1.64 13.78 -25.58
CA SER D 246 -3.08 13.70 -25.75
C SER D 246 -3.64 12.31 -25.49
N SER D 247 -2.80 11.32 -25.19
CA SER D 247 -3.27 9.96 -24.95
C SER D 247 -2.25 9.23 -24.10
N HIS D 248 -2.66 8.07 -23.57
CA HIS D 248 -1.78 7.30 -22.72
C HIS D 248 -0.58 6.76 -23.49
N SER D 249 -0.82 6.27 -24.71
CA SER D 249 0.27 5.72 -25.52
C SER D 249 1.31 6.80 -25.82
N GLY D 250 0.86 8.03 -26.04
CA GLY D 250 1.81 9.11 -26.27
C GLY D 250 2.73 9.36 -25.09
N SER D 251 2.17 9.34 -23.87
CA SER D 251 2.99 9.52 -22.69
C SER D 251 3.97 8.36 -22.51
N PHE D 252 3.52 7.14 -22.76
CA PHE D 252 4.43 6.00 -22.70
C PHE D 252 5.56 6.14 -23.71
N GLN D 253 5.23 6.59 -24.92
CA GLN D 253 6.26 6.82 -25.93
C GLN D 253 7.24 7.89 -25.47
N ILE D 254 6.73 8.93 -24.82
CA ILE D 254 7.60 10.00 -24.32
C ILE D 254 8.62 9.44 -23.35
N GLN D 255 8.14 8.66 -22.37
CA GLN D 255 9.05 8.14 -21.35
C GLN D 255 10.06 7.18 -21.95
N SER D 256 9.61 6.26 -22.81
CA SER D 256 10.52 5.29 -23.41
C SER D 256 11.55 5.98 -24.29
N ALA D 257 11.12 6.99 -25.06
CA ALA D 257 12.05 7.71 -25.92
C ALA D 257 13.10 8.44 -25.11
N LEU D 258 12.70 9.06 -24.00
CA LEU D 258 13.69 9.75 -23.17
C LEU D 258 14.72 8.77 -22.61
N LYS D 259 14.25 7.61 -22.11
CA LYS D 259 15.18 6.64 -21.56
C LYS D 259 16.13 6.10 -22.63
N LEU D 260 15.60 5.82 -23.83
CA LEU D 260 16.45 5.31 -24.90
C LEU D 260 17.46 6.34 -25.35
N ALA D 261 17.07 7.61 -25.42
CA ALA D 261 18.02 8.65 -25.78
C ALA D 261 19.13 8.76 -24.73
N ILE D 262 18.76 8.68 -23.45
CA ILE D 262 19.77 8.67 -22.40
C ILE D 262 20.77 7.54 -22.62
N TYR D 263 20.25 6.33 -22.85
CA TYR D 263 21.15 5.19 -23.03
C TYR D 263 22.05 5.36 -24.25
N LYS D 264 21.49 5.84 -25.35
CA LYS D 264 22.27 5.98 -26.57
C LYS D 264 23.38 7.01 -26.40
N ALA D 265 23.08 8.15 -25.79
CA ALA D 265 24.08 9.19 -25.68
C ALA D 265 25.03 9.00 -24.51
N THR D 266 24.74 8.09 -23.59
CA THR D 266 25.58 7.91 -22.41
C THR D 266 26.50 6.70 -22.51
N ASN D 267 26.09 5.65 -23.22
CA ASN D 267 26.87 4.42 -23.26
C ASN D 267 28.23 4.64 -23.91
N LEU D 268 29.27 4.07 -23.28
CA LEU D 268 30.62 4.06 -23.81
C LEU D 268 31.19 5.46 -24.01
N VAL D 269 30.77 6.41 -23.19
CA VAL D 269 31.34 7.76 -23.21
C VAL D 269 31.58 8.19 -21.77
N PRO D 270 32.79 8.59 -21.40
CA PRO D 270 33.02 9.06 -20.03
C PRO D 270 32.21 10.30 -19.72
N THR D 271 31.76 10.39 -18.46
CA THR D 271 30.91 11.50 -18.06
C THR D 271 31.65 12.84 -18.08
N SER D 272 32.94 12.82 -17.75
CA SER D 272 33.69 14.08 -17.63
C SER D 272 33.68 14.87 -18.92
N THR D 273 33.55 14.21 -20.07
CA THR D 273 33.53 14.93 -21.34
C THR D 273 32.39 15.93 -21.39
N PHE D 274 31.27 15.64 -20.72
CA PHE D 274 30.17 16.60 -20.67
C PHE D 274 30.55 17.82 -19.83
N LEU D 275 31.28 17.61 -18.74
CA LEU D 275 31.70 18.73 -17.91
C LEU D 275 32.70 19.62 -18.65
N LEU D 276 33.60 19.01 -19.41
CA LEU D 276 34.64 19.75 -20.10
C LEU D 276 34.10 20.45 -21.34
N HIS D 277 34.72 21.56 -21.69
CA HIS D 277 34.33 22.34 -22.86
C HIS D 277 35.54 22.67 -23.74
N MET D 284 38.28 32.83 -19.53
CA MET D 284 38.79 34.14 -19.14
C MET D 284 39.69 34.03 -17.91
N CYS D 285 39.58 35.00 -17.01
CA CYS D 285 40.36 34.97 -15.78
C CYS D 285 39.89 33.84 -14.87
N ILE D 286 40.82 33.34 -14.05
CA ILE D 286 40.52 32.24 -13.16
C ILE D 286 40.38 32.67 -11.70
N LYS D 287 40.96 33.81 -11.31
CA LYS D 287 40.87 34.26 -9.93
C LYS D 287 39.49 34.81 -9.58
N ASP D 288 38.67 35.15 -10.57
CA ASP D 288 37.34 35.70 -10.33
C ASP D 288 36.23 34.67 -10.42
N ASN D 289 36.57 33.39 -10.66
CA ASN D 289 35.56 32.35 -10.71
C ASN D 289 34.98 32.12 -9.32
N LYS D 290 33.65 31.99 -9.25
CA LYS D 290 32.98 31.90 -7.96
C LYS D 290 33.39 30.64 -7.20
N ILE D 291 33.46 29.51 -7.89
CA ILE D 291 33.80 28.26 -7.22
C ILE D 291 35.23 28.31 -6.67
N VAL D 292 36.14 28.94 -7.42
CA VAL D 292 37.52 29.06 -6.95
C VAL D 292 37.58 29.88 -5.67
N LYS D 293 36.85 31.00 -5.63
CA LYS D 293 36.83 31.82 -4.42
C LYS D 293 36.23 31.07 -3.25
N LEU D 294 35.14 30.34 -3.48
CA LEU D 294 34.52 29.57 -2.42
C LEU D 294 35.46 28.51 -1.88
N LEU D 295 36.15 27.80 -2.76
CA LEU D 295 37.07 26.76 -2.32
C LEU D 295 38.26 27.35 -1.57
N LEU D 296 38.77 28.50 -2.02
CA LEU D 296 39.86 29.15 -1.30
C LEU D 296 39.42 29.64 0.07
N CYS D 297 38.16 30.06 0.21
CA CYS D 297 37.66 30.52 1.50
C CYS D 297 37.69 29.40 2.53
N GLN D 298 37.38 28.18 2.10
CA GLN D 298 37.34 27.02 2.99
C GLN D 298 38.71 26.40 3.23
N ASN D 299 39.78 27.05 2.77
CA ASN D 299 41.16 26.58 2.98
C ASN D 299 41.38 25.21 2.33
N TYR D 300 41.12 25.15 1.03
CA TYR D 300 41.38 23.98 0.22
C TYR D 300 42.03 24.41 -1.09
N ASP D 301 42.78 23.49 -1.69
CA ASP D 301 43.41 23.80 -2.97
C ASP D 301 42.41 23.57 -4.09
N PRO D 302 42.01 24.62 -4.82
CA PRO D 302 41.01 24.43 -5.89
C PRO D 302 41.47 23.47 -6.97
N LEU D 303 42.77 23.47 -7.29
CA LEU D 303 43.27 22.59 -8.34
C LEU D 303 43.13 21.13 -7.95
N LEU D 304 43.52 20.79 -6.72
CA LEU D 304 43.43 19.40 -6.29
C LEU D 304 41.99 18.93 -6.24
N VAL D 305 41.09 19.77 -5.73
CA VAL D 305 39.68 19.41 -5.67
C VAL D 305 39.11 19.22 -7.07
N GLY D 306 39.47 20.11 -7.99
CA GLY D 306 38.99 19.96 -9.35
C GLY D 306 39.49 18.68 -10.00
N GLN D 307 40.77 18.36 -9.82
CA GLN D 307 41.29 17.11 -10.36
C GLN D 307 40.60 15.91 -9.76
N HIS D 308 40.35 15.94 -8.44
CA HIS D 308 39.68 14.83 -7.79
C HIS D 308 38.25 14.67 -8.31
N VAL D 309 37.54 15.77 -8.51
CA VAL D 309 36.18 15.69 -9.04
C VAL D 309 36.20 15.13 -10.46
N LEU D 310 37.16 15.59 -11.28
CA LEU D 310 37.24 15.09 -12.64
C LEU D 310 37.52 13.60 -12.68
N LYS D 311 38.41 13.12 -11.82
CA LYS D 311 38.75 11.69 -11.82
C LYS D 311 37.65 10.86 -11.17
N TRP D 312 36.90 11.43 -10.23
CA TRP D 312 35.89 10.68 -9.50
C TRP D 312 34.63 10.45 -10.33
N ILE D 313 34.26 11.41 -11.18
CA ILE D 313 33.04 11.30 -11.96
C ILE D 313 33.15 10.22 -13.03
N ASP D 314 34.35 9.75 -13.34
CA ASP D 314 34.57 8.73 -14.34
C ASP D 314 34.73 7.34 -13.74
N LYS D 315 34.41 7.18 -12.45
CA LYS D 315 34.55 5.90 -11.75
C LYS D 315 35.97 5.37 -11.85
N LYS D 316 36.95 6.26 -11.68
CA LYS D 316 38.36 5.90 -11.74
C LYS D 316 39.08 6.29 -10.46
N CYS D 317 38.44 6.01 -9.32
CA CYS D 317 39.04 6.28 -8.01
C CYS D 317 39.09 5.04 -7.12
N GLY D 318 38.82 3.86 -7.67
CA GLY D 318 38.82 2.65 -6.88
C GLY D 318 37.56 2.48 -6.06
N LYS D 319 37.70 2.52 -4.73
CA LYS D 319 36.55 2.36 -3.85
C LYS D 319 36.05 3.67 -3.28
N LYS D 320 36.82 4.75 -3.37
CA LYS D 320 36.36 6.04 -2.87
C LYS D 320 35.32 6.63 -3.82
N ASN D 321 34.14 6.05 -3.82
CA ASN D 321 33.08 6.42 -4.76
C ASN D 321 32.16 7.51 -4.23
N THR D 322 32.39 8.00 -3.01
CA THR D 322 31.51 8.96 -2.38
C THR D 322 32.27 10.19 -1.94
N LEU D 323 31.67 11.36 -2.14
CA LEU D 323 32.16 12.61 -1.59
C LEU D 323 31.23 13.06 -0.47
N TRP D 324 31.80 13.43 0.67
CA TRP D 324 31.04 13.85 1.83
C TRP D 324 31.36 15.31 2.13
N PHE D 325 30.34 16.14 2.19
CA PHE D 325 30.47 17.53 2.59
C PHE D 325 29.89 17.70 3.97
N TYR D 326 30.72 18.13 4.93
CA TYR D 326 30.32 18.21 6.32
C TYR D 326 30.63 19.61 6.85
N GLY D 327 29.70 20.16 7.64
CA GLY D 327 29.90 21.44 8.25
C GLY D 327 28.64 22.09 8.77
N PRO D 328 28.79 23.25 9.39
CA PRO D 328 27.63 23.98 9.92
C PRO D 328 26.76 24.51 8.80
N PRO D 329 25.52 24.89 9.10
CA PRO D 329 24.61 25.35 8.04
C PRO D 329 25.06 26.66 7.41
N SER D 330 24.55 26.90 6.21
CA SER D 330 24.84 28.11 5.43
C SER D 330 26.35 28.24 5.17
N THR D 331 26.88 27.25 4.48
CA THR D 331 28.30 27.21 4.17
C THR D 331 28.60 26.93 2.70
N GLY D 332 27.64 26.41 1.95
CA GLY D 332 27.81 26.21 0.52
C GLY D 332 27.88 24.77 0.06
N LYS D 333 27.60 23.80 0.92
CA LYS D 333 27.65 22.40 0.52
C LYS D 333 26.59 22.09 -0.53
N THR D 334 25.34 22.43 -0.24
CA THR D 334 24.24 22.11 -1.14
C THR D 334 24.38 22.84 -2.47
N ASN D 335 24.77 24.11 -2.43
CA ASN D 335 24.90 24.89 -3.65
C ASN D 335 25.94 24.28 -4.58
N LEU D 336 27.12 23.98 -4.06
CA LEU D 336 28.17 23.39 -4.88
C LEU D 336 27.77 22.00 -5.38
N ALA D 337 27.15 21.19 -4.52
CA ALA D 337 26.74 19.86 -4.94
C ALA D 337 25.72 19.93 -6.06
N MET D 338 24.76 20.85 -5.97
CA MET D 338 23.77 20.98 -7.03
C MET D 338 24.39 21.53 -8.31
N ALA D 339 25.32 22.48 -8.18
CA ALA D 339 25.97 23.03 -9.37
C ALA D 339 26.75 21.95 -10.11
N ILE D 340 27.46 21.09 -9.37
CA ILE D 340 28.14 19.97 -10.00
C ILE D 340 27.12 19.01 -10.62
N ALA D 341 26.03 18.74 -9.90
CA ALA D 341 25.03 17.80 -10.37
C ALA D 341 24.19 18.33 -11.52
N LYS D 342 24.29 19.61 -11.83
CA LYS D 342 23.46 20.21 -12.88
C LYS D 342 24.13 20.18 -14.24
N SER D 343 25.35 19.65 -14.35
CA SER D 343 26.06 19.60 -15.62
C SER D 343 26.12 18.21 -16.24
N VAL D 344 25.88 17.16 -15.48
CA VAL D 344 25.86 15.80 -16.01
C VAL D 344 24.63 15.64 -16.89
N PRO D 345 24.59 14.65 -17.79
CA PRO D 345 23.41 14.49 -18.65
C PRO D 345 22.11 14.35 -17.88
N VAL D 346 22.11 13.62 -16.78
CA VAL D 346 20.93 13.48 -15.93
C VAL D 346 21.38 12.96 -14.58
N TYR D 347 20.76 13.47 -13.53
CA TYR D 347 21.10 13.08 -12.16
C TYR D 347 19.85 12.61 -11.44
N GLY D 348 20.04 11.64 -10.53
CA GLY D 348 18.96 11.15 -9.73
C GLY D 348 19.19 11.43 -8.25
N MET D 349 18.12 11.49 -7.48
CA MET D 349 18.19 11.75 -6.05
C MET D 349 17.55 10.60 -5.30
N VAL D 350 18.10 10.29 -4.13
CA VAL D 350 17.53 9.27 -3.25
C VAL D 350 16.43 9.91 -2.42
N ASN D 351 15.24 9.30 -2.45
CA ASN D 351 14.13 9.83 -1.69
C ASN D 351 14.35 9.62 -0.19
N TRP D 352 13.89 10.58 0.60
CA TRP D 352 14.29 10.63 2.01
C TRP D 352 13.51 9.63 2.85
N ASN D 353 12.19 9.82 2.97
CA ASN D 353 11.38 9.00 3.85
C ASN D 353 10.42 8.16 3.01
N ASN D 354 10.92 7.02 2.54
CA ASN D 354 10.09 5.98 1.96
C ASN D 354 10.85 4.67 2.17
N GLU D 355 10.55 4.00 3.28
CA GLU D 355 11.33 2.81 3.66
C GLU D 355 10.69 1.55 3.11
N ASN D 356 10.30 1.60 1.86
CA ASN D 356 9.89 0.40 1.14
C ASN D 356 10.56 0.30 -0.22
N PHE D 357 10.70 1.43 -0.92
CA PHE D 357 11.56 1.58 -2.10
C PHE D 357 12.54 2.69 -1.80
N PRO D 358 13.54 2.43 -0.95
CA PRO D 358 14.42 3.51 -0.50
C PRO D 358 15.37 4.01 -1.56
N PHE D 359 15.72 3.19 -2.55
CA PHE D 359 16.71 3.54 -3.55
C PHE D 359 16.13 3.51 -4.96
N ASN D 360 14.93 4.04 -5.12
CA ASN D 360 14.42 4.27 -6.46
C ASN D 360 15.13 5.45 -7.08
N ASP D 361 14.85 5.68 -8.37
CA ASP D 361 15.41 6.82 -9.10
C ASP D 361 16.93 6.76 -9.12
N VAL D 362 17.49 5.58 -9.34
CA VAL D 362 18.93 5.41 -9.42
C VAL D 362 19.39 4.78 -10.73
N ALA D 363 18.54 3.99 -11.40
CA ALA D 363 18.94 3.35 -12.64
C ALA D 363 18.95 4.36 -13.78
N GLY D 364 19.95 4.28 -14.64
CA GLY D 364 20.06 5.18 -15.77
C GLY D 364 20.76 6.47 -15.46
N LYS D 365 20.56 6.99 -14.26
CA LYS D 365 21.16 8.26 -13.86
C LYS D 365 22.68 8.13 -13.76
N SER D 366 23.38 9.19 -14.14
CA SER D 366 24.82 9.22 -14.11
C SER D 366 25.38 9.77 -12.80
N LEU D 367 24.52 10.18 -11.87
CA LEU D 367 24.97 10.71 -10.60
C LEU D 367 23.84 10.55 -9.59
N VAL D 368 24.21 10.41 -8.31
CA VAL D 368 23.25 10.30 -7.23
C VAL D 368 23.60 11.33 -6.17
N VAL D 369 22.62 12.12 -5.75
CA VAL D 369 22.79 13.17 -4.75
C VAL D 369 22.00 12.79 -3.51
N TRP D 370 22.65 12.83 -2.36
CA TRP D 370 22.01 12.55 -1.07
C TRP D 370 22.10 13.83 -0.23
N ASP D 371 21.10 14.70 -0.39
CA ASP D 371 21.06 15.96 0.32
C ASP D 371 20.35 15.80 1.64
N GLU D 372 21.02 16.20 2.72
CA GLU D 372 20.50 16.05 4.08
C GLU D 372 20.10 14.60 4.34
N GLY D 373 21.09 13.72 4.28
CA GLY D 373 20.86 12.28 4.38
C GLY D 373 21.44 11.72 5.67
N ILE D 374 20.68 10.84 6.30
CA ILE D 374 21.13 10.08 7.46
C ILE D 374 20.84 8.61 7.21
N ILE D 375 21.82 7.76 7.46
CA ILE D 375 21.68 6.33 7.22
C ILE D 375 20.90 5.72 8.39
N LYS D 376 19.82 5.02 8.07
CA LYS D 376 19.02 4.34 9.07
C LYS D 376 19.29 2.84 9.04
N SER D 377 19.08 2.20 10.20
CA SER D 377 19.36 0.77 10.32
C SER D 377 18.51 -0.09 9.39
N THR D 378 17.39 0.44 8.89
CA THR D 378 16.55 -0.34 7.98
C THR D 378 17.18 -0.43 6.59
N ILE D 379 17.81 0.64 6.13
CA ILE D 379 18.30 0.73 4.76
C ILE D 379 19.82 0.74 4.70
N VAL D 380 20.50 0.35 5.78
CA VAL D 380 21.95 0.47 5.80
C VAL D 380 22.61 -0.53 4.85
N GLU D 381 22.00 -1.71 4.65
CA GLU D 381 22.56 -2.66 3.70
C GLU D 381 22.54 -2.10 2.28
N ALA D 382 21.42 -1.52 1.88
CA ALA D 382 21.32 -0.93 0.54
C ALA D 382 22.27 0.26 0.38
N ALA D 383 22.40 1.08 1.43
CA ALA D 383 23.36 2.19 1.36
C ALA D 383 24.78 1.68 1.21
N LYS D 384 25.14 0.61 1.94
CA LYS D 384 26.45 0.01 1.77
C LYS D 384 26.67 -0.54 0.38
N ALA D 385 25.66 -1.17 -0.22
CA ALA D 385 25.78 -1.69 -1.57
C ALA D 385 25.91 -0.58 -2.61
N ILE D 386 25.14 0.50 -2.47
CA ILE D 386 25.17 1.57 -3.46
C ILE D 386 26.43 2.41 -3.32
N LEU D 387 26.77 2.79 -2.09
CA LEU D 387 27.89 3.69 -1.88
C LEU D 387 29.22 3.06 -2.29
N GLY D 388 29.30 1.73 -2.31
CA GLY D 388 30.55 1.08 -2.67
C GLY D 388 30.99 1.37 -4.09
N GLY D 389 30.04 1.33 -5.03
CA GLY D 389 30.36 1.59 -6.41
C GLY D 389 30.57 0.31 -7.21
N GLN D 390 29.74 -0.69 -6.96
CA GLN D 390 29.81 -1.98 -7.64
C GLN D 390 28.45 -2.32 -8.23
N PRO D 391 28.41 -3.13 -9.29
CA PRO D 391 27.12 -3.52 -9.87
C PRO D 391 26.28 -4.29 -8.87
N THR D 392 25.00 -3.92 -8.80
CA THR D 392 24.03 -4.57 -7.93
C THR D 392 22.71 -4.71 -8.69
N ARG D 393 21.64 -5.01 -7.96
CA ARG D 393 20.30 -5.12 -8.52
C ARG D 393 19.32 -4.55 -7.51
N VAL D 394 18.70 -3.43 -7.85
CA VAL D 394 17.72 -2.78 -6.98
C VAL D 394 16.36 -2.82 -7.65
N ASP D 395 15.33 -3.11 -6.85
CA ASP D 395 13.98 -3.23 -7.38
C ASP D 395 13.43 -1.87 -7.80
N GLN D 396 12.56 -1.90 -8.80
CA GLN D 396 11.92 -0.68 -9.32
C GLN D 396 10.42 -0.92 -9.41
N LYS D 397 9.68 0.18 -9.43
CA LYS D 397 8.23 0.12 -9.56
C LYS D 397 7.85 -0.44 -10.93
N MET D 398 6.76 -1.21 -10.97
CA MET D 398 6.26 -1.85 -12.18
C MET D 398 7.26 -2.81 -12.81
N ARG D 399 8.20 -3.31 -12.01
CA ARG D 399 9.23 -4.21 -12.52
C ARG D 399 9.88 -4.91 -11.34
N GLY D 400 10.95 -5.65 -11.61
CA GLY D 400 11.73 -6.33 -10.58
C GLY D 400 13.19 -6.24 -10.96
N SER D 401 13.97 -5.51 -10.15
CA SER D 401 15.41 -5.32 -10.33
C SER D 401 15.73 -4.53 -11.60
N VAL D 402 16.86 -3.83 -11.60
CA VAL D 402 17.25 -3.04 -12.76
C VAL D 402 18.72 -3.15 -13.13
N ALA D 403 19.56 -3.75 -12.28
CA ALA D 403 20.99 -3.95 -12.58
C ALA D 403 21.70 -2.62 -12.81
N VAL D 404 21.78 -1.82 -11.77
CA VAL D 404 22.53 -0.57 -11.81
C VAL D 404 24.02 -0.87 -11.75
N PRO D 405 24.81 -0.48 -12.77
CA PRO D 405 26.24 -0.80 -12.80
C PRO D 405 27.12 0.22 -12.08
N GLY D 406 26.70 0.63 -10.88
CA GLY D 406 27.50 1.52 -10.08
C GLY D 406 27.38 2.98 -10.49
N VAL D 407 27.12 3.85 -9.51
CA VAL D 407 26.91 5.27 -9.79
C VAL D 407 27.64 6.10 -8.74
N PRO D 408 28.39 7.14 -9.13
CA PRO D 408 29.01 8.02 -8.14
C PRO D 408 27.95 8.72 -7.28
N VAL D 409 28.29 8.93 -6.02
CA VAL D 409 27.37 9.48 -5.03
C VAL D 409 28.02 10.68 -4.36
N VAL D 410 27.23 11.71 -4.10
CA VAL D 410 27.66 12.86 -3.32
C VAL D 410 26.69 13.05 -2.17
N ILE D 411 27.22 13.34 -0.99
CA ILE D 411 26.42 13.43 0.24
C ILE D 411 26.73 14.76 0.93
N THR D 412 25.70 15.47 1.34
CA THR D 412 25.83 16.68 2.13
C THR D 412 25.11 16.49 3.45
N SER D 413 25.75 16.93 4.54
CA SER D 413 25.19 16.72 5.87
C SER D 413 25.70 17.79 6.81
N ASN D 414 24.95 18.02 7.89
CA ASN D 414 25.40 18.92 8.94
C ASN D 414 26.05 18.17 10.09
N GLY D 415 25.64 16.93 10.33
CA GLY D 415 26.21 16.11 11.37
C GLY D 415 26.84 14.85 10.81
N ASP D 416 27.46 14.09 11.72
CA ASP D 416 28.11 12.85 11.32
C ASP D 416 27.08 11.83 10.87
N ILE D 417 27.39 11.13 9.78
CA ILE D 417 26.50 10.11 9.24
C ILE D 417 27.07 8.70 9.37
N THR D 418 28.34 8.56 9.76
CA THR D 418 28.89 7.23 10.00
C THR D 418 28.16 6.53 11.14
N PHE D 419 27.69 7.30 12.11
CA PHE D 419 26.88 6.76 13.19
C PHE D 419 25.49 6.45 12.65
N VAL D 420 25.02 5.23 12.92
CA VAL D 420 23.76 4.74 12.34
C VAL D 420 22.67 4.84 13.40
N VAL D 421 21.58 5.52 13.06
CA VAL D 421 20.44 5.64 13.95
C VAL D 421 19.59 4.38 13.86
N SER D 422 18.97 4.01 14.99
CA SER D 422 18.10 2.83 15.03
C SER D 422 17.15 3.03 16.20
N GLY D 423 15.87 3.21 15.91
CA GLY D 423 14.91 3.50 16.95
C GLY D 423 15.26 4.78 17.69
N ASN D 424 15.69 4.64 18.94
CA ASN D 424 16.12 5.77 19.75
C ASN D 424 17.59 5.67 20.17
N THR D 425 18.37 4.81 19.52
CA THR D 425 19.76 4.58 19.90
C THR D 425 20.65 4.61 18.67
N THR D 426 21.88 5.07 18.86
CA THR D 426 22.85 5.19 17.78
C THR D 426 23.91 4.10 17.94
N THR D 427 24.17 3.37 16.85
CA THR D 427 25.16 2.32 16.81
C THR D 427 26.35 2.74 15.95
N THR D 428 27.51 2.17 16.26
CA THR D 428 28.77 2.55 15.64
C THR D 428 29.44 1.34 14.98
N VAL D 429 28.75 0.20 14.90
CA VAL D 429 29.34 -1.00 14.32
C VAL D 429 29.68 -0.77 12.85
N HIS D 430 28.77 -0.16 12.10
CA HIS D 430 28.96 0.02 10.66
C HIS D 430 29.98 1.10 10.32
N ALA D 431 30.35 1.96 11.28
CA ALA D 431 31.15 3.14 10.96
C ALA D 431 32.47 2.76 10.28
N LYS D 432 33.21 1.83 10.89
CA LYS D 432 34.49 1.43 10.32
C LYS D 432 34.35 0.78 8.96
N ALA D 433 33.17 0.27 8.63
CA ALA D 433 32.92 -0.33 7.33
C ALA D 433 32.43 0.67 6.30
N LEU D 434 32.27 1.94 6.67
CA LEU D 434 31.81 2.98 5.76
C LEU D 434 32.89 3.99 5.40
N LYS D 435 33.80 4.29 6.31
CA LYS D 435 34.78 5.35 6.08
C LYS D 435 35.68 5.06 4.90
N GLU D 436 35.81 3.80 4.48
CA GLU D 436 36.62 3.49 3.31
C GLU D 436 35.97 3.89 2.00
N ARG D 437 34.65 4.03 1.98
CA ARG D 437 33.93 4.35 0.76
C ARG D 437 33.76 5.84 0.53
N MET D 438 34.20 6.68 1.46
CA MET D 438 33.88 8.10 1.43
C MET D 438 35.14 8.93 1.57
N VAL D 439 35.08 10.15 1.03
CA VAL D 439 36.11 11.17 1.22
C VAL D 439 35.45 12.39 1.84
N LYS D 440 35.99 12.88 2.94
CA LYS D 440 35.36 13.92 3.74
C LYS D 440 36.02 15.27 3.45
N LEU D 441 35.18 16.28 3.24
CA LEU D 441 35.61 17.66 3.10
C LEU D 441 34.90 18.50 4.15
N ASN D 442 35.64 19.34 4.86
CA ASN D 442 35.08 20.15 5.92
C ASN D 442 34.82 21.56 5.39
N PHE D 443 33.56 21.96 5.42
CA PHE D 443 33.15 23.30 5.01
C PHE D 443 32.78 24.09 6.25
N THR D 444 33.55 25.15 6.53
CA THR D 444 33.42 25.88 7.79
C THR D 444 33.04 27.34 7.60
N VAL D 445 33.70 28.06 6.69
CA VAL D 445 33.51 29.50 6.59
C VAL D 445 32.13 29.79 6.01
N ARG D 446 31.39 30.67 6.69
CA ARG D 446 30.05 31.04 6.25
C ARG D 446 30.11 31.85 4.96
N CYS D 447 29.08 31.70 4.13
CA CYS D 447 29.01 32.40 2.85
C CYS D 447 28.15 33.65 2.96
N SER D 448 28.47 34.64 2.13
CA SER D 448 27.71 35.87 2.09
C SER D 448 26.31 35.60 1.52
N PRO D 449 25.29 36.33 2.01
CA PRO D 449 23.94 36.11 1.50
C PRO D 449 23.79 36.39 0.01
N ASP D 450 24.55 37.34 -0.53
CA ASP D 450 24.42 37.74 -1.93
C ASP D 450 25.16 36.82 -2.89
N MET D 451 25.58 35.64 -2.44
CA MET D 451 26.33 34.74 -3.31
C MET D 451 25.50 34.30 -4.51
N GLY D 452 24.23 33.99 -4.29
CA GLY D 452 23.38 33.55 -5.37
C GLY D 452 23.61 32.09 -5.71
N LEU D 453 22.83 31.61 -6.66
CA LEU D 453 22.92 30.23 -7.10
C LEU D 453 24.02 30.09 -8.14
N LEU D 454 24.84 29.05 -8.01
CA LEU D 454 25.90 28.81 -8.98
C LEU D 454 25.31 28.28 -10.28
N THR D 455 26.03 28.52 -11.36
CA THR D 455 25.59 28.17 -12.70
C THR D 455 26.50 27.08 -13.27
N GLU D 456 25.97 26.31 -14.22
CA GLU D 456 26.76 25.29 -14.87
C GLU D 456 27.96 25.88 -15.60
N ALA D 457 27.86 27.13 -16.04
CA ALA D 457 28.97 27.79 -16.72
C ALA D 457 30.18 27.91 -15.80
N ASP D 458 29.96 28.27 -14.53
CA ASP D 458 31.07 28.43 -13.60
C ASP D 458 31.83 27.13 -13.40
N VAL D 459 31.10 26.04 -13.16
CA VAL D 459 31.76 24.76 -12.94
C VAL D 459 32.42 24.26 -14.22
N GLN D 460 31.80 24.52 -15.37
CA GLN D 460 32.41 24.12 -16.63
C GLN D 460 33.75 24.83 -16.84
N GLN D 461 33.78 26.14 -16.62
CA GLN D 461 35.04 26.88 -16.77
C GLN D 461 36.07 26.40 -15.76
N TRP D 462 35.67 26.20 -14.51
CA TRP D 462 36.60 25.77 -13.48
C TRP D 462 37.22 24.42 -13.83
N LEU D 463 36.39 23.46 -14.23
CA LEU D 463 36.92 22.13 -14.55
C LEU D 463 37.76 22.16 -15.82
N THR D 464 37.38 22.96 -16.82
CA THR D 464 38.19 23.05 -18.03
C THR D 464 39.57 23.62 -17.72
N TRP D 465 39.64 24.66 -16.89
CA TRP D 465 40.94 25.19 -16.50
C TRP D 465 41.73 24.17 -15.69
N CYS D 466 41.07 23.47 -14.77
CA CYS D 466 41.77 22.55 -13.89
C CYS D 466 42.31 21.34 -14.65
N ASN D 467 41.65 20.94 -15.73
CA ASN D 467 42.06 19.75 -16.45
C ASN D 467 43.43 19.92 -17.10
N ALA D 468 43.77 21.12 -17.56
CA ALA D 468 44.95 21.34 -18.37
C ALA D 468 46.23 21.54 -17.57
N GLN D 469 46.15 21.61 -16.24
CA GLN D 469 47.32 21.86 -15.42
C GLN D 469 48.06 20.56 -15.15
N SER D 470 49.01 20.61 -14.21
CA SER D 470 49.80 19.43 -13.86
C SER D 470 48.96 18.40 -13.13
N TRP D 471 49.30 17.13 -13.33
CA TRP D 471 48.62 16.02 -12.67
C TRP D 471 49.53 15.26 -11.71
N ASP D 472 50.76 15.71 -11.50
CA ASP D 472 51.71 14.93 -10.72
C ASP D 472 51.38 14.95 -9.23
N HIS D 473 50.98 16.11 -8.70
CA HIS D 473 50.64 16.19 -7.28
C HIS D 473 49.44 15.31 -6.96
N TYR D 474 48.44 15.30 -7.83
CA TYR D 474 47.26 14.48 -7.59
C TYR D 474 47.62 13.01 -7.57
N GLU D 475 48.47 12.56 -8.51
CA GLU D 475 48.89 11.17 -8.50
C GLU D 475 49.69 10.84 -7.25
N ASN D 476 50.56 11.75 -6.82
CA ASN D 476 51.35 11.52 -5.62
C ASN D 476 50.45 11.37 -4.40
N TRP D 477 49.38 12.16 -4.32
CA TRP D 477 48.43 11.99 -3.22
C TRP D 477 47.63 10.70 -3.38
N ALA D 478 47.28 10.34 -4.61
CA ALA D 478 46.41 9.21 -4.87
C ALA D 478 47.13 7.87 -4.78
N ILE D 479 48.45 7.86 -4.67
CA ILE D 479 49.14 6.59 -4.46
C ILE D 479 48.70 5.95 -3.15
N ASN D 480 48.23 6.76 -2.20
CA ASN D 480 47.68 6.26 -0.93
C ASN D 480 46.51 7.16 -0.56
N TYR D 481 45.30 6.74 -0.94
CA TYR D 481 44.12 7.52 -0.65
C TYR D 481 43.86 7.59 0.84
N THR D 482 43.42 8.74 1.30
CA THR D 482 43.14 8.98 2.72
C THR D 482 41.69 9.37 2.91
N PHE D 483 41.17 9.10 4.10
CA PHE D 483 39.78 9.42 4.40
C PHE D 483 39.53 10.92 4.34
N ASP D 484 40.44 11.71 4.88
CA ASP D 484 40.28 13.16 4.95
C ASP D 484 41.03 13.81 3.80
N PHE D 485 40.35 14.71 3.09
CA PHE D 485 40.98 15.44 2.01
C PHE D 485 42.07 16.35 2.58
N PRO D 486 43.29 16.32 2.05
CA PRO D 486 44.34 17.19 2.56
C PRO D 486 43.98 18.66 2.38
N GLY D 487 44.37 19.47 3.35
CA GLY D 487 44.07 20.88 3.33
C GLY D 487 44.95 21.63 2.34
N ILE D 488 44.78 22.95 2.34
CA ILE D 488 45.55 23.80 1.44
C ILE D 488 47.01 23.78 1.85
N ASN D 489 47.89 23.62 0.86
CA ASN D 489 49.33 23.68 1.08
C ASN D 489 49.82 25.00 0.48
N ALA D 490 50.31 25.89 1.34
CA ALA D 490 50.74 27.21 0.89
C ALA D 490 51.93 27.14 -0.06
N ASP D 491 52.70 26.03 -0.02
CA ASP D 491 53.87 25.94 -0.88
C ASP D 491 53.47 25.73 -2.34
N ALA D 492 52.51 24.84 -2.60
CA ALA D 492 52.11 24.54 -3.97
C ALA D 492 51.56 25.79 -4.65
N LEU D 493 50.40 26.26 -4.19
CA LEU D 493 49.89 27.60 -4.47
C LEU D 493 50.12 28.04 -5.91
N HIS D 494 49.47 27.36 -6.86
CA HIS D 494 49.60 27.63 -8.28
C HIS D 494 49.59 29.14 -8.57
N PRO D 495 50.50 29.62 -9.41
CA PRO D 495 50.61 31.08 -9.61
C PRO D 495 49.33 31.73 -10.12
N ASP D 496 48.50 30.98 -10.85
CA ASP D 496 47.24 31.53 -11.34
C ASP D 496 46.24 31.80 -10.22
N LEU D 497 46.48 31.32 -9.01
CA LEU D 497 45.58 31.54 -7.89
C LEU D 497 46.22 32.31 -6.74
N GLN D 498 47.47 32.74 -6.89
CA GLN D 498 48.15 33.48 -5.83
C GLN D 498 47.62 34.91 -5.71
N VAL E 201 2.83 -36.62 -24.07
CA VAL E 201 1.62 -36.93 -24.83
C VAL E 201 1.59 -36.15 -26.14
N VAL E 202 0.50 -36.30 -26.87
CA VAL E 202 0.36 -35.62 -28.17
C VAL E 202 0.26 -34.11 -27.94
N PRO E 203 1.03 -33.29 -28.65
CA PRO E 203 0.93 -31.84 -28.46
C PRO E 203 -0.44 -31.33 -28.90
N PHE E 204 -0.89 -30.28 -28.22
CA PHE E 204 -2.18 -29.68 -28.53
C PHE E 204 -2.13 -29.02 -29.91
N ASN E 205 -3.27 -29.03 -30.60
CA ASN E 205 -3.35 -28.61 -31.99
C ASN E 205 -3.61 -27.12 -32.16
N GLY E 206 -3.13 -26.28 -31.25
CA GLY E 206 -3.36 -24.85 -31.34
C GLY E 206 -2.78 -24.20 -32.59
N LYS E 207 -3.57 -23.34 -33.22
CA LYS E 207 -3.12 -22.54 -34.35
C LYS E 207 -2.94 -21.09 -33.90
N GLY E 208 -1.84 -20.48 -34.31
CA GLY E 208 -1.51 -19.13 -33.90
C GLY E 208 -1.38 -18.18 -35.07
N THR E 209 -1.65 -16.90 -34.80
CA THR E 209 -1.54 -15.85 -35.81
C THR E 209 -0.07 -15.52 -36.05
N LYS E 210 0.22 -15.01 -37.24
CA LYS E 210 1.57 -14.68 -37.70
C LYS E 210 2.39 -13.96 -36.64
N ALA E 211 1.75 -13.14 -35.82
CA ALA E 211 2.47 -12.47 -34.74
C ALA E 211 3.06 -13.48 -33.77
N SER E 212 2.34 -14.55 -33.48
CA SER E 212 2.85 -15.57 -32.57
C SER E 212 4.04 -16.31 -33.18
N ILE E 213 4.00 -16.57 -34.49
CA ILE E 213 5.15 -17.18 -35.15
C ILE E 213 6.35 -16.24 -35.10
N LYS E 214 6.11 -14.93 -35.27
CA LYS E 214 7.21 -13.97 -35.13
C LYS E 214 7.79 -13.99 -33.73
N PHE E 215 6.92 -14.08 -32.71
CA PHE E 215 7.39 -14.17 -31.34
C PHE E 215 8.24 -15.42 -31.12
N GLN E 216 7.79 -16.55 -31.67
CA GLN E 216 8.56 -17.79 -31.53
C GLN E 216 9.91 -17.66 -32.21
N THR E 217 9.94 -17.04 -33.39
CA THR E 217 11.21 -16.84 -34.08
C THR E 217 12.15 -15.96 -33.25
N MET E 218 11.61 -14.91 -32.63
CA MET E 218 12.44 -14.06 -31.78
C MET E 218 12.98 -14.83 -30.59
N VAL E 219 12.15 -15.70 -30.00
CA VAL E 219 12.62 -16.51 -28.88
C VAL E 219 13.74 -17.43 -29.31
N ASN E 220 13.60 -18.06 -30.48
CA ASN E 220 14.66 -18.93 -30.98
C ASN E 220 15.95 -18.15 -31.23
N TRP E 221 15.82 -16.95 -31.81
CA TRP E 221 17.01 -16.14 -32.07
C TRP E 221 17.69 -15.75 -30.77
N LEU E 222 16.91 -15.39 -29.74
CA LEU E 222 17.49 -15.05 -28.45
C LEU E 222 18.21 -16.24 -27.84
N CYS E 223 17.61 -17.43 -27.93
CA CYS E 223 18.24 -18.61 -27.34
C CYS E 223 19.53 -18.98 -28.07
N GLU E 224 19.54 -18.84 -29.39
CA GLU E 224 20.71 -19.27 -30.16
C GLU E 224 21.90 -18.35 -29.93
N ASN E 225 21.65 -17.06 -29.73
CA ASN E 225 22.72 -16.07 -29.57
C ASN E 225 23.14 -15.87 -28.12
N ARG E 226 22.59 -16.67 -27.20
CA ARG E 226 23.00 -16.65 -25.79
C ARG E 226 22.83 -15.26 -25.18
N VAL E 227 21.70 -14.63 -25.47
CA VAL E 227 21.37 -13.31 -24.93
C VAL E 227 20.30 -13.53 -23.85
N PHE E 228 20.64 -13.22 -22.61
CA PHE E 228 19.74 -13.46 -21.48
C PHE E 228 19.51 -12.22 -20.63
N THR E 229 20.02 -11.05 -21.04
CA THR E 229 19.85 -9.82 -20.29
C THR E 229 19.46 -8.69 -21.22
N GLU E 230 18.79 -7.69 -20.66
CA GLU E 230 18.36 -6.54 -21.44
C GLU E 230 19.56 -5.76 -21.98
N ASP E 231 20.59 -5.58 -21.15
CA ASP E 231 21.75 -4.82 -21.58
C ASP E 231 22.48 -5.50 -22.73
N LYS E 232 22.61 -6.83 -22.67
CA LYS E 232 23.19 -7.55 -23.79
C LYS E 232 22.35 -7.40 -25.05
N TRP E 233 21.02 -7.38 -24.88
CA TRP E 233 20.14 -7.16 -26.03
C TRP E 233 20.39 -5.80 -26.65
N LYS E 234 20.56 -4.77 -25.83
CA LYS E 234 20.84 -3.45 -26.35
C LYS E 234 22.19 -3.43 -27.07
N LEU E 235 23.21 -4.06 -26.47
CA LEU E 235 24.54 -4.03 -27.07
C LEU E 235 24.58 -4.76 -28.41
N VAL E 236 23.93 -5.92 -28.49
CA VAL E 236 24.00 -6.72 -29.72
C VAL E 236 23.10 -6.12 -30.79
N ASP E 237 21.80 -6.06 -30.52
CA ASP E 237 20.80 -5.60 -31.50
C ASP E 237 20.00 -4.47 -30.88
N PHE E 238 20.48 -3.24 -31.04
CA PHE E 238 19.77 -2.08 -30.52
C PHE E 238 18.57 -1.71 -31.39
N ASN E 239 18.65 -1.95 -32.69
CA ASN E 239 17.57 -1.55 -33.59
C ASN E 239 16.29 -2.29 -33.26
N GLN E 240 16.37 -3.61 -33.04
CA GLN E 240 15.16 -4.36 -32.71
C GLN E 240 14.62 -3.99 -31.33
N TYR E 241 15.50 -3.69 -30.39
CA TYR E 241 15.04 -3.25 -29.07
C TYR E 241 14.27 -1.94 -29.18
N THR E 242 14.80 -0.98 -29.94
CA THR E 242 14.10 0.27 -30.16
C THR E 242 12.78 0.03 -30.90
N LEU E 243 12.80 -0.90 -31.85
CA LEU E 243 11.59 -1.23 -32.60
C LEU E 243 10.50 -1.76 -31.69
N LEU E 244 10.86 -2.64 -30.75
CA LEU E 244 9.87 -3.22 -29.86
C LEU E 244 9.41 -2.25 -28.79
N SER E 245 10.29 -1.37 -28.33
CA SER E 245 9.90 -0.51 -27.22
C SER E 245 8.92 0.60 -27.60
N SER E 246 8.29 0.59 -28.77
CA SER E 246 7.38 1.66 -29.12
C SER E 246 6.10 1.63 -28.28
N SER E 247 5.56 0.44 -28.05
CA SER E 247 4.26 0.29 -27.41
C SER E 247 4.38 -0.61 -26.18
N HIS E 248 3.32 -0.58 -25.37
CA HIS E 248 3.30 -1.40 -24.15
C HIS E 248 3.36 -2.88 -24.48
N SER E 249 2.62 -3.30 -25.51
CA SER E 249 2.69 -4.68 -25.96
C SER E 249 4.12 -5.07 -26.34
N GLY E 250 4.88 -4.13 -26.88
CA GLY E 250 6.27 -4.41 -27.20
C GLY E 250 7.09 -4.71 -25.96
N SER E 251 6.91 -3.91 -24.90
CA SER E 251 7.63 -4.15 -23.65
C SER E 251 7.26 -5.49 -23.04
N PHE E 252 5.95 -5.81 -23.07
CA PHE E 252 5.52 -7.11 -22.57
C PHE E 252 6.16 -8.24 -23.35
N GLN E 253 6.20 -8.10 -24.68
CA GLN E 253 6.84 -9.12 -25.51
C GLN E 253 8.33 -9.24 -25.18
N ILE E 254 8.99 -8.11 -24.92
CA ILE E 254 10.41 -8.15 -24.57
C ILE E 254 10.64 -8.98 -23.32
N GLN E 255 9.87 -8.68 -22.26
CA GLN E 255 10.06 -9.41 -21.01
C GLN E 255 9.73 -10.89 -21.17
N SER E 256 8.61 -11.19 -21.82
CA SER E 256 8.22 -12.58 -21.99
C SER E 256 9.25 -13.36 -22.80
N ALA E 257 9.75 -12.76 -23.89
CA ALA E 257 10.74 -13.44 -24.71
C ALA E 257 12.03 -13.68 -23.94
N LEU E 258 12.47 -12.70 -23.14
CA LEU E 258 13.68 -12.89 -22.37
C LEU E 258 13.52 -14.06 -21.39
N LYS E 259 12.40 -14.09 -20.66
CA LYS E 259 12.21 -15.16 -19.69
C LYS E 259 12.12 -16.53 -20.38
N LEU E 260 11.40 -16.59 -21.51
CA LEU E 260 11.27 -17.85 -22.23
C LEU E 260 12.63 -18.34 -22.74
N ALA E 261 13.45 -17.42 -23.25
CA ALA E 261 14.77 -17.81 -23.74
C ALA E 261 15.65 -18.31 -22.61
N ILE E 262 15.59 -17.64 -21.44
CA ILE E 262 16.36 -18.10 -20.30
C ILE E 262 15.96 -19.52 -19.91
N TYR E 263 14.64 -19.78 -19.86
CA TYR E 263 14.22 -21.13 -19.50
C TYR E 263 14.64 -22.14 -20.54
N LYS E 264 14.51 -21.81 -21.83
CA LYS E 264 14.85 -22.76 -22.87
C LYS E 264 16.33 -23.11 -22.84
N ALA E 265 17.20 -22.12 -22.60
CA ALA E 265 18.62 -22.41 -22.53
C ALA E 265 19.01 -23.10 -21.22
N THR E 266 18.27 -22.83 -20.13
CA THR E 266 18.68 -23.34 -18.83
C THR E 266 18.21 -24.76 -18.57
N ASN E 267 17.18 -25.22 -19.28
CA ASN E 267 16.67 -26.57 -19.07
C ASN E 267 17.75 -27.60 -19.42
N LEU E 268 17.86 -28.62 -18.58
CA LEU E 268 18.96 -29.61 -18.66
C LEU E 268 20.27 -28.81 -18.60
N VAL E 269 21.31 -29.22 -19.31
CA VAL E 269 22.51 -28.41 -19.50
C VAL E 269 23.08 -27.92 -18.17
N PRO E 270 23.76 -28.77 -17.41
CA PRO E 270 24.25 -28.37 -16.09
C PRO E 270 25.06 -27.08 -16.14
N THR E 271 24.87 -26.25 -15.12
CA THR E 271 25.41 -24.89 -15.15
C THR E 271 26.93 -24.86 -15.29
N SER E 272 27.61 -25.90 -14.80
CA SER E 272 29.07 -25.91 -14.84
C SER E 272 29.60 -25.76 -16.26
N THR E 273 28.89 -26.31 -17.25
CA THR E 273 29.32 -26.17 -18.63
C THR E 273 29.39 -24.70 -19.05
N PHE E 274 28.42 -23.90 -18.60
CA PHE E 274 28.45 -22.47 -18.90
C PHE E 274 29.70 -21.79 -18.35
N LEU E 275 30.32 -22.38 -17.34
CA LEU E 275 31.53 -21.82 -16.75
C LEU E 275 32.80 -22.43 -17.34
N LEU E 276 32.68 -23.37 -18.28
CA LEU E 276 33.84 -24.04 -18.85
C LEU E 276 33.92 -23.83 -20.37
N HIS E 277 33.27 -22.80 -20.89
CA HIS E 277 33.28 -22.57 -22.33
C HIS E 277 34.69 -22.28 -22.84
N ALA E 278 35.45 -21.46 -22.11
CA ALA E 278 36.80 -21.11 -22.52
C ALA E 278 37.80 -21.39 -21.40
N CYS E 285 50.79 -19.45 -17.69
CA CYS E 285 50.82 -20.22 -16.45
C CYS E 285 49.60 -19.93 -15.60
N ILE E 286 49.54 -20.55 -14.43
CA ILE E 286 48.41 -20.38 -13.52
C ILE E 286 48.80 -19.71 -12.21
N LYS E 287 50.09 -19.59 -11.91
CA LYS E 287 50.51 -18.96 -10.67
C LYS E 287 50.19 -17.47 -10.63
N ASP E 288 49.99 -16.85 -11.80
CA ASP E 288 49.77 -15.41 -11.88
C ASP E 288 48.29 -15.04 -11.89
N ASN E 289 47.39 -16.00 -11.73
CA ASN E 289 45.97 -15.70 -11.72
C ASN E 289 45.60 -14.89 -10.49
N LYS E 290 44.78 -13.85 -10.71
CA LYS E 290 44.41 -12.95 -9.60
C LYS E 290 43.59 -13.69 -8.56
N ILE E 291 42.66 -14.55 -8.99
CA ILE E 291 41.84 -15.30 -8.03
C ILE E 291 42.71 -16.25 -7.22
N VAL E 292 43.66 -16.90 -7.87
CA VAL E 292 44.57 -17.80 -7.16
C VAL E 292 45.39 -17.02 -6.15
N LYS E 293 45.89 -15.85 -6.55
CA LYS E 293 46.68 -15.04 -5.62
C LYS E 293 45.84 -14.60 -4.43
N LEU E 294 44.58 -14.22 -4.67
CA LEU E 294 43.70 -13.85 -3.57
C LEU E 294 43.45 -15.03 -2.64
N LEU E 295 43.24 -16.22 -3.20
CA LEU E 295 42.98 -17.39 -2.38
C LEU E 295 44.20 -17.74 -1.53
N LEU E 296 45.40 -17.66 -2.11
CA LEU E 296 46.61 -17.87 -1.32
C LEU E 296 46.80 -16.79 -0.27
N CYS E 297 46.38 -15.55 -0.56
CA CYS E 297 46.49 -14.49 0.43
C CYS E 297 45.67 -14.80 1.68
N GLN E 298 44.57 -15.52 1.52
CA GLN E 298 43.74 -15.93 2.65
C GLN E 298 44.14 -17.28 3.22
N ASN E 299 45.22 -17.88 2.71
CA ASN E 299 45.72 -19.17 3.19
C ASN E 299 44.69 -20.27 3.01
N TYR E 300 44.20 -20.41 1.78
CA TYR E 300 43.25 -21.45 1.42
C TYR E 300 43.73 -22.14 0.15
N ASP E 301 43.35 -23.40 0.00
CA ASP E 301 43.75 -24.17 -1.16
C ASP E 301 42.99 -23.66 -2.39
N PRO E 302 43.68 -23.20 -3.43
CA PRO E 302 42.98 -22.78 -4.65
C PRO E 302 42.44 -23.94 -5.46
N LEU E 303 42.83 -25.17 -5.15
CA LEU E 303 42.37 -26.33 -5.89
C LEU E 303 41.10 -26.92 -5.29
N LEU E 304 41.05 -27.06 -3.97
CA LEU E 304 39.87 -27.61 -3.32
C LEU E 304 38.67 -26.67 -3.47
N VAL E 305 38.91 -25.37 -3.40
CA VAL E 305 37.81 -24.40 -3.52
C VAL E 305 37.18 -24.49 -4.90
N GLY E 306 37.99 -24.61 -5.95
CA GLY E 306 37.44 -24.74 -7.29
C GLY E 306 36.60 -26.01 -7.45
N GLN E 307 37.09 -27.12 -6.92
CA GLN E 307 36.32 -28.37 -6.98
C GLN E 307 35.01 -28.23 -6.23
N HIS E 308 35.03 -27.60 -5.06
CA HIS E 308 33.80 -27.40 -4.31
C HIS E 308 32.83 -26.53 -5.07
N VAL E 309 33.32 -25.47 -5.71
CA VAL E 309 32.45 -24.60 -6.50
C VAL E 309 31.82 -25.38 -7.64
N LEU E 310 32.62 -26.20 -8.33
CA LEU E 310 32.07 -27.01 -9.41
C LEU E 310 31.00 -27.96 -8.91
N LYS E 311 31.25 -28.64 -7.79
CA LYS E 311 30.26 -29.59 -7.27
C LYS E 311 29.06 -28.90 -6.64
N TRP E 312 29.18 -27.63 -6.28
CA TRP E 312 28.09 -26.92 -5.61
C TRP E 312 27.19 -26.18 -6.59
N ILE E 313 27.73 -25.69 -7.70
CA ILE E 313 26.92 -24.98 -8.67
C ILE E 313 26.08 -25.92 -9.53
N ASP E 314 26.37 -27.22 -9.50
CA ASP E 314 25.55 -28.22 -10.18
C ASP E 314 24.58 -28.91 -9.24
N LYS E 315 24.47 -28.44 -8.00
CA LYS E 315 23.62 -29.00 -6.95
C LYS E 315 24.04 -30.40 -6.54
N LYS E 316 25.24 -30.84 -6.93
CA LYS E 316 25.76 -32.15 -6.52
C LYS E 316 26.65 -32.01 -5.29
N CYS E 317 26.07 -31.46 -4.23
CA CYS E 317 26.82 -31.22 -3.00
C CYS E 317 26.12 -31.83 -1.79
N GLY E 318 24.79 -31.79 -1.78
CA GLY E 318 24.00 -32.33 -0.68
C GLY E 318 23.21 -31.23 0.00
N LYS E 319 23.09 -31.35 1.33
CA LYS E 319 22.37 -30.34 2.09
C LYS E 319 23.11 -29.02 2.17
N LYS E 320 24.42 -29.01 1.92
CA LYS E 320 25.23 -27.80 1.99
C LYS E 320 25.08 -27.05 0.67
N ASN E 321 23.93 -26.40 0.52
CA ASN E 321 23.60 -25.67 -0.69
C ASN E 321 24.12 -24.23 -0.69
N THR E 322 24.61 -23.74 0.44
CA THR E 322 25.01 -22.35 0.58
C THR E 322 26.54 -22.23 0.65
N LEU E 323 26.99 -20.98 0.72
CA LEU E 323 28.42 -20.69 0.79
C LEU E 323 28.58 -19.31 1.40
N TRP E 324 29.22 -19.24 2.56
CA TRP E 324 29.29 -18.01 3.35
C TRP E 324 30.68 -17.40 3.25
N PHE E 325 30.73 -16.10 2.99
CA PHE E 325 31.98 -15.34 2.91
C PHE E 325 32.00 -14.38 4.10
N TYR E 326 32.82 -14.70 5.10
CA TYR E 326 32.85 -13.96 6.35
C TYR E 326 34.22 -13.32 6.54
N GLY E 327 34.23 -12.06 6.99
CA GLY E 327 35.47 -11.39 7.30
C GLY E 327 35.33 -9.89 7.50
N PRO E 328 36.42 -9.24 7.89
CA PRO E 328 36.44 -7.78 8.04
C PRO E 328 36.34 -7.10 6.68
N PRO E 329 36.11 -5.79 6.65
CA PRO E 329 35.97 -5.10 5.36
C PRO E 329 37.25 -5.12 4.55
N SER E 330 37.09 -4.97 3.24
CA SER E 330 38.18 -4.93 2.27
C SER E 330 38.96 -6.25 2.27
N THR E 331 38.24 -7.34 1.96
CA THR E 331 38.84 -8.66 1.85
C THR E 331 38.44 -9.38 0.57
N GLY E 332 37.79 -8.70 -0.38
CA GLY E 332 37.48 -9.30 -1.66
C GLY E 332 36.30 -10.24 -1.67
N LYS E 333 35.47 -10.23 -0.63
CA LYS E 333 34.31 -11.11 -0.62
C LYS E 333 33.32 -10.74 -1.73
N THR E 334 32.94 -9.47 -1.79
CA THR E 334 31.99 -9.02 -2.80
C THR E 334 32.56 -9.17 -4.21
N ASN E 335 33.85 -8.88 -4.36
CA ASN E 335 34.48 -9.00 -5.68
C ASN E 335 34.39 -10.43 -6.19
N LEU E 336 34.78 -11.40 -5.36
CA LEU E 336 34.72 -12.80 -5.77
C LEU E 336 33.28 -13.26 -6.00
N ALA E 337 32.36 -12.82 -5.15
CA ALA E 337 30.97 -13.21 -5.31
C ALA E 337 30.42 -12.72 -6.65
N MET E 338 30.68 -11.47 -7.00
CA MET E 338 30.20 -10.93 -8.26
C MET E 338 30.91 -11.56 -9.45
N ALA E 339 32.20 -11.87 -9.31
CA ALA E 339 32.90 -12.54 -10.39
C ALA E 339 32.31 -13.91 -10.67
N ILE E 340 31.96 -14.65 -9.62
CA ILE E 340 31.28 -15.93 -9.81
C ILE E 340 29.90 -15.71 -10.40
N ALA E 341 29.21 -14.66 -9.97
CA ALA E 341 27.83 -14.42 -10.40
C ALA E 341 27.76 -14.13 -11.89
N LYS E 342 28.65 -13.28 -12.39
CA LYS E 342 28.53 -12.83 -13.77
C LYS E 342 28.83 -13.91 -14.79
N SER E 343 29.37 -15.06 -14.38
CA SER E 343 29.72 -16.12 -15.32
C SER E 343 28.55 -17.01 -15.68
N VAL E 344 27.58 -17.18 -14.79
CA VAL E 344 26.40 -18.00 -15.06
C VAL E 344 25.49 -17.21 -16.01
N PRO E 345 24.54 -17.86 -16.70
CA PRO E 345 23.66 -17.13 -17.62
C PRO E 345 22.98 -15.91 -17.01
N VAL E 346 22.24 -16.12 -15.92
CA VAL E 346 21.54 -15.03 -15.25
C VAL E 346 21.47 -15.34 -13.76
N TYR E 347 21.57 -14.30 -12.95
CA TYR E 347 21.57 -14.44 -11.50
C TYR E 347 20.57 -13.46 -10.89
N GLY E 348 19.99 -13.88 -9.76
CA GLY E 348 19.07 -13.05 -9.03
C GLY E 348 19.69 -12.52 -7.74
N MET E 349 18.94 -11.66 -7.07
CA MET E 349 19.37 -11.08 -5.81
C MET E 349 18.17 -10.96 -4.88
N VAL E 350 18.45 -10.93 -3.58
CA VAL E 350 17.42 -10.83 -2.55
C VAL E 350 17.17 -9.36 -2.25
N ASN E 351 15.90 -8.97 -2.28
CA ASN E 351 15.54 -7.60 -1.95
C ASN E 351 15.87 -7.31 -0.50
N TRP E 352 16.55 -6.18 -0.26
CA TRP E 352 17.00 -5.86 1.09
C TRP E 352 15.82 -5.48 1.98
N ASN E 353 14.88 -4.70 1.46
CA ASN E 353 13.74 -4.24 2.26
C ASN E 353 12.54 -4.03 1.36
N ASN E 354 11.67 -5.03 1.29
CA ASN E 354 10.39 -4.91 0.60
C ASN E 354 9.22 -5.35 1.46
N GLU E 355 9.42 -6.35 2.31
CA GLU E 355 8.47 -6.85 3.31
C GLU E 355 7.25 -7.54 2.69
N ASN E 356 7.14 -7.54 1.37
CA ASN E 356 6.07 -8.27 0.68
C ASN E 356 6.60 -9.23 -0.37
N PHE E 357 7.67 -8.85 -1.07
CA PHE E 357 8.33 -9.72 -2.04
C PHE E 357 9.80 -9.82 -1.68
N PRO E 358 10.14 -10.42 -0.54
CA PRO E 358 11.54 -10.44 -0.12
C PRO E 358 12.40 -11.34 -0.96
N PHE E 359 11.82 -12.39 -1.55
CA PHE E 359 12.57 -13.34 -2.37
C PHE E 359 12.14 -13.28 -3.83
N ASN E 360 11.76 -12.10 -4.30
CA ASN E 360 11.52 -11.90 -5.71
C ASN E 360 12.85 -11.91 -6.46
N ASP E 361 12.76 -12.00 -7.80
CA ASP E 361 13.90 -12.13 -8.68
C ASP E 361 14.69 -13.41 -8.44
N VAL E 362 14.12 -14.38 -7.74
CA VAL E 362 14.79 -15.64 -7.45
C VAL E 362 14.41 -16.71 -8.47
N ALA E 363 13.11 -16.84 -8.74
CA ALA E 363 12.65 -17.83 -9.71
C ALA E 363 13.14 -17.48 -11.11
N GLY E 364 13.54 -18.51 -11.85
CA GLY E 364 14.07 -18.30 -13.19
C GLY E 364 15.51 -17.84 -13.21
N LYS E 365 16.28 -18.23 -12.20
CA LYS E 365 17.68 -17.79 -12.13
C LYS E 365 18.61 -18.99 -12.02
N SER E 366 19.85 -18.77 -11.58
CA SER E 366 20.83 -19.88 -11.52
C SER E 366 21.67 -19.72 -10.25
N LEU E 367 21.86 -18.51 -9.78
CA LEU E 367 22.55 -18.30 -8.49
C LEU E 367 21.83 -17.14 -7.81
N VAL E 368 21.87 -17.05 -6.49
CA VAL E 368 21.28 -15.87 -5.81
C VAL E 368 22.38 -15.25 -4.97
N VAL E 369 22.79 -14.01 -5.24
CA VAL E 369 23.97 -13.46 -4.53
C VAL E 369 23.53 -12.59 -3.35
N TRP E 370 22.69 -13.10 -2.48
CA TRP E 370 22.33 -12.30 -1.28
C TRP E 370 23.59 -11.66 -0.71
N ASP E 371 23.77 -10.36 -0.96
CA ASP E 371 24.97 -9.64 -0.46
C ASP E 371 24.76 -9.28 1.01
N GLU E 372 25.19 -8.09 1.42
CA GLU E 372 25.07 -7.71 2.84
C GLU E 372 23.86 -8.44 3.39
N GLY E 373 24.06 -9.49 4.19
CA GLY E 373 22.92 -10.32 4.63
C GLY E 373 22.59 -10.20 6.09
N ILE E 374 21.30 -10.25 6.43
CA ILE E 374 20.85 -10.22 7.85
C ILE E 374 19.54 -10.99 7.86
N ILE E 375 19.40 -11.98 8.75
CA ILE E 375 18.19 -12.86 8.71
C ILE E 375 17.07 -12.25 9.53
N LYS E 376 16.15 -11.55 8.88
CA LYS E 376 15.04 -10.92 9.57
C LYS E 376 14.13 -11.97 10.19
N SER E 377 13.64 -11.67 11.41
CA SER E 377 12.74 -12.60 12.08
C SER E 377 11.43 -12.77 11.31
N THR E 378 11.06 -11.76 10.52
CA THR E 378 9.85 -11.87 9.71
C THR E 378 10.01 -12.91 8.61
N ILE E 379 11.20 -12.99 8.00
CA ILE E 379 11.44 -13.88 6.88
C ILE E 379 12.46 -14.96 7.24
N VAL E 380 12.62 -15.27 8.53
CA VAL E 380 13.60 -16.27 8.93
C VAL E 380 13.23 -17.64 8.41
N GLU E 381 11.95 -17.99 8.43
CA GLU E 381 11.55 -19.33 8.03
C GLU E 381 11.56 -19.52 6.52
N ALA E 382 11.37 -18.44 5.74
CA ALA E 382 11.54 -18.55 4.30
C ALA E 382 13.00 -18.75 3.92
N ALA E 383 13.91 -18.07 4.63
CA ALA E 383 15.33 -18.30 4.41
C ALA E 383 15.75 -19.70 4.86
N LYS E 384 15.11 -20.23 5.91
CA LYS E 384 15.38 -21.60 6.33
C LYS E 384 15.05 -22.60 5.23
N ALA E 385 14.14 -22.26 4.32
CA ALA E 385 13.77 -23.15 3.22
C ALA E 385 14.60 -22.88 1.97
N ILE E 386 14.80 -21.61 1.63
CA ILE E 386 15.58 -21.28 0.43
C ILE E 386 17.03 -21.72 0.59
N LEU E 387 17.62 -21.48 1.76
CA LEU E 387 19.01 -21.84 1.98
C LEU E 387 19.23 -23.34 1.95
N GLY E 388 18.21 -24.14 2.27
CA GLY E 388 18.36 -25.58 2.26
C GLY E 388 18.33 -26.22 0.88
N GLY E 389 17.76 -25.53 -0.10
CA GLY E 389 17.68 -26.04 -1.45
C GLY E 389 16.42 -26.79 -1.79
N GLN E 390 15.57 -27.08 -0.80
CA GLN E 390 14.32 -27.77 -1.07
C GLN E 390 13.34 -26.85 -1.80
N PRO E 391 12.50 -27.39 -2.67
CA PRO E 391 11.55 -26.54 -3.39
C PRO E 391 10.57 -25.85 -2.46
N THR E 392 10.18 -24.64 -2.85
CA THR E 392 9.20 -23.86 -2.10
C THR E 392 8.55 -22.88 -3.07
N ARG E 393 7.31 -22.49 -2.76
CA ARG E 393 6.57 -21.55 -3.59
C ARG E 393 6.54 -20.17 -2.92
N VAL E 394 6.75 -19.12 -3.72
CA VAL E 394 6.74 -17.75 -3.23
C VAL E 394 5.98 -16.88 -4.22
N ASP E 395 5.48 -15.75 -3.72
CA ASP E 395 4.76 -14.80 -4.55
C ASP E 395 5.71 -14.06 -5.49
N GLN E 396 5.23 -13.75 -6.70
CA GLN E 396 6.10 -13.26 -7.76
C GLN E 396 5.44 -12.12 -8.54
N LYS E 397 4.85 -11.15 -7.84
CA LYS E 397 4.43 -9.88 -8.43
C LYS E 397 3.41 -10.11 -9.56
N MET E 398 2.22 -10.56 -9.15
CA MET E 398 1.03 -10.90 -9.95
C MET E 398 0.87 -12.42 -10.00
N ARG E 399 1.91 -13.12 -10.44
CA ARG E 399 1.86 -14.57 -10.45
C ARG E 399 2.00 -15.10 -9.03
N GLY E 400 0.89 -15.17 -8.31
CA GLY E 400 0.93 -15.65 -6.93
C GLY E 400 1.37 -17.10 -6.90
N SER E 401 2.34 -17.40 -6.03
CA SER E 401 2.99 -18.71 -5.93
C SER E 401 3.82 -18.98 -7.18
N VAL E 402 4.99 -19.59 -7.00
CA VAL E 402 5.88 -19.82 -8.14
C VAL E 402 6.41 -21.25 -8.16
N ALA E 403 6.48 -21.87 -6.99
CA ALA E 403 7.04 -23.22 -6.85
C ALA E 403 8.48 -23.28 -7.38
N VAL E 404 9.36 -22.55 -6.68
CA VAL E 404 10.76 -22.52 -7.08
C VAL E 404 11.39 -23.90 -6.93
N PRO E 405 12.28 -24.30 -7.83
CA PRO E 405 12.87 -25.64 -7.74
C PRO E 405 14.07 -25.71 -6.80
N GLY E 406 14.66 -24.55 -6.49
CA GLY E 406 15.82 -24.50 -5.63
C GLY E 406 17.09 -24.14 -6.35
N VAL E 407 17.86 -23.21 -5.80
CA VAL E 407 19.08 -22.75 -6.45
C VAL E 407 20.18 -22.61 -5.42
N PRO E 408 21.43 -22.75 -5.85
CA PRO E 408 22.56 -22.50 -4.94
C PRO E 408 22.61 -21.05 -4.50
N VAL E 409 23.09 -20.86 -3.27
CA VAL E 409 23.09 -19.56 -2.61
C VAL E 409 24.50 -19.21 -2.17
N VAL E 410 24.84 -17.93 -2.27
CA VAL E 410 26.09 -17.39 -1.72
C VAL E 410 25.77 -16.18 -0.86
N ILE E 411 26.37 -16.13 0.33
CA ILE E 411 26.10 -15.07 1.30
C ILE E 411 27.41 -14.44 1.73
N THR E 412 27.44 -13.10 1.76
CA THR E 412 28.57 -12.35 2.25
C THR E 412 28.10 -11.41 3.34
N SER E 413 28.95 -11.19 4.35
CA SER E 413 28.59 -10.33 5.47
C SER E 413 29.83 -10.04 6.30
N ASN E 414 29.89 -8.83 6.84
CA ASN E 414 30.93 -8.47 7.80
C ASN E 414 30.68 -8.99 9.20
N GLY E 415 29.46 -9.46 9.48
CA GLY E 415 29.12 -9.98 10.78
C GLY E 415 28.39 -11.31 10.66
N ASP E 416 28.29 -11.99 11.80
CA ASP E 416 27.64 -13.29 11.83
C ASP E 416 26.15 -13.16 11.53
N ILE E 417 25.64 -14.06 10.71
CA ILE E 417 24.24 -14.06 10.30
C ILE E 417 23.45 -15.18 10.95
N THR E 418 24.10 -16.04 11.76
CA THR E 418 23.37 -17.09 12.46
C THR E 418 22.64 -16.58 13.69
N PHE E 419 22.86 -15.32 14.08
CA PHE E 419 22.16 -14.70 15.19
C PHE E 419 20.98 -13.91 14.62
N VAL E 420 19.81 -14.54 14.61
CA VAL E 420 18.62 -13.88 14.07
C VAL E 420 18.17 -12.79 15.03
N VAL E 421 17.91 -11.59 14.48
CA VAL E 421 17.45 -10.48 15.30
C VAL E 421 15.96 -10.67 15.61
N SER E 422 15.63 -10.61 16.89
CA SER E 422 14.25 -10.79 17.33
C SER E 422 13.59 -9.42 17.55
N GLY E 423 13.38 -8.72 16.43
CA GLY E 423 12.77 -7.41 16.49
C GLY E 423 13.73 -6.35 17.00
N ASN E 424 14.15 -6.48 18.25
CA ASN E 424 15.13 -5.58 18.85
C ASN E 424 16.36 -6.29 19.38
N THR E 425 16.19 -7.49 19.95
CA THR E 425 17.30 -8.28 20.47
C THR E 425 17.66 -9.38 19.47
N THR E 426 18.70 -10.14 19.81
CA THR E 426 19.19 -11.22 18.97
C THR E 426 19.08 -12.54 19.71
N THR E 427 18.48 -13.53 19.07
CA THR E 427 18.27 -14.85 19.66
C THR E 427 19.29 -15.85 19.09
N THR E 428 19.17 -17.09 19.54
CA THR E 428 20.09 -18.14 19.10
C THR E 428 19.34 -19.45 18.84
N VAL E 429 18.01 -19.44 18.85
CA VAL E 429 17.25 -20.68 18.65
C VAL E 429 17.49 -21.24 17.25
N HIS E 430 17.52 -20.39 16.25
CA HIS E 430 17.65 -20.82 14.86
C HIS E 430 19.11 -20.99 14.42
N ALA E 431 20.07 -20.75 15.30
CA ALA E 431 21.47 -20.79 14.89
C ALA E 431 21.88 -22.19 14.45
N LYS E 432 21.46 -23.22 15.19
CA LYS E 432 21.90 -24.58 14.88
C LYS E 432 21.35 -25.05 13.53
N ALA E 433 20.08 -24.77 13.25
CA ALA E 433 19.49 -25.20 11.99
C ALA E 433 20.19 -24.55 10.80
N LEU E 434 20.47 -23.25 10.89
CA LEU E 434 21.21 -22.59 9.82
C LEU E 434 22.62 -23.15 9.70
N LYS E 435 23.29 -23.38 10.83
CA LYS E 435 24.65 -23.91 10.80
C LYS E 435 24.70 -25.28 10.15
N GLU E 436 23.64 -26.08 10.30
CA GLU E 436 23.67 -27.45 9.78
C GLU E 436 23.75 -27.48 8.25
N ARG E 437 23.30 -26.42 7.57
CA ARG E 437 23.21 -26.43 6.12
C ARG E 437 24.02 -25.31 5.46
N MET E 438 25.07 -24.83 6.12
CA MET E 438 25.89 -23.75 5.58
C MET E 438 27.37 -24.13 5.62
N VAL E 439 28.11 -23.60 4.65
CA VAL E 439 29.56 -23.76 4.59
C VAL E 439 30.18 -22.38 4.71
N LYS E 440 31.04 -22.21 5.71
CA LYS E 440 31.66 -20.92 5.97
C LYS E 440 33.00 -20.81 5.23
N LEU E 441 33.52 -19.59 5.16
CA LEU E 441 34.82 -19.34 4.56
C LEU E 441 35.33 -18.01 5.10
N ASN E 442 36.45 -18.03 5.81
CA ASN E 442 36.93 -16.88 6.55
C ASN E 442 37.95 -16.12 5.73
N PHE E 443 37.69 -14.83 5.51
CA PHE E 443 38.63 -13.91 4.88
C PHE E 443 39.21 -13.01 5.96
N THR E 444 40.53 -12.90 6.00
CA THR E 444 41.20 -12.16 7.06
C THR E 444 42.14 -11.09 6.58
N VAL E 445 42.90 -11.32 5.51
CA VAL E 445 43.96 -10.41 5.10
C VAL E 445 43.38 -9.32 4.21
N ARG E 446 43.69 -8.08 4.52
CA ARG E 446 43.27 -6.96 3.70
C ARG E 446 43.96 -7.02 2.33
N CYS E 447 43.22 -6.61 1.30
CA CYS E 447 43.71 -6.65 -0.07
C CYS E 447 44.25 -5.30 -0.49
N SER E 448 44.89 -5.27 -1.66
CA SER E 448 45.45 -4.05 -2.19
C SER E 448 44.34 -3.07 -2.57
N PRO E 449 44.58 -1.77 -2.40
CA PRO E 449 43.55 -0.78 -2.77
C PRO E 449 43.18 -0.78 -4.24
N ASP E 450 44.07 -1.25 -5.12
CA ASP E 450 43.80 -1.19 -6.55
C ASP E 450 43.85 -2.56 -7.21
N MET E 451 43.23 -3.57 -6.58
CA MET E 451 43.12 -4.87 -7.23
C MET E 451 42.28 -4.79 -8.49
N GLY E 452 41.17 -4.05 -8.43
CA GLY E 452 40.26 -3.95 -9.54
C GLY E 452 39.21 -5.04 -9.53
N LEU E 453 38.21 -4.86 -10.40
CA LEU E 453 37.13 -5.83 -10.51
C LEU E 453 37.62 -7.08 -11.22
N LEU E 454 37.17 -8.24 -10.75
CA LEU E 454 37.54 -9.51 -11.34
C LEU E 454 36.64 -9.80 -12.54
N THR E 455 37.25 -10.06 -13.69
CA THR E 455 36.50 -10.26 -14.92
C THR E 455 36.02 -11.71 -15.01
N GLU E 456 35.21 -11.97 -16.05
CA GLU E 456 34.73 -13.33 -16.30
C GLU E 456 35.87 -14.25 -16.71
N ALA E 457 36.87 -13.71 -17.43
CA ALA E 457 37.96 -14.53 -17.94
C ALA E 457 38.78 -15.16 -16.82
N ASP E 458 38.99 -14.43 -15.72
CA ASP E 458 39.76 -14.99 -14.61
C ASP E 458 39.06 -16.21 -14.02
N VAL E 459 37.74 -16.10 -13.82
CA VAL E 459 36.98 -17.25 -13.32
C VAL E 459 37.03 -18.40 -14.32
N GLN E 460 36.89 -18.08 -15.61
CA GLN E 460 36.96 -19.11 -16.63
C GLN E 460 38.29 -19.87 -16.56
N GLN E 461 39.40 -19.14 -16.49
CA GLN E 461 40.70 -19.77 -16.43
C GLN E 461 40.88 -20.59 -15.15
N TRP E 462 40.47 -20.03 -14.00
CA TRP E 462 40.66 -20.72 -12.74
C TRP E 462 39.89 -22.05 -12.71
N LEU E 463 38.61 -22.01 -13.13
CA LEU E 463 37.83 -23.25 -13.14
C LEU E 463 38.28 -24.20 -14.24
N THR E 464 38.77 -23.70 -15.36
CA THR E 464 39.32 -24.58 -16.39
C THR E 464 40.53 -25.33 -15.85
N TRP E 465 41.40 -24.64 -15.13
CA TRP E 465 42.56 -25.30 -14.53
C TRP E 465 42.14 -26.30 -13.47
N CYS E 466 41.18 -25.92 -12.62
CA CYS E 466 40.77 -26.83 -11.54
C CYS E 466 39.95 -28.01 -12.06
N ASN E 467 39.40 -27.92 -13.27
CA ASN E 467 38.55 -28.99 -13.76
C ASN E 467 39.35 -30.25 -14.10
N ALA E 468 40.45 -30.09 -14.83
CA ALA E 468 41.21 -31.23 -15.33
C ALA E 468 42.37 -31.55 -14.39
N GLN E 469 42.01 -32.02 -13.21
CA GLN E 469 42.97 -32.48 -12.22
C GLN E 469 42.35 -33.64 -11.44
N SER E 470 43.06 -34.10 -10.42
CA SER E 470 42.65 -35.29 -9.70
C SER E 470 41.41 -35.01 -8.86
N TRP E 471 40.35 -35.77 -9.09
CA TRP E 471 39.11 -35.66 -8.33
C TRP E 471 39.08 -36.63 -7.16
N ASP E 472 40.10 -36.58 -6.30
CA ASP E 472 40.23 -37.54 -5.21
C ASP E 472 40.31 -36.90 -3.84
N HIS E 473 41.00 -35.76 -3.71
CA HIS E 473 41.06 -35.08 -2.42
C HIS E 473 39.67 -34.62 -1.98
N TYR E 474 38.87 -34.12 -2.92
CA TYR E 474 37.48 -33.80 -2.60
C TYR E 474 36.71 -35.05 -2.22
N GLU E 475 36.95 -36.15 -2.94
CA GLU E 475 36.28 -37.40 -2.60
C GLU E 475 36.68 -37.87 -1.20
N ASN E 476 37.94 -37.67 -0.82
CA ASN E 476 38.34 -37.95 0.55
C ASN E 476 37.61 -37.04 1.52
N TRP E 477 37.48 -35.76 1.18
CA TRP E 477 36.69 -34.82 1.99
C TRP E 477 35.26 -34.73 1.44
N ALA E 478 34.68 -35.90 1.22
CA ALA E 478 33.27 -35.98 0.84
C ALA E 478 32.40 -36.75 1.83
N ILE E 479 32.99 -37.61 2.66
CA ILE E 479 32.19 -38.34 3.65
C ILE E 479 31.69 -37.40 4.73
N ASN E 480 32.54 -36.50 5.20
CA ASN E 480 32.19 -35.55 6.25
C ASN E 480 32.29 -34.13 5.70
N TYR E 481 31.22 -33.35 5.89
CA TYR E 481 31.17 -31.96 5.43
C TYR E 481 31.32 -31.06 6.65
N THR E 482 32.56 -30.71 6.96
CA THR E 482 32.82 -29.85 8.12
C THR E 482 32.34 -28.43 7.83
N PHE E 483 32.18 -27.66 8.91
CA PHE E 483 31.61 -26.32 8.79
C PHE E 483 32.49 -25.40 7.96
N ASP E 484 33.80 -25.45 8.18
CA ASP E 484 34.73 -24.56 7.50
C ASP E 484 35.76 -25.37 6.73
N PHE E 485 36.22 -24.82 5.61
CA PHE E 485 37.22 -25.50 4.82
C PHE E 485 38.51 -25.66 5.62
N PRO E 486 39.23 -26.76 5.43
CA PRO E 486 40.52 -26.92 6.11
C PRO E 486 41.54 -25.91 5.62
N GLY E 487 42.47 -25.58 6.51
CA GLY E 487 43.52 -24.65 6.16
C GLY E 487 44.46 -25.22 5.11
N ILE E 488 45.30 -24.34 4.56
CA ILE E 488 46.24 -24.75 3.54
C ILE E 488 47.23 -25.77 4.11
N ASN E 489 47.59 -26.75 3.28
CA ASN E 489 48.52 -27.80 3.68
C ASN E 489 49.70 -27.81 2.72
N ALA E 490 50.90 -27.99 3.27
CA ALA E 490 52.10 -27.97 2.46
C ALA E 490 52.11 -29.09 1.43
N ASP E 491 51.90 -30.32 1.89
CA ASP E 491 51.90 -31.48 0.98
C ASP E 491 50.49 -31.81 0.49
N ALA E 492 49.78 -30.79 0.02
CA ALA E 492 48.49 -30.97 -0.60
C ALA E 492 48.26 -30.06 -1.79
N LEU E 493 49.25 -29.25 -2.17
CA LEU E 493 49.13 -28.32 -3.29
C LEU E 493 49.76 -28.93 -4.53
N HIS E 494 49.19 -28.63 -5.68
CA HIS E 494 49.69 -29.17 -6.93
C HIS E 494 51.11 -28.64 -7.17
N PRO E 495 52.00 -29.45 -7.75
CA PRO E 495 53.35 -28.96 -8.05
C PRO E 495 53.36 -27.75 -8.96
N ASP E 496 52.38 -27.61 -9.85
CA ASP E 496 52.29 -26.42 -10.68
C ASP E 496 52.07 -25.16 -9.85
N LEU E 497 51.55 -25.30 -8.64
CA LEU E 497 51.46 -24.21 -7.69
C LEU E 497 52.72 -24.08 -6.83
N GLN E 498 53.66 -25.01 -6.98
CA GLN E 498 54.89 -24.99 -6.19
C GLN E 498 56.11 -24.91 -7.10
N VAL F 201 -30.28 -27.83 -11.60
CA VAL F 201 -30.84 -26.67 -12.27
C VAL F 201 -30.67 -26.81 -13.78
N VAL F 202 -31.59 -26.25 -14.54
CA VAL F 202 -31.54 -26.34 -16.00
C VAL F 202 -30.34 -25.55 -16.51
N PRO F 203 -29.57 -26.07 -17.46
CA PRO F 203 -28.46 -25.30 -18.02
C PRO F 203 -28.95 -24.07 -18.77
N PHE F 204 -28.11 -23.04 -18.79
CA PHE F 204 -28.41 -21.78 -19.43
C PHE F 204 -27.77 -21.74 -20.81
N ASN F 205 -28.54 -21.32 -21.82
CA ASN F 205 -28.06 -21.22 -23.18
C ASN F 205 -27.05 -20.08 -23.29
N GLY F 206 -25.79 -20.43 -23.52
CA GLY F 206 -24.73 -19.44 -23.52
C GLY F 206 -23.81 -19.51 -24.72
N LYS F 207 -24.37 -19.75 -25.91
CA LYS F 207 -23.58 -19.88 -27.13
C LYS F 207 -22.58 -18.75 -27.28
N GLY F 208 -21.29 -19.10 -27.24
CA GLY F 208 -20.22 -18.14 -27.31
C GLY F 208 -19.43 -18.23 -28.60
N THR F 209 -18.40 -17.38 -28.67
CA THR F 209 -17.57 -17.30 -29.86
C THR F 209 -16.62 -18.50 -29.92
N LYS F 210 -15.86 -18.58 -31.02
CA LYS F 210 -14.93 -19.69 -31.22
C LYS F 210 -13.89 -19.76 -30.12
N ALA F 211 -13.45 -18.61 -29.61
CA ALA F 211 -12.43 -18.59 -28.56
C ALA F 211 -12.90 -19.34 -27.32
N SER F 212 -14.18 -19.27 -27.01
CA SER F 212 -14.69 -20.00 -25.85
C SER F 212 -14.55 -21.52 -26.04
N ILE F 213 -14.88 -22.03 -27.23
CA ILE F 213 -14.74 -23.46 -27.48
C ILE F 213 -13.27 -23.86 -27.49
N LYS F 214 -12.40 -22.99 -28.02
CA LYS F 214 -10.98 -23.29 -27.97
C LYS F 214 -10.48 -23.37 -26.53
N PHE F 215 -10.93 -22.45 -25.67
CA PHE F 215 -10.56 -22.49 -24.26
C PHE F 215 -11.09 -23.76 -23.60
N GLN F 216 -12.32 -24.16 -23.95
CA GLN F 216 -12.88 -25.39 -23.40
C GLN F 216 -12.04 -26.60 -23.80
N THR F 217 -11.64 -26.68 -25.07
CA THR F 217 -10.82 -27.79 -25.52
C THR F 217 -9.47 -27.77 -24.83
N MET F 218 -8.89 -26.58 -24.63
CA MET F 218 -7.62 -26.48 -23.92
C MET F 218 -7.75 -26.98 -22.49
N VAL F 219 -8.84 -26.61 -21.81
CA VAL F 219 -9.04 -27.07 -20.44
C VAL F 219 -9.23 -28.58 -20.41
N ASN F 220 -9.97 -29.12 -21.37
CA ASN F 220 -10.13 -30.58 -21.45
C ASN F 220 -8.80 -31.27 -21.65
N TRP F 221 -7.95 -30.73 -22.54
CA TRP F 221 -6.64 -31.32 -22.76
C TRP F 221 -5.79 -31.25 -21.50
N LEU F 222 -5.84 -30.13 -20.79
CA LEU F 222 -5.06 -30.00 -19.56
C LEU F 222 -5.51 -31.00 -18.51
N CYS F 223 -6.82 -31.18 -18.36
CA CYS F 223 -7.32 -32.09 -17.33
C CYS F 223 -7.07 -33.54 -17.71
N GLU F 224 -7.16 -33.87 -19.00
CA GLU F 224 -6.98 -35.26 -19.42
C GLU F 224 -5.53 -35.71 -19.24
N ASN F 225 -4.57 -34.82 -19.40
CA ASN F 225 -3.15 -35.17 -19.38
C ASN F 225 -2.51 -34.93 -18.02
N ARG F 226 -3.30 -34.60 -17.00
CA ARG F 226 -2.81 -34.42 -15.63
C ARG F 226 -1.74 -33.34 -15.55
N VAL F 227 -1.88 -32.29 -16.35
CA VAL F 227 -0.97 -31.14 -16.29
C VAL F 227 -1.63 -30.10 -15.39
N PHE F 228 -1.05 -29.88 -14.21
CA PHE F 228 -1.63 -28.98 -13.21
C PHE F 228 -0.69 -27.87 -12.79
N THR F 229 0.40 -27.63 -13.52
CA THR F 229 1.33 -26.59 -13.16
C THR F 229 2.05 -26.10 -14.40
N GLU F 230 2.67 -24.91 -14.28
CA GLU F 230 3.38 -24.33 -15.41
C GLU F 230 4.58 -25.17 -15.81
N ASP F 231 5.31 -25.72 -14.84
CA ASP F 231 6.51 -26.50 -15.15
C ASP F 231 6.16 -27.73 -15.97
N LYS F 232 5.09 -28.43 -15.60
CA LYS F 232 4.68 -29.60 -16.37
C LYS F 232 4.25 -29.20 -17.78
N TRP F 233 3.56 -28.07 -17.90
CA TRP F 233 3.16 -27.59 -19.23
C TRP F 233 4.37 -27.30 -20.10
N LYS F 234 5.39 -26.66 -19.53
CA LYS F 234 6.60 -26.38 -20.30
C LYS F 234 7.34 -27.65 -20.65
N LEU F 235 7.34 -28.64 -19.75
CA LEU F 235 8.01 -29.90 -20.03
C LEU F 235 7.31 -30.68 -21.13
N VAL F 236 5.97 -30.66 -21.15
CA VAL F 236 5.23 -31.50 -22.09
C VAL F 236 5.09 -30.83 -23.44
N ASP F 237 4.44 -29.67 -23.48
CA ASP F 237 4.13 -28.96 -24.72
C ASP F 237 4.68 -27.54 -24.63
N PHE F 238 5.90 -27.34 -25.11
CA PHE F 238 6.50 -26.02 -25.11
C PHE F 238 5.92 -25.12 -26.19
N ASN F 239 5.49 -25.71 -27.31
CA ASN F 239 4.98 -24.91 -28.42
C ASN F 239 3.76 -24.11 -28.00
N GLN F 240 2.81 -24.75 -27.31
CA GLN F 240 1.60 -24.06 -26.91
C GLN F 240 1.89 -22.98 -25.89
N TYR F 241 2.81 -23.24 -24.96
CA TYR F 241 3.19 -22.22 -23.98
C TYR F 241 3.79 -21.01 -24.68
N THR F 242 4.68 -21.24 -25.65
CA THR F 242 5.27 -20.13 -26.38
C THR F 242 4.22 -19.36 -27.17
N LEU F 243 3.31 -20.08 -27.83
CA LEU F 243 2.28 -19.41 -28.61
C LEU F 243 1.38 -18.56 -27.73
N LEU F 244 1.02 -19.07 -26.55
CA LEU F 244 0.09 -18.35 -25.69
C LEU F 244 0.76 -17.19 -24.97
N SER F 245 2.05 -17.31 -24.64
CA SER F 245 2.71 -16.31 -23.81
C SER F 245 3.17 -15.08 -24.59
N SER F 246 2.58 -14.81 -25.75
CA SER F 246 2.98 -13.67 -26.57
C SER F 246 2.13 -12.42 -26.30
N SER F 247 1.16 -12.49 -25.40
CA SER F 247 0.30 -11.34 -25.14
C SER F 247 -0.34 -11.51 -23.77
N HIS F 248 -0.92 -10.40 -23.27
CA HIS F 248 -1.58 -10.43 -21.97
C HIS F 248 -2.76 -11.39 -21.98
N SER F 249 -3.52 -11.42 -23.08
CA SER F 249 -4.67 -12.31 -23.17
C SER F 249 -4.25 -13.76 -23.03
N GLY F 250 -3.14 -14.13 -23.67
CA GLY F 250 -2.66 -15.49 -23.54
C GLY F 250 -2.26 -15.85 -22.13
N SER F 251 -1.60 -14.94 -21.42
CA SER F 251 -1.23 -15.19 -20.04
C SER F 251 -2.47 -15.35 -19.16
N PHE F 252 -3.47 -14.49 -19.35
CA PHE F 252 -4.70 -14.61 -18.58
C PHE F 252 -5.39 -15.93 -18.87
N GLN F 253 -5.42 -16.35 -20.13
CA GLN F 253 -6.02 -17.63 -20.48
C GLN F 253 -5.26 -18.78 -19.84
N ILE F 254 -3.93 -18.68 -19.80
CA ILE F 254 -3.12 -19.71 -19.15
C ILE F 254 -3.50 -19.84 -17.68
N GLN F 255 -3.58 -18.69 -16.99
CA GLN F 255 -3.90 -18.73 -15.56
C GLN F 255 -5.29 -19.31 -15.34
N SER F 256 -6.28 -18.84 -16.09
CA SER F 256 -7.65 -19.31 -15.89
C SER F 256 -7.76 -20.80 -16.21
N ALA F 257 -7.09 -21.26 -17.27
CA ALA F 257 -7.10 -22.68 -17.59
C ALA F 257 -6.49 -23.50 -16.48
N LEU F 258 -5.38 -23.03 -15.89
CA LEU F 258 -4.79 -23.76 -14.78
C LEU F 258 -5.75 -23.88 -13.61
N LYS F 259 -6.39 -22.77 -13.22
CA LYS F 259 -7.31 -22.84 -12.09
C LYS F 259 -8.49 -23.78 -12.38
N LEU F 260 -9.07 -23.67 -13.58
CA LEU F 260 -10.22 -24.51 -13.90
C LEU F 260 -9.84 -25.97 -13.99
N ALA F 261 -8.67 -26.29 -14.53
CA ALA F 261 -8.22 -27.67 -14.57
C ALA F 261 -8.02 -28.22 -13.16
N ILE F 262 -7.42 -27.41 -12.27
CA ILE F 262 -7.23 -27.85 -10.90
C ILE F 262 -8.58 -28.14 -10.25
N TYR F 263 -9.54 -27.23 -10.41
CA TYR F 263 -10.84 -27.44 -9.79
C TYR F 263 -11.56 -28.65 -10.36
N LYS F 264 -11.49 -28.84 -11.68
CA LYS F 264 -12.13 -30.00 -12.30
C LYS F 264 -11.50 -31.29 -11.82
N ALA F 265 -10.17 -31.32 -11.67
CA ALA F 265 -9.52 -32.52 -11.16
C ALA F 265 -9.92 -32.80 -9.72
N THR F 266 -9.96 -31.76 -8.88
CA THR F 266 -10.30 -31.97 -7.48
C THR F 266 -11.74 -32.42 -7.30
N ASN F 267 -12.68 -31.69 -7.89
CA ASN F 267 -14.10 -31.96 -7.67
C ASN F 267 -14.70 -32.89 -8.72
N LEU F 268 -14.02 -34.00 -8.98
CA LEU F 268 -14.57 -35.05 -9.82
C LEU F 268 -14.52 -36.42 -9.16
N VAL F 269 -13.41 -36.75 -8.50
CA VAL F 269 -13.18 -38.05 -7.87
C VAL F 269 -12.39 -37.78 -6.59
N PRO F 270 -12.41 -38.64 -5.58
CA PRO F 270 -11.57 -38.38 -4.42
C PRO F 270 -10.10 -38.55 -4.74
N THR F 271 -9.26 -37.79 -4.03
CA THR F 271 -7.85 -37.65 -4.39
C THR F 271 -7.11 -38.98 -4.37
N SER F 272 -7.60 -39.97 -3.62
CA SER F 272 -6.91 -41.26 -3.55
C SER F 272 -6.79 -41.91 -4.91
N THR F 273 -7.76 -41.67 -5.80
CA THR F 273 -7.68 -42.24 -7.15
C THR F 273 -6.49 -41.66 -7.92
N PHE F 274 -6.12 -40.41 -7.65
CA PHE F 274 -4.92 -39.84 -8.24
C PHE F 274 -3.65 -40.49 -7.70
N LEU F 275 -3.75 -41.28 -6.64
CA LEU F 275 -2.61 -42.00 -6.08
C LEU F 275 -2.64 -43.49 -6.35
N LEU F 276 -3.82 -44.10 -6.45
CA LEU F 276 -3.92 -45.54 -6.68
C LEU F 276 -3.42 -45.93 -8.06
N CYS F 285 10.80 -54.20 -4.77
CA CYS F 285 10.45 -54.99 -3.59
C CYS F 285 9.67 -54.17 -2.56
N ILE F 286 8.95 -54.87 -1.68
CA ILE F 286 8.19 -54.19 -0.65
C ILE F 286 9.11 -53.56 0.39
N LYS F 287 10.13 -54.30 0.83
CA LYS F 287 11.06 -53.77 1.83
C LYS F 287 12.05 -52.79 1.23
N ASP F 288 12.37 -52.94 -0.06
CA ASP F 288 13.36 -52.08 -0.70
C ASP F 288 12.91 -50.62 -0.77
N ASN F 289 11.62 -50.34 -0.56
CA ASN F 289 11.15 -48.97 -0.58
C ASN F 289 11.79 -48.16 0.54
N LYS F 290 12.22 -46.95 0.20
CA LYS F 290 12.95 -46.12 1.16
C LYS F 290 12.09 -45.73 2.35
N ILE F 291 10.82 -45.38 2.08
CA ILE F 291 9.92 -44.96 3.15
C ILE F 291 9.72 -46.07 4.18
N VAL F 292 9.63 -47.32 3.73
CA VAL F 292 9.50 -48.44 4.65
C VAL F 292 10.68 -48.47 5.61
N LYS F 293 11.90 -48.37 5.07
CA LYS F 293 13.09 -48.40 5.91
C LYS F 293 13.17 -47.19 6.84
N LEU F 294 12.73 -46.02 6.36
CA LEU F 294 12.74 -44.84 7.22
C LEU F 294 11.81 -45.03 8.42
N LEU F 295 10.55 -45.41 8.17
CA LEU F 295 9.64 -45.63 9.29
C LEU F 295 10.07 -46.78 10.18
N LEU F 296 10.76 -47.79 9.62
CA LEU F 296 11.32 -48.83 10.47
C LEU F 296 12.40 -48.26 11.38
N CYS F 297 13.25 -47.38 10.84
CA CYS F 297 14.26 -46.72 11.65
C CYS F 297 13.66 -45.63 12.54
N GLN F 298 12.47 -45.14 12.22
CA GLN F 298 11.77 -44.18 13.07
C GLN F 298 10.90 -44.87 14.11
N ASN F 299 11.18 -46.13 14.42
CA ASN F 299 10.47 -46.97 15.40
C ASN F 299 8.96 -46.78 15.36
N TYR F 300 8.38 -46.69 14.17
CA TYR F 300 6.94 -46.61 14.00
C TYR F 300 6.52 -47.60 12.93
N ASP F 301 5.33 -48.19 13.09
CA ASP F 301 4.88 -49.23 12.19
C ASP F 301 4.39 -48.60 10.89
N PRO F 302 4.99 -48.94 9.74
CA PRO F 302 4.53 -48.33 8.47
C PRO F 302 3.10 -48.68 8.11
N LEU F 303 2.61 -49.87 8.50
CA LEU F 303 1.30 -50.30 8.07
C LEU F 303 0.19 -49.41 8.65
N LEU F 304 0.29 -49.11 9.94
CA LEU F 304 -0.74 -48.29 10.58
C LEU F 304 -0.81 -46.90 9.95
N VAL F 305 0.35 -46.28 9.72
CA VAL F 305 0.38 -44.95 9.11
C VAL F 305 -0.15 -45.01 7.67
N GLY F 306 0.21 -46.07 6.94
CA GLY F 306 -0.28 -46.21 5.58
C GLY F 306 -1.79 -46.33 5.51
N GLN F 307 -2.38 -47.10 6.43
CA GLN F 307 -3.84 -47.22 6.45
C GLN F 307 -4.50 -45.96 6.97
N HIS F 308 -3.81 -45.20 7.83
CA HIS F 308 -4.40 -43.98 8.38
C HIS F 308 -4.43 -42.86 7.36
N VAL F 309 -3.34 -42.67 6.61
CA VAL F 309 -3.24 -41.53 5.70
C VAL F 309 -4.27 -41.64 4.57
N LEU F 310 -4.54 -42.86 4.10
CA LEU F 310 -5.50 -43.04 3.02
C LEU F 310 -6.89 -42.57 3.43
N LYS F 311 -7.31 -42.90 4.65
CA LYS F 311 -8.58 -42.38 5.16
C LYS F 311 -8.49 -40.90 5.45
N TRP F 312 -7.33 -40.41 5.86
CA TRP F 312 -7.19 -39.00 6.21
C TRP F 312 -7.26 -38.08 4.99
N ILE F 313 -6.87 -38.58 3.81
CA ILE F 313 -6.83 -37.77 2.61
C ILE F 313 -8.11 -37.91 1.79
N ASP F 314 -9.17 -38.48 2.37
CA ASP F 314 -10.40 -38.71 1.66
C ASP F 314 -11.58 -37.89 2.16
N LYS F 315 -11.39 -37.08 3.21
CA LYS F 315 -12.45 -36.25 3.79
C LYS F 315 -13.67 -37.06 4.20
N LYS F 316 -13.45 -38.30 4.66
CA LYS F 316 -14.55 -39.15 5.08
C LYS F 316 -14.31 -39.87 6.40
N CYS F 317 -13.09 -39.81 6.95
CA CYS F 317 -12.79 -40.48 8.23
C CYS F 317 -13.26 -39.59 9.38
N GLY F 318 -14.56 -39.32 9.39
CA GLY F 318 -15.13 -38.47 10.41
C GLY F 318 -14.54 -37.08 10.36
N LYS F 319 -14.21 -36.55 11.54
CA LYS F 319 -13.57 -35.25 11.67
C LYS F 319 -12.11 -35.37 12.09
N LYS F 320 -11.44 -36.44 11.66
CA LYS F 320 -10.09 -36.77 12.09
C LYS F 320 -9.04 -36.33 11.08
N ASN F 321 -9.26 -35.20 10.41
CA ASN F 321 -8.34 -34.71 9.38
C ASN F 321 -7.26 -33.80 9.97
N THR F 322 -6.24 -34.42 10.56
CA THR F 322 -5.15 -33.64 11.14
C THR F 322 -3.87 -34.47 11.17
N LEU F 323 -2.81 -33.91 10.61
CA LEU F 323 -1.45 -34.44 10.73
C LEU F 323 -0.52 -33.31 11.12
N TRP F 324 0.54 -33.66 11.86
CA TRP F 324 1.44 -32.67 12.42
C TRP F 324 2.74 -33.35 12.83
N PHE F 325 3.86 -32.67 12.57
CA PHE F 325 5.19 -33.19 12.83
C PHE F 325 5.92 -32.29 13.84
N TYR F 326 6.63 -32.91 14.77
CA TYR F 326 7.57 -32.19 15.62
C TYR F 326 8.54 -33.19 16.21
N GLY F 327 9.60 -32.68 16.83
CA GLY F 327 10.55 -33.53 17.51
C GLY F 327 12.00 -33.14 17.25
N PRO F 328 12.85 -34.14 17.03
CA PRO F 328 14.28 -33.89 16.88
C PRO F 328 14.58 -33.13 15.61
N PRO F 329 15.45 -32.13 15.66
CA PRO F 329 15.78 -31.34 14.47
C PRO F 329 16.58 -32.16 13.46
N SER F 330 16.42 -31.78 12.18
CA SER F 330 17.18 -32.37 11.08
C SER F 330 16.96 -33.87 10.96
N THR F 331 15.72 -34.32 11.17
CA THR F 331 15.37 -35.73 11.02
C THR F 331 14.24 -35.84 10.02
N GLY F 332 14.59 -35.82 8.74
CA GLY F 332 13.72 -36.20 7.62
C GLY F 332 12.25 -35.87 7.74
N LYS F 333 11.90 -34.71 8.30
CA LYS F 333 10.50 -34.35 8.48
C LYS F 333 9.93 -33.52 7.34
N THR F 334 10.75 -32.67 6.73
CA THR F 334 10.30 -31.94 5.54
C THR F 334 10.27 -32.85 4.31
N ASN F 335 11.14 -33.87 4.28
CA ASN F 335 11.18 -34.76 3.13
C ASN F 335 9.87 -35.52 2.96
N LEU F 336 9.38 -36.13 4.04
CA LEU F 336 8.15 -36.91 3.94
C LEU F 336 6.96 -36.03 3.61
N ALA F 337 6.85 -34.87 4.26
CA ALA F 337 5.73 -33.97 3.98
C ALA F 337 5.77 -33.46 2.55
N MET F 338 6.95 -33.12 2.05
CA MET F 338 7.08 -32.66 0.68
C MET F 338 6.73 -33.78 -0.31
N ALA F 339 7.15 -35.02 -0.01
CA ALA F 339 6.81 -36.14 -0.87
C ALA F 339 5.30 -36.35 -0.91
N ILE F 340 4.63 -36.25 0.24
CA ILE F 340 3.18 -36.40 0.27
C ILE F 340 2.51 -35.29 -0.52
N ALA F 341 2.96 -34.04 -0.30
CA ALA F 341 2.34 -32.90 -0.98
C ALA F 341 2.64 -32.89 -2.48
N LYS F 342 3.69 -33.56 -2.92
CA LYS F 342 4.01 -33.67 -4.33
C LYS F 342 3.14 -34.70 -5.04
N SER F 343 2.35 -35.46 -4.30
CA SER F 343 1.47 -36.47 -4.88
C SER F 343 0.05 -35.97 -5.10
N VAL F 344 -0.44 -35.04 -4.29
CA VAL F 344 -1.76 -34.46 -4.48
C VAL F 344 -1.70 -33.52 -5.68
N PRO F 345 -2.84 -33.15 -6.29
CA PRO F 345 -2.81 -32.22 -7.43
C PRO F 345 -2.00 -30.96 -7.16
N VAL F 346 -2.39 -30.21 -6.12
CA VAL F 346 -1.70 -28.99 -5.74
C VAL F 346 -1.71 -28.88 -4.22
N TYR F 347 -0.68 -28.24 -3.68
CA TYR F 347 -0.58 -27.99 -2.24
C TYR F 347 -0.35 -26.50 -1.99
N GLY F 348 -0.79 -26.05 -0.83
CA GLY F 348 -0.68 -24.65 -0.47
C GLY F 348 0.18 -24.44 0.76
N MET F 349 1.16 -23.54 0.67
CA MET F 349 2.14 -23.33 1.74
C MET F 349 1.86 -22.01 2.45
N VAL F 350 1.84 -22.07 3.78
CA VAL F 350 1.69 -20.86 4.59
C VAL F 350 2.29 -21.16 5.97
N ASN F 351 2.85 -20.13 6.59
CA ASN F 351 3.53 -20.27 7.87
C ASN F 351 2.54 -20.08 9.02
N TRP F 352 3.04 -20.14 10.25
CA TRP F 352 2.23 -19.89 11.43
C TRP F 352 2.93 -19.04 12.48
N ASN F 353 4.14 -18.54 12.20
CA ASN F 353 4.83 -17.68 13.15
C ASN F 353 4.22 -16.28 13.21
N ASN F 354 3.48 -15.87 12.17
CA ASN F 354 2.80 -14.55 12.22
C ASN F 354 1.68 -14.61 13.27
N GLU F 355 1.06 -15.79 13.45
CA GLU F 355 -0.07 -15.94 14.40
C GLU F 355 -0.95 -14.69 14.38
N ASN F 356 -1.27 -14.19 13.19
CA ASN F 356 -2.15 -13.00 13.03
C ASN F 356 -2.52 -12.98 11.55
N PHE F 357 -1.61 -13.47 10.70
CA PHE F 357 -1.90 -13.61 9.25
C PHE F 357 -1.53 -15.01 8.78
N PRO F 358 -1.91 -16.10 9.47
CA PRO F 358 -1.39 -17.41 9.13
C PRO F 358 -2.16 -18.25 8.12
N PHE F 359 -3.33 -17.82 7.67
CA PHE F 359 -4.11 -18.72 6.80
C PHE F 359 -4.21 -18.12 5.40
N ASN F 360 -3.28 -17.25 5.05
CA ASN F 360 -3.29 -16.70 3.70
C ASN F 360 -2.89 -17.76 2.67
N ASP F 361 -3.48 -17.66 1.49
CA ASP F 361 -3.16 -18.54 0.36
C ASP F 361 -3.36 -20.01 0.71
N VAL F 362 -4.53 -20.33 1.25
CA VAL F 362 -4.88 -21.71 1.54
C VAL F 362 -6.13 -22.17 0.79
N ALA F 363 -6.93 -21.26 0.25
CA ALA F 363 -8.14 -21.66 -0.47
C ALA F 363 -7.79 -22.15 -1.86
N GLY F 364 -8.53 -23.15 -2.33
CA GLY F 364 -8.35 -23.70 -3.65
C GLY F 364 -7.34 -24.83 -3.75
N LYS F 365 -6.64 -25.14 -2.67
CA LYS F 365 -5.65 -26.21 -2.67
C LYS F 365 -6.23 -27.46 -2.02
N SER F 366 -5.92 -28.61 -2.60
CA SER F 366 -6.40 -29.88 -2.03
C SER F 366 -5.81 -30.13 -0.65
N LEU F 367 -4.52 -29.86 -0.48
CA LEU F 367 -3.82 -30.08 0.78
C LEU F 367 -3.04 -28.83 1.13
N VAL F 368 -2.99 -28.48 2.42
CA VAL F 368 -2.25 -27.32 2.88
C VAL F 368 -1.14 -27.79 3.81
N VAL F 369 0.09 -27.35 3.53
CA VAL F 369 1.27 -27.73 4.28
C VAL F 369 1.89 -26.49 4.91
N TRP F 370 2.22 -26.58 6.19
CA TRP F 370 2.86 -25.50 6.93
C TRP F 370 4.25 -25.98 7.33
N ASP F 371 5.27 -25.54 6.61
CA ASP F 371 6.64 -25.95 6.85
C ASP F 371 7.30 -25.15 7.97
N GLU F 372 6.52 -24.47 8.81
CA GLU F 372 7.06 -23.62 9.86
C GLU F 372 5.93 -23.25 10.80
N GLY F 373 6.22 -22.38 11.76
CA GLY F 373 5.22 -21.75 12.59
C GLY F 373 5.41 -22.07 14.06
N ILE F 374 4.60 -21.37 14.87
CA ILE F 374 4.54 -21.57 16.31
C ILE F 374 3.14 -21.17 16.77
N ILE F 375 2.52 -22.02 17.59
CA ILE F 375 1.14 -21.79 18.01
C ILE F 375 1.14 -20.68 19.05
N LYS F 376 0.39 -19.62 18.79
CA LYS F 376 0.22 -18.52 19.72
C LYS F 376 -1.25 -18.48 20.17
N SER F 377 -1.59 -17.48 20.98
CA SER F 377 -2.93 -17.42 21.55
C SER F 377 -3.96 -16.79 20.61
N THR F 378 -3.57 -15.73 19.90
CA THR F 378 -4.55 -14.92 19.16
C THR F 378 -5.31 -15.73 18.12
N ILE F 379 -4.78 -16.87 17.68
CA ILE F 379 -5.41 -17.64 16.62
C ILE F 379 -5.72 -19.04 17.12
N VAL F 380 -5.97 -19.19 18.42
CA VAL F 380 -6.31 -20.52 18.94
C VAL F 380 -7.64 -21.00 18.35
N GLU F 381 -8.64 -20.11 18.26
CA GLU F 381 -9.95 -20.54 17.83
C GLU F 381 -10.01 -20.78 16.32
N ALA F 382 -9.37 -19.91 15.53
CA ALA F 382 -9.50 -20.00 14.08
C ALA F 382 -8.94 -21.31 13.55
N ALA F 383 -7.76 -21.72 14.04
CA ALA F 383 -7.22 -23.01 13.64
C ALA F 383 -8.18 -24.14 13.95
N LYS F 384 -8.92 -24.01 15.06
CA LYS F 384 -9.88 -25.05 15.45
C LYS F 384 -10.93 -25.27 14.38
N ALA F 385 -11.14 -24.28 13.50
CA ALA F 385 -12.01 -24.48 12.35
C ALA F 385 -11.26 -25.11 11.18
N ILE F 386 -10.06 -24.63 10.89
CA ILE F 386 -9.30 -25.16 9.76
C ILE F 386 -8.81 -26.57 10.06
N LEU F 387 -8.30 -26.78 11.27
CA LEU F 387 -7.88 -28.12 11.67
C LEU F 387 -9.06 -29.08 11.72
N GLY F 388 -10.23 -28.59 12.15
CA GLY F 388 -11.41 -29.44 12.17
C GLY F 388 -11.89 -29.80 10.78
N GLY F 389 -11.77 -28.88 9.83
CA GLY F 389 -12.23 -29.13 8.48
C GLY F 389 -13.66 -28.64 8.26
N GLN F 390 -13.95 -27.45 8.75
CA GLN F 390 -15.27 -26.85 8.61
C GLN F 390 -15.16 -25.55 7.83
N PRO F 391 -16.11 -25.27 6.93
CA PRO F 391 -16.05 -24.03 6.15
C PRO F 391 -16.04 -22.81 7.07
N THR F 392 -15.26 -21.81 6.67
CA THR F 392 -15.13 -20.58 7.45
C THR F 392 -14.61 -19.48 6.53
N ARG F 393 -14.49 -18.28 7.10
CA ARG F 393 -13.96 -17.12 6.40
C ARG F 393 -12.80 -16.56 7.19
N VAL F 394 -11.68 -16.30 6.52
CA VAL F 394 -10.48 -15.79 7.17
C VAL F 394 -9.93 -14.62 6.35
N ASP F 395 -9.16 -13.78 7.01
CA ASP F 395 -8.53 -12.63 6.36
C ASP F 395 -7.35 -13.11 5.53
N GLN F 396 -6.82 -12.22 4.67
CA GLN F 396 -5.63 -12.54 3.89
C GLN F 396 -4.58 -11.44 3.94
N LYS F 397 -4.86 -10.31 4.61
CA LYS F 397 -3.90 -9.26 4.94
C LYS F 397 -3.50 -8.41 3.75
N MET F 398 -3.92 -8.80 2.56
CA MET F 398 -3.87 -7.92 1.41
C MET F 398 -5.20 -7.89 0.66
N ARG F 399 -5.88 -9.01 0.56
CA ARG F 399 -7.23 -9.13 0.02
C ARG F 399 -8.25 -9.15 1.15
N GLY F 400 -9.51 -9.43 0.83
CA GLY F 400 -10.58 -9.36 1.83
C GLY F 400 -11.18 -10.71 2.16
N SER F 401 -11.68 -11.43 1.15
CA SER F 401 -12.46 -12.64 1.41
C SER F 401 -11.64 -13.90 1.18
N VAL F 402 -12.04 -14.99 1.83
CA VAL F 402 -11.38 -16.28 1.61
C VAL F 402 -12.38 -17.35 1.19
N ALA F 403 -13.40 -17.58 2.01
CA ALA F 403 -14.41 -18.63 1.79
C ALA F 403 -13.76 -20.01 1.66
N VAL F 404 -12.92 -20.33 2.65
CA VAL F 404 -12.21 -21.61 2.67
C VAL F 404 -13.15 -22.72 3.10
N PRO F 405 -13.33 -23.78 2.32
CA PRO F 405 -14.26 -24.86 2.67
C PRO F 405 -13.68 -25.96 3.53
N GLY F 406 -12.43 -25.86 3.97
CA GLY F 406 -11.83 -26.89 4.79
C GLY F 406 -11.13 -27.96 4.00
N VAL F 407 -9.83 -28.13 4.25
CA VAL F 407 -9.00 -29.07 3.48
C VAL F 407 -8.03 -29.76 4.43
N PRO F 408 -7.54 -30.94 4.04
CA PRO F 408 -6.53 -31.63 4.85
C PRO F 408 -5.26 -30.79 5.01
N VAL F 409 -4.66 -30.89 6.18
CA VAL F 409 -3.53 -30.06 6.57
C VAL F 409 -2.42 -30.94 7.13
N VAL F 410 -1.17 -30.63 6.75
CA VAL F 410 0.01 -31.21 7.34
C VAL F 410 0.95 -30.08 7.73
N ILE F 411 1.48 -30.13 8.96
CA ILE F 411 2.37 -29.11 9.47
C ILE F 411 3.60 -29.76 10.07
N THR F 412 4.77 -29.19 9.74
CA THR F 412 6.04 -29.62 10.30
C THR F 412 6.70 -28.45 11.02
N SER F 413 7.20 -28.71 12.22
CA SER F 413 7.86 -27.67 13.02
C SER F 413 8.93 -28.33 13.86
N ASN F 414 9.86 -27.52 14.36
CA ASN F 414 11.00 -28.00 15.13
C ASN F 414 10.87 -27.74 16.61
N GLY F 415 10.48 -26.53 17.01
CA GLY F 415 10.40 -26.17 18.41
C GLY F 415 9.14 -26.71 19.08
N ASP F 416 9.01 -26.36 20.35
CA ASP F 416 7.84 -26.78 21.13
C ASP F 416 6.62 -26.00 20.66
N ILE F 417 5.74 -26.68 19.94
CA ILE F 417 4.54 -26.06 19.39
C ILE F 417 3.33 -26.85 19.87
N THR F 418 3.58 -27.90 20.66
CA THR F 418 2.51 -28.78 21.11
C THR F 418 1.53 -28.07 22.03
N PHE F 419 2.03 -27.22 22.92
CA PHE F 419 1.18 -26.57 23.91
C PHE F 419 0.39 -25.43 23.28
N VAL F 420 -0.84 -25.26 23.75
CA VAL F 420 -1.66 -24.11 23.34
C VAL F 420 -1.29 -22.93 24.22
N VAL F 421 -0.25 -22.19 23.80
CA VAL F 421 0.34 -21.17 24.65
C VAL F 421 -0.56 -19.95 24.70
N SER F 422 -0.77 -19.44 25.92
CA SER F 422 -1.51 -18.20 26.14
C SER F 422 -0.54 -17.20 26.75
N GLY F 423 0.22 -16.54 25.89
CA GLY F 423 1.21 -15.57 26.33
C GLY F 423 2.48 -16.22 26.82
N ASN F 424 2.45 -16.74 28.03
CA ASN F 424 3.54 -17.52 28.59
C ASN F 424 3.07 -18.83 29.22
N THR F 425 1.90 -18.84 29.85
CA THR F 425 1.38 -20.02 30.55
C THR F 425 0.34 -20.69 29.66
N THR F 426 0.55 -21.97 29.38
CA THR F 426 -0.36 -22.71 28.51
C THR F 426 -1.64 -23.07 29.26
N THR F 427 -2.79 -22.77 28.66
CA THR F 427 -4.09 -23.09 29.23
C THR F 427 -4.56 -24.40 28.58
N THR F 428 -4.33 -25.52 29.27
CA THR F 428 -4.49 -26.85 28.69
C THR F 428 -5.95 -27.27 28.54
N VAL F 429 -6.92 -26.44 28.95
CA VAL F 429 -8.31 -26.82 28.78
C VAL F 429 -8.67 -26.86 27.29
N HIS F 430 -8.11 -25.94 26.51
CA HIS F 430 -8.33 -25.92 25.06
C HIS F 430 -7.52 -26.99 24.35
N ALA F 431 -6.52 -27.57 25.00
CA ALA F 431 -5.70 -28.59 24.35
C ALA F 431 -6.53 -29.82 24.01
N LYS F 432 -7.42 -30.24 24.91
CA LYS F 432 -8.22 -31.44 24.66
C LYS F 432 -9.19 -31.21 23.51
N ALA F 433 -9.69 -29.98 23.36
CA ALA F 433 -10.64 -29.67 22.30
C ALA F 433 -10.04 -29.89 20.92
N LEU F 434 -8.79 -29.49 20.74
CA LEU F 434 -8.07 -29.87 19.53
C LEU F 434 -7.74 -31.36 19.54
N LYS F 435 -7.49 -31.91 20.74
CA LYS F 435 -6.90 -33.24 20.84
C LYS F 435 -7.86 -34.34 20.43
N GLU F 436 -9.18 -34.13 20.53
CA GLU F 436 -10.07 -35.22 20.13
C GLU F 436 -9.85 -35.62 18.67
N ARG F 437 -9.32 -34.71 17.85
CA ARG F 437 -9.19 -34.94 16.41
C ARG F 437 -7.86 -34.41 15.90
N MET F 438 -6.79 -34.59 16.67
CA MET F 438 -5.46 -34.09 16.35
C MET F 438 -4.43 -35.20 16.53
N VAL F 439 -4.67 -36.35 15.88
CA VAL F 439 -3.75 -37.48 15.96
C VAL F 439 -2.36 -37.04 15.52
N LYS F 440 -1.36 -37.29 16.37
CA LYS F 440 -0.03 -36.74 16.18
C LYS F 440 0.95 -37.80 15.71
N LEU F 441 1.97 -37.36 14.98
CA LEU F 441 3.08 -38.20 14.56
C LEU F 441 4.38 -37.54 14.98
N ASN F 442 5.32 -38.36 15.48
CA ASN F 442 6.58 -37.86 16.01
C ASN F 442 7.73 -38.59 15.33
N PHE F 443 8.84 -37.89 15.12
CA PHE F 443 10.00 -38.50 14.51
C PHE F 443 11.07 -38.76 15.58
N THR F 444 12.21 -39.28 15.15
CA THR F 444 13.20 -39.86 16.05
C THR F 444 14.59 -39.56 15.50
N VAL F 445 15.58 -40.35 15.93
CA VAL F 445 17.01 -40.14 15.70
C VAL F 445 17.31 -39.74 14.26
N ARG F 446 18.28 -38.84 14.10
CA ARG F 446 18.56 -38.22 12.81
C ARG F 446 18.95 -39.25 11.77
N CYS F 447 18.73 -38.89 10.51
CA CYS F 447 18.98 -39.76 9.37
C CYS F 447 20.29 -39.37 8.68
N SER F 448 20.88 -40.35 8.00
CA SER F 448 22.10 -40.08 7.26
C SER F 448 21.81 -39.12 6.11
N PRO F 449 22.74 -38.23 5.77
CA PRO F 449 22.49 -37.26 4.70
C PRO F 449 22.64 -37.82 3.29
N ASP F 450 22.71 -39.14 3.13
CA ASP F 450 22.86 -39.73 1.80
C ASP F 450 21.52 -39.98 1.13
N MET F 451 20.44 -40.15 1.91
CA MET F 451 19.15 -40.47 1.32
C MET F 451 18.63 -39.33 0.46
N GLY F 452 18.80 -38.09 0.90
CA GLY F 452 18.42 -36.96 0.07
C GLY F 452 16.93 -36.74 0.07
N LEU F 453 16.37 -36.54 -1.11
CA LEU F 453 14.95 -36.24 -1.28
C LEU F 453 14.21 -37.45 -1.83
N LEU F 454 13.10 -37.80 -1.21
CA LEU F 454 12.28 -38.91 -1.67
C LEU F 454 11.40 -38.48 -2.83
N THR F 455 11.36 -39.29 -3.87
CA THR F 455 10.54 -38.98 -5.03
C THR F 455 9.11 -39.50 -4.82
N GLU F 456 8.30 -39.33 -5.86
CA GLU F 456 6.86 -39.53 -5.74
C GLU F 456 6.43 -40.90 -6.24
N ALA F 457 7.19 -41.50 -7.16
CA ALA F 457 6.85 -42.83 -7.67
C ALA F 457 6.95 -43.88 -6.57
N ASP F 458 7.96 -43.79 -5.71
CA ASP F 458 8.06 -44.73 -4.60
C ASP F 458 6.89 -44.58 -3.65
N VAL F 459 6.43 -43.35 -3.44
CA VAL F 459 5.22 -43.13 -2.64
C VAL F 459 4.04 -43.82 -3.28
N GLN F 460 3.91 -43.71 -4.61
CA GLN F 460 2.84 -44.40 -5.32
C GLN F 460 2.89 -45.89 -5.07
N GLN F 461 4.06 -46.49 -5.26
CA GLN F 461 4.19 -47.94 -5.10
C GLN F 461 3.91 -48.36 -3.66
N TRP F 462 4.40 -47.59 -2.68
CA TRP F 462 4.19 -47.92 -1.28
C TRP F 462 2.71 -47.88 -0.92
N LEU F 463 2.01 -46.82 -1.34
CA LEU F 463 0.59 -46.72 -1.02
C LEU F 463 -0.20 -47.79 -1.76
N THR F 464 0.19 -48.11 -3.00
CA THR F 464 -0.51 -49.16 -3.75
C THR F 464 -0.37 -50.51 -3.07
N TRP F 465 0.84 -50.82 -2.58
CA TRP F 465 1.04 -52.06 -1.84
C TRP F 465 0.23 -52.06 -0.55
N CYS F 466 0.20 -50.93 0.16
CA CYS F 466 -0.54 -50.86 1.42
C CYS F 466 -2.04 -50.84 1.21
N ASN F 467 -2.52 -50.60 -0.01
CA ASN F 467 -3.96 -50.54 -0.25
C ASN F 467 -4.64 -51.89 -0.03
N ALA F 468 -3.99 -52.98 -0.43
CA ALA F 468 -4.61 -54.30 -0.41
C ALA F 468 -4.48 -55.00 0.95
N GLN F 469 -3.86 -54.37 1.94
CA GLN F 469 -3.67 -55.01 3.24
C GLN F 469 -4.95 -54.94 4.06
N SER F 470 -4.90 -55.53 5.25
CA SER F 470 -6.06 -55.59 6.13
C SER F 470 -6.44 -54.21 6.64
N TRP F 471 -7.74 -53.92 6.62
CA TRP F 471 -8.28 -52.69 7.16
C TRP F 471 -8.87 -52.85 8.57
N ASP F 472 -8.78 -54.05 9.14
CA ASP F 472 -9.35 -54.29 10.46
C ASP F 472 -8.48 -53.72 11.58
N HIS F 473 -7.15 -53.72 11.42
CA HIS F 473 -6.28 -53.20 12.46
C HIS F 473 -6.54 -51.71 12.69
N TYR F 474 -6.65 -50.94 11.61
CA TYR F 474 -6.94 -49.51 11.76
C TYR F 474 -8.34 -49.27 12.30
N GLU F 475 -9.31 -50.10 11.93
CA GLU F 475 -10.66 -49.94 12.47
C GLU F 475 -10.69 -50.21 13.97
N ASN F 476 -9.95 -51.22 14.43
CA ASN F 476 -9.83 -51.44 15.86
C ASN F 476 -9.07 -50.31 16.55
N TRP F 477 -8.06 -49.76 15.88
CA TRP F 477 -7.36 -48.59 16.41
C TRP F 477 -8.24 -47.35 16.44
N ALA F 478 -9.30 -47.32 15.63
CA ALA F 478 -10.15 -46.14 15.53
C ALA F 478 -11.00 -45.92 16.77
N ILE F 479 -11.23 -46.96 17.58
CA ILE F 479 -12.03 -46.79 18.78
C ILE F 479 -11.35 -45.83 19.75
N ASN F 480 -10.03 -45.98 19.91
CA ASN F 480 -9.25 -45.12 20.79
C ASN F 480 -8.25 -44.32 19.96
N TYR F 481 -8.55 -43.04 19.76
CA TYR F 481 -7.67 -42.14 19.00
C TYR F 481 -6.68 -41.50 19.96
N THR F 482 -5.70 -42.30 20.39
CA THR F 482 -4.65 -41.80 21.26
C THR F 482 -3.79 -40.77 20.53
N PHE F 483 -3.28 -39.78 21.28
CA PHE F 483 -2.54 -38.69 20.66
C PHE F 483 -1.13 -39.10 20.25
N ASP F 484 -0.65 -40.25 20.70
CA ASP F 484 0.65 -40.77 20.31
C ASP F 484 0.48 -42.21 19.84
N PHE F 485 0.99 -42.51 18.65
CA PHE F 485 0.87 -43.83 18.07
C PHE F 485 1.53 -44.90 18.95
PB ANP H . -18.81 -24.62 21.19
O1B ANP H . -19.36 -24.22 22.51
O2B ANP H . -19.32 -23.64 20.08
N3B ANP H . -17.13 -24.58 21.24
PA ANP H . -19.02 -26.64 19.41
O1A ANP H . -20.20 -26.47 18.53
O2A ANP H . -17.75 -25.94 18.91
O3A ANP H . -19.29 -26.06 20.85
O5' ANP H . -18.79 -28.18 19.62
C5' ANP H . -19.63 -28.95 20.50
C4' ANP H . -20.59 -29.75 19.67
O4' ANP H . -20.27 -29.57 18.27
C3' ANP H . -20.56 -31.26 19.91
O3' ANP H . -21.86 -31.82 19.77
C2' ANP H . -19.60 -31.75 18.83
O2' ANP H . -19.88 -33.10 18.46
C1' ANP H . -19.93 -30.80 17.68
N9 ANP H . -18.82 -30.57 16.76
C8 ANP H . -17.74 -29.75 16.95
N7 ANP H . -16.89 -29.74 15.95
C5 ANP H . -17.44 -30.62 15.04
C6 ANP H . -17.03 -31.06 13.77
N6 ANP H . -15.91 -30.64 13.17
N1 ANP H . -17.82 -31.95 13.12
C2 ANP H . -18.94 -32.36 13.71
N3 ANP H . -19.43 -32.03 14.91
C4 ANP H . -18.64 -31.14 15.53
PG ANP I . -25.00 6.76 22.23
O1G ANP I . -24.94 7.57 20.96
O2G ANP I . -24.26 5.38 22.02
O3G ANP I . -24.30 7.57 23.39
PB ANP I . -27.43 7.94 22.70
O1B ANP I . -26.87 8.88 21.68
O2B ANP I . -27.27 8.59 24.11
N3B ANP I . -26.61 6.49 22.65
PA ANP I . -29.29 7.17 20.94
O1A ANP I . -29.46 8.30 20.01
O2A ANP I . -28.17 6.19 20.56
O3A ANP I . -28.93 7.69 22.39
O5' ANP I . -30.67 6.42 21.07
C5' ANP I . -31.59 6.73 22.14
C4' ANP I . -32.98 6.42 21.65
O4' ANP I . -32.92 5.91 20.30
C3' ANP I . -33.75 5.38 22.46
O3' ANP I . -35.12 5.75 22.61
C2' ANP I . -33.59 4.10 21.63
O2' ANP I . -34.68 3.21 21.80
C1' ANP I . -33.57 4.66 20.21
N9 ANP I . -32.86 3.83 19.27
C8 ANP I . -31.51 3.84 19.00
N7 ANP I . -31.14 2.97 18.09
C5 ANP I . -32.33 2.33 17.74
C6 ANP I . -32.61 1.31 16.82
N6 ANP I . -31.69 0.71 16.06
N1 ANP I . -33.90 0.91 16.71
C2 ANP I . -34.82 1.50 17.47
N3 ANP I . -34.66 2.48 18.37
C4 ANP I . -33.39 2.85 18.45
MG MG J . -24.54 6.31 19.20
PG ANP K . -6.28 29.80 14.23
O1G ANP K . -5.22 28.94 13.63
O2G ANP K . -7.32 28.89 15.00
O3G ANP K . -5.62 30.80 15.26
PB ANP K . -6.25 32.11 12.78
O1B ANP K . -5.74 32.62 14.08
O2B ANP K . -5.06 31.86 11.82
N3B ANP K . -7.07 30.67 13.02
PA ANP K . -8.64 32.67 11.68
O1A ANP K . -8.57 31.93 10.41
O2A ANP K . -9.22 31.87 12.86
O3A ANP K . -7.21 33.16 12.15
O5' ANP K . -9.45 33.99 11.42
C5' ANP K . -10.01 34.74 12.52
C4' ANP K . -11.29 35.39 12.06
O4' ANP K . -11.59 34.95 10.72
C3' ANP K . -12.53 35.01 12.87
O3' ANP K . -12.66 35.84 14.01
C2' ANP K . -13.65 35.25 11.86
O2' ANP K . -14.01 36.61 11.80
C1' ANP K . -12.99 34.82 10.54
N9 ANP K . -13.27 33.43 10.18
C8 ANP K . -12.50 32.33 10.45
N7 ANP K . -13.00 31.21 10.00
C5 ANP K . -14.18 31.60 9.37
C6 ANP K . -15.18 30.88 8.70
N6 ANP K . -15.14 29.55 8.52
N1 ANP K . -16.22 31.56 8.20
C2 ANP K . -16.26 32.89 8.38
N3 ANP K . -15.38 33.68 8.99
C4 ANP K . -14.36 32.96 9.48
MG MG L . -5.48 28.18 11.68
PG ANP M . 22.60 24.10 4.46
O1G ANP M . 21.33 24.72 4.98
O2G ANP M . 23.44 23.59 5.60
O3G ANP M . 22.20 22.93 3.64
PB ANP M . 24.82 24.70 2.91
O1B ANP M . 25.94 25.28 3.71
O2B ANP M . 24.86 23.24 2.60
N3B ANP M . 23.41 25.15 3.55
PA ANP M . 23.76 26.59 1.09
O1A ANP M . 23.10 26.18 -0.18
O2A ANP M . 22.90 26.93 2.25
O3A ANP M . 24.77 25.43 1.49
O5' ANP M . 24.76 27.79 0.80
C5' ANP M . 24.55 29.03 1.52
C4' ANP M . 24.50 30.17 0.55
O4' ANP M . 23.87 29.74 -0.67
C3' ANP M . 23.68 31.38 1.00
O3' ANP M . 24.49 32.26 1.75
C2' ANP M . 23.27 32.01 -0.33
O2' ANP M . 24.24 32.92 -0.79
C1' ANP M . 23.14 30.80 -1.25
N9 ANP M . 21.78 30.39 -1.41
C8 ANP M . 21.14 29.35 -0.78
N7 ANP M . 19.89 29.25 -1.14
C5 ANP M . 19.69 30.27 -2.05
C6 ANP M . 18.58 30.70 -2.79
N6 ANP M . 17.39 30.11 -2.72
N1 ANP M . 18.74 31.76 -3.60
C2 ANP M . 19.94 32.35 -3.66
N3 ANP M . 21.06 32.03 -3.02
C4 ANP M . 20.86 30.98 -2.21
MG MG N . 21.60 21.14 2.71
PG ANP O . 33.14 -5.11 2.17
O1G ANP O . 32.95 -3.74 2.72
O2G ANP O . 31.80 -5.62 1.51
O3G ANP O . 33.54 -6.10 3.34
PB ANP O . 34.71 -6.69 0.60
O1B ANP O . 33.55 -7.55 0.98
O2B ANP O . 35.97 -7.16 1.38
N3B ANP O . 34.37 -5.11 1.01
PA ANP O . 35.30 -5.53 -1.77
O1A ANP O . 35.21 -4.30 -0.94
O2A ANP O . 34.35 -5.53 -2.97
O3A ANP O . 34.95 -6.81 -0.93
O5' ANP O . 36.80 -5.69 -2.24
C5' ANP O . 37.84 -4.82 -1.75
C4' ANP O . 38.70 -4.40 -2.92
O4' ANP O . 37.93 -4.46 -4.14
C3' ANP O . 39.23 -2.99 -2.86
O3' ANP O . 40.43 -2.91 -2.09
C2' ANP O . 39.47 -2.66 -4.34
O2' ANP O . 40.76 -3.13 -4.77
C1' ANP O . 38.36 -3.46 -5.03
N9 ANP O . 37.20 -2.64 -5.39
C8 ANP O . 36.09 -2.39 -4.63
N7 ANP O . 35.20 -1.62 -5.20
C5 ANP O . 35.77 -1.33 -6.42
C6 ANP O . 35.33 -0.55 -7.51
N6 ANP O . 34.17 0.11 -7.53
N1 ANP O . 36.14 -0.47 -8.59
C2 ANP O . 37.31 -1.12 -8.58
N3 ANP O . 37.83 -1.89 -7.62
C4 ANP O . 37.01 -1.95 -6.56
MG MG P . 30.01 -6.11 0.38
PG ANP Q . 15.28 -29.34 10.08
O1G ANP Q . 14.39 -28.16 9.84
O2G ANP Q . 16.65 -28.86 10.70
O3G ANP Q . 14.56 -30.32 11.10
PB ANP Q . 14.43 -31.36 8.42
O1B ANP Q . 14.15 -32.02 9.73
O2B ANP Q . 13.11 -30.74 7.87
N3B ANP Q . 15.56 -30.14 8.62
PA ANP Q . 15.40 -31.93 5.95
O1A ANP Q . 14.24 -31.91 5.03
O2A ANP Q . 16.07 -30.57 6.12
O3A ANP Q . 14.97 -32.41 7.40
O5' ANP Q . 16.42 -33.02 5.43
C5' ANP Q . 16.36 -34.39 5.89
C4' ANP Q . 16.83 -35.28 4.77
O4' ANP Q . 16.70 -34.60 3.51
C3' ANP Q . 18.30 -35.72 4.86
O3' ANP Q . 18.46 -37.04 4.36
C2' ANP Q . 19.00 -34.69 3.98
O2' ANP Q . 20.20 -35.20 3.40
C1' ANP Q . 17.96 -34.45 2.89
N9 ANP Q . 18.02 -33.11 2.29
C8 ANP Q . 17.78 -31.92 2.93
N7 ANP Q . 17.91 -30.88 2.15
C5 ANP Q . 18.27 -31.42 0.92
C6 ANP Q . 18.56 -30.83 -0.33
N6 ANP Q . 18.52 -29.52 -0.56
N1 ANP Q . 18.87 -31.65 -1.35
C2 ANP Q . 18.91 -32.98 -1.13
N3 ANP Q . 18.65 -33.64 0.00
C4 ANP Q . 18.34 -32.80 0.99
#